data_7HO7
# 
_entry.id   7HO7 
# 
_audit_conform.dict_name       mmcif_pdbx.dic 
_audit_conform.dict_version    5.399 
_audit_conform.dict_location   http://mmcif.pdb.org/dictionaries/ascii/mmcif_pdbx.dic 
# 
loop_
_database_2.database_id 
_database_2.database_code 
_database_2.pdbx_database_accession 
_database_2.pdbx_DOI 
PDB   7HO7         pdb_00007ho7 10.2210/pdb7ho7/pdb 
WWPDB D_1001407721 ?            ?                   
# 
_pdbx_audit_revision_history.ordinal             1 
_pdbx_audit_revision_history.data_content_type   'Structure model' 
_pdbx_audit_revision_history.major_revision      1 
_pdbx_audit_revision_history.minor_revision      0 
_pdbx_audit_revision_history.revision_date       2024-11-27 
# 
_pdbx_audit_revision_details.ordinal             1 
_pdbx_audit_revision_details.revision_ordinal    1 
_pdbx_audit_revision_details.data_content_type   'Structure model' 
_pdbx_audit_revision_details.provider            repository 
_pdbx_audit_revision_details.type                'Initial release' 
_pdbx_audit_revision_details.description         ? 
_pdbx_audit_revision_details.details             ? 
# 
_pdbx_database_status.entry_id                        7HO7 
_pdbx_database_status.status_code                     REL 
_pdbx_database_status.status_code_sf                  REL 
_pdbx_database_status.status_code_mr                  ? 
_pdbx_database_status.status_code_cs                  ? 
_pdbx_database_status.recvd_initial_deposition_date   2024-11-04 
_pdbx_database_status.status_code_nmr_data            ? 
_pdbx_database_status.deposit_site                    RCSB 
_pdbx_database_status.process_site                    RCSB 
_pdbx_database_status.SG_entry                        ? 
_pdbx_database_status.pdb_format_compatible           Y 
_pdbx_database_status.methods_development_category    ? 
# 
_pdbx_contact_author.id                 1 
_pdbx_contact_author.email              knapp@pharmchem.uni-frankfurt.de 
_pdbx_contact_author.name_first         Stefan 
_pdbx_contact_author.name_last          Knapp 
_pdbx_contact_author.role               'principal investigator/group leader' 
_pdbx_contact_author.identifier_ORCID   0000-0001-5995-6494 
_pdbx_contact_author.name_mi            ? 
# 
loop_
_audit_author.name 
_audit_author.pdbx_ordinal 
'Kim, Y.'                              1 
'Marples, P.'                          2 
'Fearon, D.'                           3 
'von Delft, F.'                        4 
'Knapp, S.'                            5 
'Kraemer, A.'                          6 
'Structural Genomics Consortium (SGC)' 7 
# 
_citation.id                        primary 
_citation.title                     'PanDDA analysis group deposition' 
_citation.journal_abbrev            'To Be Published' 
_citation.journal_volume            ? 
_citation.page_first                ? 
_citation.page_last                 ? 
_citation.year                      ? 
_citation.journal_id_ASTM           ? 
_citation.country                   ? 
_citation.journal_id_ISSN           ? 
_citation.journal_id_CSD            0353 
_citation.book_publisher            ? 
_citation.pdbx_database_id_PubMed   ? 
_citation.pdbx_database_id_DOI      ? 
# 
loop_
_citation_author.citation_id 
_citation_author.name 
_citation_author.identifier_ORCID 
_citation_author.ordinal 
primary 'Kim, Y.'                              ? 1 
primary 'Marples, P.'                          ? 2 
primary 'Fearon, D.'                           ? 3 
primary 'von Delft, F.'                        ? 4 
primary 'Knapp, S.'                            ? 5 
primary 'Kraemer, A.'                          ? 6 
primary 'Structural Genomics Consortium (SGC)' ? 7 
# 
loop_
_entity.id 
_entity.type 
_entity.src_method 
_entity.pdbx_description 
_entity.formula_weight 
_entity.pdbx_number_of_molecules 
_entity.pdbx_ec 
_entity.pdbx_mutation 
_entity.pdbx_fragment 
_entity.details 
1 polymer     man 'E3 ubiquitin-protein ligase TRIM21'       21596.361 1   2.3.2.27 ? ? ? 
2 non-polymer syn 1,2-ETHANEDIOL                             62.068    2   ?        ? ? ? 
3 non-polymer syn 'N-(4-methyl-1,3-thiazol-2-yl)propanamide' 170.232   1   ?        ? ? ? 
4 non-polymer syn 'SULFATE ION'                              96.063    1   ?        ? ? ? 
5 water       nat water                                      18.015    140 ?        ? ? ? 
# 
_entity_name_com.entity_id   1 
_entity_name_com.name        
;52 kDa Ro protein,52 kDa ribonucleoprotein autoantigen Ro/SS-A,Ro(SS-A),Sjoegren syndrome type A antigen,SS-A,Tripartite motif-containing protein 21
;
# 
_entity_poly.entity_id                      1 
_entity_poly.type                           'polypeptide(L)' 
_entity_poly.nstd_linkage                   no 
_entity_poly.nstd_monomer                   no 
_entity_poly.pdbx_seq_one_letter_code       
;MHHHHHHMVHITLDRNTANSWLIISKDRRQVRMGDTHQNVSDNKERFSNYPMVLGAQRFSSGKMYWEVDVTQKEAWDLGV
CRDSVQRKGQFSLSPENGFWTIWLWQDSYEAGTSPQTTLHIQVPPCQIGIFVDYEAGVVSFYNITDHGSLIYTFSECVFA
GPLRPFFNVGFNYSGGNAAPLKLCPLKM
;
_entity_poly.pdbx_seq_one_letter_code_can   
;MHHHHHHMVHITLDRNTANSWLIISKDRRQVRMGDTHQNVSDNKERFSNYPMVLGAQRFSSGKMYWEVDVTQKEAWDLGV
CRDSVQRKGQFSLSPENGFWTIWLWQDSYEAGTSPQTTLHIQVPPCQIGIFVDYEAGVVSFYNITDHGSLIYTFSECVFA
GPLRPFFNVGFNYSGGNAAPLKLCPLKM
;
_entity_poly.pdbx_strand_id                 B 
_entity_poly.pdbx_target_identifier         ? 
# 
loop_
_pdbx_entity_nonpoly.entity_id 
_pdbx_entity_nonpoly.name 
_pdbx_entity_nonpoly.comp_id 
2 1,2-ETHANEDIOL                             EDO 
3 'N-(4-methyl-1,3-thiazol-2-yl)propanamide' JFP 
4 'SULFATE ION'                              SO4 
5 water                                      HOH 
# 
loop_
_entity_poly_seq.entity_id 
_entity_poly_seq.num 
_entity_poly_seq.mon_id 
_entity_poly_seq.hetero 
1 1   MET n 
1 2   HIS n 
1 3   HIS n 
1 4   HIS n 
1 5   HIS n 
1 6   HIS n 
1 7   HIS n 
1 8   MET n 
1 9   VAL n 
1 10  HIS n 
1 11  ILE n 
1 12  THR n 
1 13  LEU n 
1 14  ASP n 
1 15  ARG n 
1 16  ASN n 
1 17  THR n 
1 18  ALA n 
1 19  ASN n 
1 20  SER n 
1 21  TRP n 
1 22  LEU n 
1 23  ILE n 
1 24  ILE n 
1 25  SER n 
1 26  LYS n 
1 27  ASP n 
1 28  ARG n 
1 29  ARG n 
1 30  GLN n 
1 31  VAL n 
1 32  ARG n 
1 33  MET n 
1 34  GLY n 
1 35  ASP n 
1 36  THR n 
1 37  HIS n 
1 38  GLN n 
1 39  ASN n 
1 40  VAL n 
1 41  SER n 
1 42  ASP n 
1 43  ASN n 
1 44  LYS n 
1 45  GLU n 
1 46  ARG n 
1 47  PHE n 
1 48  SER n 
1 49  ASN n 
1 50  TYR n 
1 51  PRO n 
1 52  MET n 
1 53  VAL n 
1 54  LEU n 
1 55  GLY n 
1 56  ALA n 
1 57  GLN n 
1 58  ARG n 
1 59  PHE n 
1 60  SER n 
1 61  SER n 
1 62  GLY n 
1 63  LYS n 
1 64  MET n 
1 65  TYR n 
1 66  TRP n 
1 67  GLU n 
1 68  VAL n 
1 69  ASP n 
1 70  VAL n 
1 71  THR n 
1 72  GLN n 
1 73  LYS n 
1 74  GLU n 
1 75  ALA n 
1 76  TRP n 
1 77  ASP n 
1 78  LEU n 
1 79  GLY n 
1 80  VAL n 
1 81  CYS n 
1 82  ARG n 
1 83  ASP n 
1 84  SER n 
1 85  VAL n 
1 86  GLN n 
1 87  ARG n 
1 88  LYS n 
1 89  GLY n 
1 90  GLN n 
1 91  PHE n 
1 92  SER n 
1 93  LEU n 
1 94  SER n 
1 95  PRO n 
1 96  GLU n 
1 97  ASN n 
1 98  GLY n 
1 99  PHE n 
1 100 TRP n 
1 101 THR n 
1 102 ILE n 
1 103 TRP n 
1 104 LEU n 
1 105 TRP n 
1 106 GLN n 
1 107 ASP n 
1 108 SER n 
1 109 TYR n 
1 110 GLU n 
1 111 ALA n 
1 112 GLY n 
1 113 THR n 
1 114 SER n 
1 115 PRO n 
1 116 GLN n 
1 117 THR n 
1 118 THR n 
1 119 LEU n 
1 120 HIS n 
1 121 ILE n 
1 122 GLN n 
1 123 VAL n 
1 124 PRO n 
1 125 PRO n 
1 126 CYS n 
1 127 GLN n 
1 128 ILE n 
1 129 GLY n 
1 130 ILE n 
1 131 PHE n 
1 132 VAL n 
1 133 ASP n 
1 134 TYR n 
1 135 GLU n 
1 136 ALA n 
1 137 GLY n 
1 138 VAL n 
1 139 VAL n 
1 140 SER n 
1 141 PHE n 
1 142 TYR n 
1 143 ASN n 
1 144 ILE n 
1 145 THR n 
1 146 ASP n 
1 147 HIS n 
1 148 GLY n 
1 149 SER n 
1 150 LEU n 
1 151 ILE n 
1 152 TYR n 
1 153 THR n 
1 154 PHE n 
1 155 SER n 
1 156 GLU n 
1 157 CYS n 
1 158 VAL n 
1 159 PHE n 
1 160 ALA n 
1 161 GLY n 
1 162 PRO n 
1 163 LEU n 
1 164 ARG n 
1 165 PRO n 
1 166 PHE n 
1 167 PHE n 
1 168 ASN n 
1 169 VAL n 
1 170 GLY n 
1 171 PHE n 
1 172 ASN n 
1 173 TYR n 
1 174 SER n 
1 175 GLY n 
1 176 GLY n 
1 177 ASN n 
1 178 ALA n 
1 179 ALA n 
1 180 PRO n 
1 181 LEU n 
1 182 LYS n 
1 183 LEU n 
1 184 CYS n 
1 185 PRO n 
1 186 LEU n 
1 187 LYS n 
1 188 MET n 
# 
_entity_src_gen.entity_id                          1 
_entity_src_gen.pdbx_src_id                        1 
_entity_src_gen.pdbx_alt_source_flag               sample 
_entity_src_gen.pdbx_seq_type                      'Biological sequence' 
_entity_src_gen.pdbx_beg_seq_num                   1 
_entity_src_gen.pdbx_end_seq_num                   188 
_entity_src_gen.gene_src_common_name               'house mouse' 
_entity_src_gen.gene_src_genus                     ? 
_entity_src_gen.pdbx_gene_src_gene                 'Trim21, Ro52, Ssa1' 
_entity_src_gen.gene_src_species                   ? 
_entity_src_gen.gene_src_strain                    ? 
_entity_src_gen.gene_src_tissue                    ? 
_entity_src_gen.gene_src_tissue_fraction           ? 
_entity_src_gen.gene_src_details                   ? 
_entity_src_gen.pdbx_gene_src_fragment             ? 
_entity_src_gen.pdbx_gene_src_scientific_name      'Mus musculus' 
_entity_src_gen.pdbx_gene_src_ncbi_taxonomy_id     10090 
_entity_src_gen.pdbx_gene_src_variant              ? 
_entity_src_gen.pdbx_gene_src_cell_line            ? 
_entity_src_gen.pdbx_gene_src_atcc                 ? 
_entity_src_gen.pdbx_gene_src_organ                ? 
_entity_src_gen.pdbx_gene_src_organelle            ? 
_entity_src_gen.pdbx_gene_src_cell                 ? 
_entity_src_gen.pdbx_gene_src_cellular_location    ? 
_entity_src_gen.host_org_common_name               ? 
_entity_src_gen.pdbx_host_org_scientific_name      'Escherichia coli' 
_entity_src_gen.pdbx_host_org_ncbi_taxonomy_id     562 
_entity_src_gen.host_org_genus                     ? 
_entity_src_gen.pdbx_host_org_gene                 ? 
_entity_src_gen.pdbx_host_org_organ                ? 
_entity_src_gen.host_org_species                   ? 
_entity_src_gen.pdbx_host_org_tissue               ? 
_entity_src_gen.pdbx_host_org_tissue_fraction      ? 
_entity_src_gen.pdbx_host_org_strain               ? 
_entity_src_gen.pdbx_host_org_variant              ? 
_entity_src_gen.pdbx_host_org_cell_line            ? 
_entity_src_gen.pdbx_host_org_atcc                 ? 
_entity_src_gen.pdbx_host_org_culture_collection   ? 
_entity_src_gen.pdbx_host_org_cell                 ? 
_entity_src_gen.pdbx_host_org_organelle            ? 
_entity_src_gen.pdbx_host_org_cellular_location    ? 
_entity_src_gen.pdbx_host_org_vector_type          ? 
_entity_src_gen.pdbx_host_org_vector               ? 
_entity_src_gen.host_org_details                   ? 
_entity_src_gen.expression_system_id               ? 
_entity_src_gen.plasmid_name                       ? 
_entity_src_gen.plasmid_details                    ? 
_entity_src_gen.pdbx_description                   ? 
# 
loop_
_chem_comp.id 
_chem_comp.type 
_chem_comp.mon_nstd_flag 
_chem_comp.name 
_chem_comp.pdbx_synonyms 
_chem_comp.formula 
_chem_comp.formula_weight 
ALA 'L-peptide linking' y ALANINE                                    ?                 'C3 H7 N O2'     89.093  
ARG 'L-peptide linking' y ARGININE                                   ?                 'C6 H15 N4 O2 1' 175.209 
ASN 'L-peptide linking' y ASPARAGINE                                 ?                 'C4 H8 N2 O3'    132.118 
ASP 'L-peptide linking' y 'ASPARTIC ACID'                            ?                 'C4 H7 N O4'     133.103 
CYS 'L-peptide linking' y CYSTEINE                                   ?                 'C3 H7 N O2 S'   121.158 
EDO non-polymer         . 1,2-ETHANEDIOL                             'ETHYLENE GLYCOL' 'C2 H6 O2'       62.068  
GLN 'L-peptide linking' y GLUTAMINE                                  ?                 'C5 H10 N2 O3'   146.144 
GLU 'L-peptide linking' y 'GLUTAMIC ACID'                            ?                 'C5 H9 N O4'     147.129 
GLY 'peptide linking'   y GLYCINE                                    ?                 'C2 H5 N O2'     75.067  
HIS 'L-peptide linking' y HISTIDINE                                  ?                 'C6 H10 N3 O2 1' 156.162 
HOH non-polymer         . WATER                                      ?                 'H2 O'           18.015  
ILE 'L-peptide linking' y ISOLEUCINE                                 ?                 'C6 H13 N O2'    131.173 
JFP non-polymer         . 'N-(4-methyl-1,3-thiazol-2-yl)propanamide' ?                 'C7 H10 N2 O S'  170.232 
LEU 'L-peptide linking' y LEUCINE                                    ?                 'C6 H13 N O2'    131.173 
LYS 'L-peptide linking' y LYSINE                                     ?                 'C6 H15 N2 O2 1' 147.195 
MET 'L-peptide linking' y METHIONINE                                 ?                 'C5 H11 N O2 S'  149.211 
PHE 'L-peptide linking' y PHENYLALANINE                              ?                 'C9 H11 N O2'    165.189 
PRO 'L-peptide linking' y PROLINE                                    ?                 'C5 H9 N O2'     115.130 
SER 'L-peptide linking' y SERINE                                     ?                 'C3 H7 N O3'     105.093 
SO4 non-polymer         . 'SULFATE ION'                              ?                 'O4 S -2'        96.063  
THR 'L-peptide linking' y THREONINE                                  ?                 'C4 H9 N O3'     119.119 
TRP 'L-peptide linking' y TRYPTOPHAN                                 ?                 'C11 H12 N2 O2'  204.225 
TYR 'L-peptide linking' y TYROSINE                                   ?                 'C9 H11 N O3'    181.189 
VAL 'L-peptide linking' y VALINE                                     ?                 'C5 H11 N O2'    117.146 
# 
loop_
_pdbx_poly_seq_scheme.asym_id 
_pdbx_poly_seq_scheme.entity_id 
_pdbx_poly_seq_scheme.seq_id 
_pdbx_poly_seq_scheme.mon_id 
_pdbx_poly_seq_scheme.ndb_seq_num 
_pdbx_poly_seq_scheme.pdb_seq_num 
_pdbx_poly_seq_scheme.auth_seq_num 
_pdbx_poly_seq_scheme.pdb_mon_id 
_pdbx_poly_seq_scheme.auth_mon_id 
_pdbx_poly_seq_scheme.pdb_strand_id 
_pdbx_poly_seq_scheme.pdb_ins_code 
_pdbx_poly_seq_scheme.hetero 
A 1 1   MET 1   7   ?   ?   ?   B . n 
A 1 2   HIS 2   8   8   HIS HIS B . n 
A 1 3   HIS 3   9   9   HIS HIS B . n 
A 1 4   HIS 4   10  10  HIS HIS B . n 
A 1 5   HIS 5   11  11  HIS HIS B . n 
A 1 6   HIS 6   12  12  HIS HIS B . n 
A 1 7   HIS 7   13  13  HIS HIS B . n 
A 1 8   MET 8   14  14  MET MET B . n 
A 1 9   VAL 9   15  15  VAL VAL B . n 
A 1 10  HIS 10  16  16  HIS HIS B . n 
A 1 11  ILE 11  17  17  ILE ILE B . n 
A 1 12  THR 12  18  18  THR THR B . n 
A 1 13  LEU 13  19  19  LEU LEU B . n 
A 1 14  ASP 14  20  20  ASP ASP B . n 
A 1 15  ARG 15  21  21  ARG ARG B . n 
A 1 16  ASN 16  22  22  ASN ASN B . n 
A 1 17  THR 17  23  23  THR THR B . n 
A 1 18  ALA 18  24  24  ALA ALA B . n 
A 1 19  ASN 19  25  25  ASN ASN B . n 
A 1 20  SER 20  26  26  SER SER B . n 
A 1 21  TRP 21  27  27  TRP TRP B . n 
A 1 22  LEU 22  28  28  LEU LEU B . n 
A 1 23  ILE 23  29  29  ILE ILE B . n 
A 1 24  ILE 24  30  30  ILE ILE B . n 
A 1 25  SER 25  31  31  SER SER B . n 
A 1 26  LYS 26  32  32  LYS LYS B . n 
A 1 27  ASP 27  33  33  ASP ASP B . n 
A 1 28  ARG 28  34  34  ARG ARG B . n 
A 1 29  ARG 29  35  35  ARG ARG B . n 
A 1 30  GLN 30  36  36  GLN GLN B . n 
A 1 31  VAL 31  37  37  VAL VAL B . n 
A 1 32  ARG 32  38  38  ARG ARG B . n 
A 1 33  MET 33  39  39  MET MET B . n 
A 1 34  GLY 34  40  40  GLY GLY B . n 
A 1 35  ASP 35  41  41  ASP ASP B . n 
A 1 36  THR 36  42  42  THR THR B . n 
A 1 37  HIS 37  43  43  HIS HIS B . n 
A 1 38  GLN 38  44  44  GLN GLN B . n 
A 1 39  ASN 39  45  45  ASN ASN B . n 
A 1 40  VAL 40  46  46  VAL VAL B . n 
A 1 41  SER 41  47  47  SER SER B . n 
A 1 42  ASP 42  48  48  ASP ASP B . n 
A 1 43  ASN 43  49  49  ASN ASN B . n 
A 1 44  LYS 44  50  50  LYS LYS B . n 
A 1 45  GLU 45  51  51  GLU GLU B . n 
A 1 46  ARG 46  52  52  ARG ARG B . n 
A 1 47  PHE 47  53  53  PHE PHE B . n 
A 1 48  SER 48  54  54  SER SER B . n 
A 1 49  ASN 49  55  55  ASN ASN B . n 
A 1 50  TYR 50  56  56  TYR TYR B . n 
A 1 51  PRO 51  57  57  PRO PRO B . n 
A 1 52  MET 52  58  58  MET MET B . n 
A 1 53  VAL 53  59  59  VAL VAL B . n 
A 1 54  LEU 54  60  60  LEU LEU B . n 
A 1 55  GLY 55  61  61  GLY GLY B . n 
A 1 56  ALA 56  62  62  ALA ALA B . n 
A 1 57  GLN 57  63  63  GLN GLN B . n 
A 1 58  ARG 58  64  64  ARG ARG B . n 
A 1 59  PHE 59  65  65  PHE PHE B . n 
A 1 60  SER 60  66  66  SER SER B . n 
A 1 61  SER 61  67  67  SER SER B . n 
A 1 62  GLY 62  68  68  GLY GLY B . n 
A 1 63  LYS 63  69  69  LYS LYS B . n 
A 1 64  MET 64  70  70  MET MET B . n 
A 1 65  TYR 65  71  71  TYR TYR B . n 
A 1 66  TRP 66  72  72  TRP TRP B . n 
A 1 67  GLU 67  73  73  GLU GLU B . n 
A 1 68  VAL 68  74  74  VAL VAL B . n 
A 1 69  ASP 69  75  75  ASP ASP B . n 
A 1 70  VAL 70  76  76  VAL VAL B . n 
A 1 71  THR 71  77  77  THR THR B . n 
A 1 72  GLN 72  78  78  GLN GLN B . n 
A 1 73  LYS 73  79  79  LYS LYS B . n 
A 1 74  GLU 74  80  80  GLU GLU B . n 
A 1 75  ALA 75  81  81  ALA ALA B . n 
A 1 76  TRP 76  82  82  TRP TRP B . n 
A 1 77  ASP 77  83  83  ASP ASP B . n 
A 1 78  LEU 78  84  84  LEU LEU B . n 
A 1 79  GLY 79  85  85  GLY GLY B . n 
A 1 80  VAL 80  86  86  VAL VAL B . n 
A 1 81  CYS 81  87  87  CYS CYS B . n 
A 1 82  ARG 82  88  88  ARG ARG B . n 
A 1 83  ASP 83  89  89  ASP ASP B . n 
A 1 84  SER 84  90  90  SER SER B . n 
A 1 85  VAL 85  91  91  VAL VAL B . n 
A 1 86  GLN 86  92  92  GLN GLN B . n 
A 1 87  ARG 87  93  93  ARG ARG B . n 
A 1 88  LYS 88  94  94  LYS LYS B . n 
A 1 89  GLY 89  95  95  GLY GLY B . n 
A 1 90  GLN 90  96  96  GLN GLN B . n 
A 1 91  PHE 91  97  97  PHE PHE B . n 
A 1 92  SER 92  98  98  SER SER B . n 
A 1 93  LEU 93  99  99  LEU LEU B . n 
A 1 94  SER 94  100 100 SER SER B . n 
A 1 95  PRO 95  101 101 PRO PRO B . n 
A 1 96  GLU 96  102 102 GLU GLU B . n 
A 1 97  ASN 97  103 103 ASN ASN B . n 
A 1 98  GLY 98  104 104 GLY GLY B . n 
A 1 99  PHE 99  105 105 PHE PHE B . n 
A 1 100 TRP 100 106 106 TRP TRP B . n 
A 1 101 THR 101 107 107 THR THR B . n 
A 1 102 ILE 102 108 108 ILE ILE B . n 
A 1 103 TRP 103 109 109 TRP TRP B . n 
A 1 104 LEU 104 110 110 LEU LEU B . n 
A 1 105 TRP 105 111 111 TRP TRP B . n 
A 1 106 GLN 106 112 112 GLN GLN B . n 
A 1 107 ASP 107 113 113 ASP ASP B . n 
A 1 108 SER 108 114 114 SER SER B . n 
A 1 109 TYR 109 115 115 TYR TYR B . n 
A 1 110 GLU 110 116 116 GLU GLU B . n 
A 1 111 ALA 111 117 117 ALA ALA B . n 
A 1 112 GLY 112 118 118 GLY GLY B . n 
A 1 113 THR 113 119 119 THR THR B . n 
A 1 114 SER 114 120 120 SER SER B . n 
A 1 115 PRO 115 121 121 PRO PRO B . n 
A 1 116 GLN 116 122 122 GLN GLN B . n 
A 1 117 THR 117 123 123 THR THR B . n 
A 1 118 THR 118 124 124 THR THR B . n 
A 1 119 LEU 119 125 125 LEU LEU B . n 
A 1 120 HIS 120 126 126 HIS HIS B . n 
A 1 121 ILE 121 127 127 ILE ILE B . n 
A 1 122 GLN 122 128 128 GLN GLN B . n 
A 1 123 VAL 123 129 129 VAL VAL B . n 
A 1 124 PRO 124 130 130 PRO PRO B . n 
A 1 125 PRO 125 131 131 PRO PRO B . n 
A 1 126 CYS 126 132 132 CYS CYS B . n 
A 1 127 GLN 127 133 133 GLN GLN B . n 
A 1 128 ILE 128 134 134 ILE ILE B . n 
A 1 129 GLY 129 135 135 GLY GLY B . n 
A 1 130 ILE 130 136 136 ILE ILE B . n 
A 1 131 PHE 131 137 137 PHE PHE B . n 
A 1 132 VAL 132 138 138 VAL VAL B . n 
A 1 133 ASP 133 139 139 ASP ASP B . n 
A 1 134 TYR 134 140 140 TYR TYR B . n 
A 1 135 GLU 135 141 141 GLU GLU B . n 
A 1 136 ALA 136 142 142 ALA ALA B . n 
A 1 137 GLY 137 143 143 GLY GLY B . n 
A 1 138 VAL 138 144 144 VAL VAL B . n 
A 1 139 VAL 139 145 145 VAL VAL B . n 
A 1 140 SER 140 146 146 SER SER B . n 
A 1 141 PHE 141 147 147 PHE PHE B . n 
A 1 142 TYR 142 148 148 TYR TYR B . n 
A 1 143 ASN 143 149 149 ASN ASN B . n 
A 1 144 ILE 144 150 150 ILE ILE B . n 
A 1 145 THR 145 151 151 THR THR B . n 
A 1 146 ASP 146 152 152 ASP ASP B . n 
A 1 147 HIS 147 153 153 HIS HIS B . n 
A 1 148 GLY 148 154 154 GLY GLY B . n 
A 1 149 SER 149 155 155 SER SER B . n 
A 1 150 LEU 150 156 156 LEU LEU B . n 
A 1 151 ILE 151 157 157 ILE ILE B . n 
A 1 152 TYR 152 158 158 TYR TYR B . n 
A 1 153 THR 153 159 159 THR THR B . n 
A 1 154 PHE 154 160 160 PHE PHE B . n 
A 1 155 SER 155 161 161 SER SER B . n 
A 1 156 GLU 156 162 162 GLU GLU B . n 
A 1 157 CYS 157 163 163 CYS CYS B . n 
A 1 158 VAL 158 164 164 VAL VAL B . n 
A 1 159 PHE 159 165 165 PHE PHE B . n 
A 1 160 ALA 160 166 166 ALA ALA B . n 
A 1 161 GLY 161 167 167 GLY GLY B . n 
A 1 162 PRO 162 168 168 PRO PRO B . n 
A 1 163 LEU 163 169 169 LEU LEU B . n 
A 1 164 ARG 164 170 170 ARG ARG B . n 
A 1 165 PRO 165 171 171 PRO PRO B . n 
A 1 166 PHE 166 172 172 PHE PHE B . n 
A 1 167 PHE 167 173 173 PHE PHE B . n 
A 1 168 ASN 168 174 174 ASN ASN B . n 
A 1 169 VAL 169 175 175 VAL VAL B . n 
A 1 170 GLY 170 176 176 GLY GLY B . n 
A 1 171 PHE 171 177 177 PHE PHE B . n 
A 1 172 ASN 172 178 178 ASN ASN B . n 
A 1 173 TYR 173 179 179 TYR TYR B . n 
A 1 174 SER 174 180 180 SER SER B . n 
A 1 175 GLY 175 181 181 GLY GLY B . n 
A 1 176 GLY 176 182 182 GLY GLY B . n 
A 1 177 ASN 177 183 183 ASN ASN B . n 
A 1 178 ALA 178 184 184 ALA ALA B . n 
A 1 179 ALA 179 185 185 ALA ALA B . n 
A 1 180 PRO 180 186 186 PRO PRO B . n 
A 1 181 LEU 181 187 187 LEU LEU B . n 
A 1 182 LYS 182 188 188 LYS LYS B . n 
A 1 183 LEU 183 189 189 LEU LEU B . n 
A 1 184 CYS 184 190 190 CYS CYS B . n 
A 1 185 PRO 185 191 191 PRO PRO B . n 
A 1 186 LEU 186 192 192 LEU LEU B . n 
A 1 187 LYS 187 193 ?   ?   ?   B . n 
A 1 188 MET 188 194 ?   ?   ?   B . n 
# 
_pdbx_entity_instance_feature.ordinal        1 
_pdbx_entity_instance_feature.comp_id        JFP 
_pdbx_entity_instance_feature.asym_id        ? 
_pdbx_entity_instance_feature.seq_num        ? 
_pdbx_entity_instance_feature.auth_comp_id   JFP 
_pdbx_entity_instance_feature.auth_asym_id   ? 
_pdbx_entity_instance_feature.auth_seq_num   ? 
_pdbx_entity_instance_feature.feature_type   'SUBJECT OF INVESTIGATION' 
_pdbx_entity_instance_feature.details        ? 
# 
loop_
_pdbx_nonpoly_scheme.asym_id 
_pdbx_nonpoly_scheme.entity_id 
_pdbx_nonpoly_scheme.mon_id 
_pdbx_nonpoly_scheme.ndb_seq_num 
_pdbx_nonpoly_scheme.pdb_seq_num 
_pdbx_nonpoly_scheme.auth_seq_num 
_pdbx_nonpoly_scheme.pdb_mon_id 
_pdbx_nonpoly_scheme.auth_mon_id 
_pdbx_nonpoly_scheme.pdb_strand_id 
_pdbx_nonpoly_scheme.pdb_ins_code 
B 2 EDO 1   201 202 EDO EDO B . 
C 3 JFP 1   202 302 JFP LIG B . 
D 2 EDO 1   203 305 EDO EDO B . 
E 4 SO4 1   204 1   SO4 SO4 B . 
F 5 HOH 1   301 11  HOH HOH B . 
F 5 HOH 2   302 33  HOH HOH B . 
F 5 HOH 3   303 2   HOH HOH B . 
F 5 HOH 4   304 21  HOH HOH B . 
F 5 HOH 5   305 40  HOH HOH B . 
F 5 HOH 6   306 4   HOH HOH B . 
F 5 HOH 7   307 99  HOH HOH B . 
F 5 HOH 8   308 12  HOH HOH B . 
F 5 HOH 9   309 1   HOH HOH B . 
F 5 HOH 10  310 26  HOH HOH B . 
F 5 HOH 11  311 63  HOH HOH B . 
F 5 HOH 12  312 16  HOH HOH B . 
F 5 HOH 13  313 27  HOH HOH B . 
F 5 HOH 14  314 9   HOH HOH B . 
F 5 HOH 15  315 5   HOH HOH B . 
F 5 HOH 16  316 51  HOH HOH B . 
F 5 HOH 17  317 29  HOH HOH B . 
F 5 HOH 18  318 25  HOH HOH B . 
F 5 HOH 19  319 90  HOH HOH B . 
F 5 HOH 20  320 10  HOH HOH B . 
F 5 HOH 21  321 116 HOH HOH B . 
F 5 HOH 22  322 184 HOH HOH B . 
F 5 HOH 23  323 31  HOH HOH B . 
F 5 HOH 24  324 34  HOH HOH B . 
F 5 HOH 25  325 107 HOH HOH B . 
F 5 HOH 26  326 102 HOH HOH B . 
F 5 HOH 27  327 129 HOH HOH B . 
F 5 HOH 28  328 16  HOH HOH B . 
F 5 HOH 29  329 100 HOH HOH B . 
F 5 HOH 30  330 70  HOH HOH B . 
F 5 HOH 31  331 19  HOH HOH B . 
F 5 HOH 32  332 11  HOH HOH B . 
F 5 HOH 33  333 62  HOH HOH B . 
F 5 HOH 34  334 39  HOH HOH B . 
F 5 HOH 35  335 211 HOH HOH B . 
F 5 HOH 36  336 68  HOH HOH B . 
F 5 HOH 37  337 18  HOH HOH B . 
F 5 HOH 38  338 66  HOH HOH B . 
F 5 HOH 39  339 7   HOH HOH B . 
F 5 HOH 40  340 2   HOH HOH B . 
F 5 HOH 41  341 80  HOH HOH B . 
F 5 HOH 42  342 20  HOH HOH B . 
F 5 HOH 43  343 126 HOH HOH B . 
F 5 HOH 44  344 29  HOH HOH B . 
F 5 HOH 45  345 58  HOH HOH B . 
F 5 HOH 46  346 72  HOH HOH B . 
F 5 HOH 47  347 27  HOH HOH B . 
F 5 HOH 48  348 22  HOH HOH B . 
F 5 HOH 49  349 112 HOH HOH B . 
F 5 HOH 50  350 36  HOH HOH B . 
F 5 HOH 51  351 85  HOH HOH B . 
F 5 HOH 52  352 86  HOH HOH B . 
F 5 HOH 53  353 55  HOH HOH B . 
F 5 HOH 54  354 89  HOH HOH B . 
F 5 HOH 55  355 26  HOH HOH B . 
F 5 HOH 56  356 93  HOH HOH B . 
F 5 HOH 57  357 267 HOH HOH B . 
F 5 HOH 58  358 81  HOH HOH B . 
F 5 HOH 59  359 281 HOH HOH B . 
F 5 HOH 60  360 50  HOH HOH B . 
F 5 HOH 61  361 157 HOH HOH B . 
F 5 HOH 62  362 15  HOH HOH B . 
F 5 HOH 63  363 47  HOH HOH B . 
F 5 HOH 64  364 137 HOH HOH B . 
F 5 HOH 65  365 6   HOH HOH B . 
F 5 HOH 66  366 10  HOH HOH B . 
F 5 HOH 67  367 61  HOH HOH B . 
F 5 HOH 68  368 64  HOH HOH B . 
F 5 HOH 69  369 76  HOH HOH B . 
F 5 HOH 70  370 28  HOH HOH B . 
F 5 HOH 71  371 1   HOH HOH B . 
F 5 HOH 72  372 3   HOH HOH B . 
F 5 HOH 73  373 4   HOH HOH B . 
F 5 HOH 74  374 264 HOH HOH B . 
F 5 HOH 75  375 43  HOH HOH B . 
F 5 HOH 76  376 59  HOH HOH B . 
F 5 HOH 77  377 13  HOH HOH B . 
F 5 HOH 78  378 32  HOH HOH B . 
F 5 HOH 79  379 304 HOH HOH B . 
F 5 HOH 80  380 156 HOH HOH B . 
F 5 HOH 81  381 71  HOH HOH B . 
F 5 HOH 82  382 14  HOH HOH B . 
F 5 HOH 83  383 32  HOH HOH B . 
F 5 HOH 84  384 8   HOH HOH B . 
F 5 HOH 85  385 3   HOH HOH B . 
F 5 HOH 86  386 172 HOH HOH B . 
F 5 HOH 87  387 33  HOH HOH B . 
F 5 HOH 88  388 25  HOH HOH B . 
F 5 HOH 89  389 97  HOH HOH B . 
F 5 HOH 90  390 214 HOH HOH B . 
F 5 HOH 91  391 24  HOH HOH B . 
F 5 HOH 92  392 17  HOH HOH B . 
F 5 HOH 93  393 23  HOH HOH B . 
F 5 HOH 94  394 125 HOH HOH B . 
F 5 HOH 95  395 48  HOH HOH B . 
F 5 HOH 96  396 303 HOH HOH B . 
F 5 HOH 97  397 46  HOH HOH B . 
F 5 HOH 98  398 20  HOH HOH B . 
F 5 HOH 99  399 45  HOH HOH B . 
F 5 HOH 100 400 30  HOH HOH B . 
F 5 HOH 101 401 60  HOH HOH B . 
F 5 HOH 102 402 49  HOH HOH B . 
F 5 HOH 103 403 42  HOH HOH B . 
F 5 HOH 104 404 154 HOH HOH B . 
F 5 HOH 105 405 8   HOH HOH B . 
F 5 HOH 106 406 56  HOH HOH B . 
F 5 HOH 107 407 18  HOH HOH B . 
F 5 HOH 108 408 54  HOH HOH B . 
F 5 HOH 109 409 7   HOH HOH B . 
F 5 HOH 110 410 15  HOH HOH B . 
F 5 HOH 111 411 57  HOH HOH B . 
F 5 HOH 112 412 263 HOH HOH B . 
F 5 HOH 113 413 120 HOH HOH B . 
F 5 HOH 114 414 103 HOH HOH B . 
F 5 HOH 115 415 38  HOH HOH B . 
F 5 HOH 116 416 257 HOH HOH B . 
F 5 HOH 117 417 41  HOH HOH B . 
F 5 HOH 118 418 22  HOH HOH B . 
F 5 HOH 119 419 53  HOH HOH B . 
F 5 HOH 120 420 140 HOH HOH B . 
F 5 HOH 121 421 69  HOH HOH B . 
F 5 HOH 122 422 5   HOH HOH B . 
F 5 HOH 123 423 82  HOH HOH B . 
F 5 HOH 124 424 44  HOH HOH B . 
F 5 HOH 125 425 19  HOH HOH B . 
F 5 HOH 126 426 197 HOH HOH B . 
F 5 HOH 127 427 30  HOH HOH B . 
F 5 HOH 128 428 266 HOH HOH B . 
F 5 HOH 129 429 114 HOH HOH B . 
F 5 HOH 130 430 133 HOH HOH B . 
F 5 HOH 131 431 115 HOH HOH B . 
F 5 HOH 132 432 23  HOH HOH B . 
F 5 HOH 133 433 21  HOH HOH B . 
F 5 HOH 134 434 98  HOH HOH B . 
F 5 HOH 135 435 104 HOH HOH B . 
F 5 HOH 136 436 127 HOH HOH B . 
F 5 HOH 137 437 205 HOH HOH B . 
F 5 HOH 138 438 14  HOH HOH B . 
F 5 HOH 139 439 131 HOH HOH B . 
F 5 HOH 140 440 259 HOH HOH B . 
# 
loop_
_pdbx_unobs_or_zero_occ_atoms.id 
_pdbx_unobs_or_zero_occ_atoms.PDB_model_num 
_pdbx_unobs_or_zero_occ_atoms.polymer_flag 
_pdbx_unobs_or_zero_occ_atoms.occupancy_flag 
_pdbx_unobs_or_zero_occ_atoms.auth_asym_id 
_pdbx_unobs_or_zero_occ_atoms.auth_comp_id 
_pdbx_unobs_or_zero_occ_atoms.auth_seq_id 
_pdbx_unobs_or_zero_occ_atoms.PDB_ins_code 
_pdbx_unobs_or_zero_occ_atoms.auth_atom_id 
_pdbx_unobs_or_zero_occ_atoms.label_alt_id 
_pdbx_unobs_or_zero_occ_atoms.label_asym_id 
_pdbx_unobs_or_zero_occ_atoms.label_comp_id 
_pdbx_unobs_or_zero_occ_atoms.label_seq_id 
_pdbx_unobs_or_zero_occ_atoms.label_atom_id 
1 1 Y 1 B LEU 192 ? CG  ? A LEU 186 CG  
2 1 Y 1 B LEU 192 ? CD1 ? A LEU 186 CD1 
3 1 Y 1 B LEU 192 ? CD2 ? A LEU 186 CD2 
# 
loop_
_software.pdbx_ordinal 
_software.name 
_software.version 
_software.date 
_software.type 
_software.contact_author 
_software.contact_author_email 
_software.classification 
_software.location 
_software.language 
_software.citation_id 
1 REFMAC      5.8.0267 ?               program 'Garib N. Murshudov' garib@ysbl.york.ac.uk    refinement        
http://www.ccp4.ac.uk/dist/html/refmac5.html        Fortran_77 ? 
2 Aimless     0.7.7    23/04/21        program 'Phil Evans'         ?                        'data scaling'    
http://www.mrc-lmb.cam.ac.uk/harry/pre/aimless.html ?          ? 
3 PDB_EXTRACT 3.23     'SEP. 23, 2016' package PDB                  deposit@deposit.rcsb.org 'data extraction' 
http://sw-tools.pdb.org/apps/PDB_EXTRACT/           C++        ? 
4 XDS         .        ?               program ?                    ?                        'data reduction'  ? ?          ? 
5 REFMAC      .        ?               program ?                    ?                        phasing           ? ?          ? 
# 
_cell.entry_id           7HO7 
_cell.length_a           95.400 
_cell.length_b           95.400 
_cell.length_c           45.739 
_cell.angle_alpha        90.000 
_cell.angle_beta         90.000 
_cell.angle_gamma        90.000 
_cell.Z_PDB              8 
_cell.pdbx_unique_axis   ? 
# 
_symmetry.entry_id                         7HO7 
_symmetry.space_group_name_H-M             'I 4' 
_symmetry.pdbx_full_space_group_name_H-M   ? 
_symmetry.cell_setting                     ? 
_symmetry.Int_Tables_number                79 
# 
_exptl.crystals_number   1 
_exptl.entry_id          7HO7 
_exptl.method            'X-RAY DIFFRACTION' 
# 
_exptl_crystal.id                    1 
_exptl_crystal.pdbx_mosaicity        0.000 
_exptl_crystal.pdbx_mosaicity_esd    ? 
_exptl_crystal.density_Matthews      2.41 
_exptl_crystal.density_diffrn        ? 
_exptl_crystal.density_meas          ? 
_exptl_crystal.density_meas_temp     ? 
_exptl_crystal.density_percent_sol   48.95 
_exptl_crystal.size_max              ? 
_exptl_crystal.size_mid              ? 
_exptl_crystal.size_min              ? 
_exptl_crystal.size_rad              ? 
_exptl_crystal.description           ? 
# 
_exptl_crystal_grow.crystal_id      1 
_exptl_crystal_grow.method          'VAPOR DIFFUSION, SITTING DROP' 
_exptl_crystal_grow.pH              8 
_exptl_crystal_grow.temp            293 
_exptl_crystal_grow.pdbx_details    '4 % PEG 400, 2 M AmmSO4, 0.1 M HEPES pH 8' 
_exptl_crystal_grow.temp_details    ? 
_exptl_crystal_grow.pdbx_pH_range   ? 
# 
_diffrn.id                     1 
_diffrn.ambient_temp           100 
_diffrn.crystal_id             1 
_diffrn.ambient_temp_details   ? 
# 
_diffrn_detector.detector               PIXEL 
_diffrn_detector.type                   'DECTRIS EIGER2 XE 9M' 
_diffrn_detector.pdbx_collection_date   2024-07-04 
_diffrn_detector.diffrn_id              1 
_diffrn_detector.details                ? 
# 
_diffrn_radiation.diffrn_id                        1 
_diffrn_radiation.wavelength_id                    1 
_diffrn_radiation.pdbx_diffrn_protocol             'SINGLE WAVELENGTH' 
_diffrn_radiation.pdbx_monochromatic_or_laue_m_l   ? 
_diffrn_radiation.monochromator                    ? 
_diffrn_radiation.pdbx_scattering_type             x-ray 
# 
_diffrn_radiation_wavelength.id           1 
_diffrn_radiation_wavelength.wavelength   0.92134 
_diffrn_radiation_wavelength.wt           1.0 
# 
_diffrn_source.diffrn_id                   1 
_diffrn_source.source                      SYNCHROTRON 
_diffrn_source.type                        'DIAMOND BEAMLINE I04-1' 
_diffrn_source.pdbx_wavelength_list        0.92134 
_diffrn_source.pdbx_synchrotron_site       Diamond 
_diffrn_source.pdbx_synchrotron_beamline   I04-1 
_diffrn_source.pdbx_wavelength             ? 
# 
_reflns.entry_id                     7HO7 
_reflns.pdbx_diffrn_id               1 
_reflns.pdbx_ordinal                 1 
_reflns.observed_criterion_sigma_I   ? 
_reflns.observed_criterion_sigma_F   ? 
_reflns.d_resolution_low             67.450 
_reflns.d_resolution_high            1.300 
_reflns.number_obs                   49717 
_reflns.number_all                   ? 
_reflns.percent_possible_obs         98.200 
_reflns.pdbx_Rmerge_I_obs            0.063 
_reflns.pdbx_Rsym_value              ? 
_reflns.pdbx_netI_over_sigmaI        19.200 
_reflns.B_iso_Wilson_estimate        ? 
_reflns.pdbx_redundancy              11.300 
_reflns.pdbx_Rrim_I_all              0.066 
_reflns.pdbx_Rpim_I_all              0.019 
_reflns.pdbx_CC_half                 0.999 
_reflns.pdbx_netI_over_av_sigmaI     ? 
_reflns.pdbx_number_measured_all     560400 
_reflns.pdbx_scaling_rejects         0 
_reflns.pdbx_chi_squared             ? 
_reflns.Rmerge_F_all                 ? 
_reflns.Rmerge_F_obs                 ? 
_reflns.observed_criterion_F_max     ? 
_reflns.observed_criterion_F_min     ? 
_reflns.observed_criterion_I_max     ? 
_reflns.observed_criterion_I_min     ? 
_reflns.pdbx_d_res_high_opt          ? 
_reflns.pdbx_d_res_low_opt           ? 
_reflns.details                      ? 
# 
loop_
_reflns_shell.pdbx_diffrn_id 
_reflns_shell.pdbx_ordinal 
_reflns_shell.d_res_high 
_reflns_shell.d_res_low 
_reflns_shell.number_measured_obs 
_reflns_shell.number_measured_all 
_reflns_shell.number_unique_obs 
_reflns_shell.pdbx_rejects 
_reflns_shell.Rmerge_I_obs 
_reflns_shell.meanI_over_sigI_obs 
_reflns_shell.pdbx_Rsym_value 
_reflns_shell.pdbx_chi_squared 
_reflns_shell.pdbx_redundancy 
_reflns_shell.percent_possible_obs 
_reflns_shell.pdbx_netI_over_sigmaI_obs 
_reflns_shell.number_possible 
_reflns_shell.number_unique_all 
_reflns_shell.Rmerge_F_all 
_reflns_shell.Rmerge_F_obs 
_reflns_shell.Rmerge_I_all 
_reflns_shell.meanI_over_sigI_all 
_reflns_shell.percent_possible_all 
_reflns_shell.pdbx_Rrim_I_all 
_reflns_shell.pdbx_Rpim_I_all 
_reflns_shell.pdbx_CC_half 
1 1 1.300 1.320  ? 9205 2065 ? 1.240 ? ? ? 4.500  ? 0.500   ? ? ? ? ? ? 83.300 1.419 0.663 0.328 
1 2 7.120 67.450 ? 4150 341  ? 0.031 ? ? ? 12.200 ? 112.700 ? ? ? ? ? ? 99.900 0.033 0.010 0.997 
# 
_refine.entry_id                                 7HO7 
_refine.pdbx_refine_id                           'X-RAY DIFFRACTION' 
_refine.ls_d_res_high                            1.3000 
_refine.ls_d_res_low                             67.4600 
_refine.pdbx_ls_sigma_F                          0.000 
_refine.pdbx_data_cutoff_high_absF               ? 
_refine.pdbx_data_cutoff_low_absF                ? 
_refine.ls_percent_reflns_obs                    97.8300 
_refine.ls_number_reflns_obs                     47186 
_refine.ls_number_reflns_all                     ? 
_refine.pdbx_ls_cross_valid_method               THROUGHOUT 
_refine.ls_matrix_type                           ? 
_refine.pdbx_R_Free_selection_details            RANDOM 
_refine.details                                  
'HYDROGENS HAVE BEEN ADDED IN THE RIDING POSITIONS U VALUES      : REFINED INDIVIDUALLY' 
_refine.ls_R_factor_all                          ? 
_refine.ls_R_factor_obs                          0.1851 
_refine.ls_R_factor_R_work                       0.1841 
_refine.ls_wR_factor_R_work                      ? 
_refine.ls_R_factor_R_free                       0.2044 
_refine.ls_wR_factor_R_free                      ? 
_refine.ls_percent_reflns_R_free                 4.8000 
_refine.ls_number_reflns_R_free                  2394 
_refine.ls_number_reflns_R_work                  ? 
_refine.ls_R_factor_R_free_error                 ? 
_refine.B_iso_mean                               18.0920 
_refine.solvent_model_param_bsol                 ? 
_refine.solvent_model_param_ksol                 ? 
_refine.pdbx_isotropic_thermal_model             ? 
_refine.aniso_B[1][1]                            -0.0300 
_refine.aniso_B[2][2]                            -0.0300 
_refine.aniso_B[3][3]                            0.0600 
_refine.aniso_B[1][2]                            -0.0000 
_refine.aniso_B[1][3]                            0.0000 
_refine.aniso_B[2][3]                            0.0000 
_refine.correlation_coeff_Fo_to_Fc               0.9690 
_refine.correlation_coeff_Fo_to_Fc_free          0.9620 
_refine.overall_SU_R_Cruickshank_DPI             ? 
_refine.pdbx_overall_SU_R_free_Cruickshank_DPI   ? 
_refine.pdbx_overall_SU_R_Blow_DPI               ? 
_refine.pdbx_overall_SU_R_free_Blow_DPI          ? 
_refine.overall_SU_R_free                        ? 
_refine.pdbx_overall_ESU_R                       0.0540 
_refine.pdbx_overall_ESU_R_Free                  0.0550 
_refine.overall_SU_ML                            0.0450 
_refine.overall_SU_B                             1.1750 
_refine.solvent_model_details                    MASK 
_refine.pdbx_solvent_vdw_probe_radii             1.2000 
_refine.pdbx_solvent_ion_probe_radii             0.8000 
_refine.pdbx_solvent_shrinkage_radii             0.8000 
_refine.ls_number_parameters                     ? 
_refine.ls_number_restraints                     ? 
_refine.pdbx_starting_model                      ? 
_refine.pdbx_method_to_determine_struct          'FOURIER SYNTHESIS' 
_refine.pdbx_stereochemistry_target_values       'MAXIMUM LIKELIHOOD' 
_refine.pdbx_stereochem_target_val_spec_case     ? 
_refine.overall_FOM_work_R_set                   ? 
_refine.B_iso_max                                80.750 
_refine.B_iso_min                                10.120 
_refine.pdbx_overall_phase_error                 ? 
_refine.occupancy_max                            ? 
_refine.occupancy_min                            ? 
_refine.pdbx_diffrn_id                           1 
_refine.pdbx_TLS_residual_ADP_flag               ? 
_refine.pdbx_ls_sigma_I                          ? 
_refine.pdbx_data_cutoff_high_rms_absF           ? 
_refine.ls_R_factor_R_free_error_details         ? 
# 
_refine_hist.cycle_id                         final 
_refine_hist.pdbx_refine_id                   'X-RAY DIFFRACTION' 
_refine_hist.d_res_high                       1.3000 
_refine_hist.d_res_low                        67.4600 
_refine_hist.pdbx_number_atoms_ligand         24 
_refine_hist.number_atoms_solvent             140 
_refine_hist.number_atoms_total               1657 
_refine_hist.pdbx_number_residues_total       185 
_refine_hist.pdbx_B_iso_mean_ligand           36.17 
_refine_hist.pdbx_B_iso_mean_solvent          29.23 
_refine_hist.pdbx_number_atoms_protein        1493 
_refine_hist.pdbx_number_atoms_nucleic_acid   0 
# 
loop_
_refine_ls_restr.pdbx_refine_id 
_refine_ls_restr.type 
_refine_ls_restr.number 
_refine_ls_restr.dev_ideal 
_refine_ls_restr.dev_ideal_target 
_refine_ls_restr.weight 
_refine_ls_restr.pdbx_restraint_function 
'X-RAY DIFFRACTION' r_bond_refined_d       1982 0.012  0.013  ? ? 
'X-RAY DIFFRACTION' r_bond_other_d         1600 0.001  0.015  ? ? 
'X-RAY DIFFRACTION' r_angle_refined_deg    2494 1.790  1.635  ? ? 
'X-RAY DIFFRACTION' r_angle_other_deg      3691 1.450  1.579  ? ? 
'X-RAY DIFFRACTION' r_dihedral_angle_1_deg 235  7.179  5.000  ? ? 
'X-RAY DIFFRACTION' r_dihedral_angle_2_deg 109  27.585 21.009 ? ? 
'X-RAY DIFFRACTION' r_dihedral_angle_3_deg 285  11.686 15.000 ? ? 
'X-RAY DIFFRACTION' r_dihedral_angle_4_deg 15   21.860 15.000 ? ? 
'X-RAY DIFFRACTION' r_chiral_restr         217  0.089  0.200  ? ? 
'X-RAY DIFFRACTION' r_gen_planes_refined   2236 0.011  0.020  ? ? 
'X-RAY DIFFRACTION' r_gen_planes_other     490  0.002  0.020  ? ? 
'X-RAY DIFFRACTION' r_mcbond_it            952  1.516  1.636  ? ? 
'X-RAY DIFFRACTION' r_mcbond_other         942  1.486  1.620  ? ? 
'X-RAY DIFFRACTION' r_mcangle_it           1129 2.323  2.441  ? ? 
# 
_refine_ls_shell.d_res_high                       1.3000 
_refine_ls_shell.d_res_low                        1.3340 
_refine_ls_shell.pdbx_total_number_of_bins_used   20 
_refine_ls_shell.percent_reflns_obs               80.5900 
_refine_ls_shell.number_reflns_R_work             2863 
_refine_ls_shell.R_factor_all                     ? 
_refine_ls_shell.R_factor_R_work                  0.3620 
_refine_ls_shell.R_factor_R_free                  0.3610 
_refine_ls_shell.percent_reflns_R_free            ? 
_refine_ls_shell.number_reflns_R_free             152 
_refine_ls_shell.R_factor_R_free_error            ? 
_refine_ls_shell.number_reflns_all                3015 
_refine_ls_shell.number_reflns_obs                ? 
_refine_ls_shell.pdbx_refine_id                   'X-RAY DIFFRACTION' 
# 
_struct.entry_id                  7HO7 
_struct.title                     'PanDDA analysis group deposition -- Crystal Structure of TRIM21 in complex with Z30820160' 
_struct.pdbx_model_details        ? 
_struct.pdbx_CASP_flag            ? 
_struct.pdbx_model_type_details   ? 
# 
_struct_keywords.entry_id        7HO7 
_struct_keywords.text            'SGC - Diamond I04-1 fragment screening, PanDDA, XChemExplorer, TRIM21, LIGASE' 
_struct_keywords.pdbx_keywords   LIGASE 
# 
loop_
_struct_asym.id 
_struct_asym.pdbx_blank_PDB_chainid_flag 
_struct_asym.pdbx_modified 
_struct_asym.entity_id 
_struct_asym.details 
A N N 1 ? 
B N N 2 ? 
C N N 3 ? 
D N N 2 ? 
E N N 4 ? 
F N N 5 ? 
# 
_struct_ref.id                         1 
_struct_ref.db_name                    UNP 
_struct_ref.db_code                    RO52_MOUSE 
_struct_ref.pdbx_db_accession          Q62191 
_struct_ref.pdbx_db_isoform            ? 
_struct_ref.entity_id                  1 
_struct_ref.pdbx_seq_one_letter_code   
;VHITLDRNTANSWLIISKDRRQVRMGDTHQNVSDNKERFSNYPMVLGAQRFSSGKMYWEVDVTQKEAWDLGVCRDSVQRK
GQFSLSPENGFWTIWLWQDSYEAGTSPQTTLHIQVPPCQIGIFVDYEAGVVSFYNITDHGSLIYTFSECVFAGPLRPFFN
VGFNYSGGNAAPLKLCPLKM
;
_struct_ref.pdbx_align_begin           291 
# 
_struct_ref_seq.align_id                      1 
_struct_ref_seq.ref_id                        1 
_struct_ref_seq.pdbx_PDB_id_code              7HO7 
_struct_ref_seq.pdbx_strand_id                B 
_struct_ref_seq.seq_align_beg                 9 
_struct_ref_seq.pdbx_seq_align_beg_ins_code   ? 
_struct_ref_seq.seq_align_end                 188 
_struct_ref_seq.pdbx_seq_align_end_ins_code   ? 
_struct_ref_seq.pdbx_db_accession             Q62191 
_struct_ref_seq.db_align_beg                  291 
_struct_ref_seq.pdbx_db_align_beg_ins_code    ? 
_struct_ref_seq.db_align_end                  470 
_struct_ref_seq.pdbx_db_align_end_ins_code    ? 
_struct_ref_seq.pdbx_auth_seq_align_beg       15 
_struct_ref_seq.pdbx_auth_seq_align_end       194 
# 
loop_
_struct_ref_seq_dif.align_id 
_struct_ref_seq_dif.pdbx_pdb_id_code 
_struct_ref_seq_dif.mon_id 
_struct_ref_seq_dif.pdbx_pdb_strand_id 
_struct_ref_seq_dif.seq_num 
_struct_ref_seq_dif.pdbx_pdb_ins_code 
_struct_ref_seq_dif.pdbx_seq_db_name 
_struct_ref_seq_dif.pdbx_seq_db_accession_code 
_struct_ref_seq_dif.db_mon_id 
_struct_ref_seq_dif.pdbx_seq_db_seq_num 
_struct_ref_seq_dif.details 
_struct_ref_seq_dif.pdbx_auth_seq_num 
_struct_ref_seq_dif.pdbx_ordinal 
1 7HO7 MET B 1 ? UNP Q62191 ? ? 'initiating methionine' 7  1 
1 7HO7 HIS B 2 ? UNP Q62191 ? ? 'expression tag'        8  2 
1 7HO7 HIS B 3 ? UNP Q62191 ? ? 'expression tag'        9  3 
1 7HO7 HIS B 4 ? UNP Q62191 ? ? 'expression tag'        10 4 
1 7HO7 HIS B 5 ? UNP Q62191 ? ? 'expression tag'        11 5 
1 7HO7 HIS B 6 ? UNP Q62191 ? ? 'expression tag'        12 6 
1 7HO7 HIS B 7 ? UNP Q62191 ? ? 'expression tag'        13 7 
1 7HO7 MET B 8 ? UNP Q62191 ? ? 'expression tag'        14 8 
# 
_pdbx_struct_assembly.id                   1 
_pdbx_struct_assembly.details              author_defined_assembly 
_pdbx_struct_assembly.method_details       ? 
_pdbx_struct_assembly.oligomeric_details   monomeric 
_pdbx_struct_assembly.oligomeric_count     1 
# 
_pdbx_struct_assembly_gen.assembly_id       1 
_pdbx_struct_assembly_gen.oper_expression   1 
_pdbx_struct_assembly_gen.asym_id_list      A,B,C,D,E,F 
# 
_pdbx_struct_oper_list.id                   1 
_pdbx_struct_oper_list.type                 'identity operation' 
_pdbx_struct_oper_list.name                 1_555 
_pdbx_struct_oper_list.symmetry_operation   x,y,z 
_pdbx_struct_oper_list.matrix[1][1]         1.0000000000 
_pdbx_struct_oper_list.matrix[1][2]         0.0000000000 
_pdbx_struct_oper_list.matrix[1][3]         0.0000000000 
_pdbx_struct_oper_list.vector[1]            0.0000000000 
_pdbx_struct_oper_list.matrix[2][1]         0.0000000000 
_pdbx_struct_oper_list.matrix[2][2]         1.0000000000 
_pdbx_struct_oper_list.matrix[2][3]         0.0000000000 
_pdbx_struct_oper_list.vector[2]            0.0000000000 
_pdbx_struct_oper_list.matrix[3][1]         0.0000000000 
_pdbx_struct_oper_list.matrix[3][2]         0.0000000000 
_pdbx_struct_oper_list.matrix[3][3]         1.0000000000 
_pdbx_struct_oper_list.vector[3]            0.0000000000 
# 
loop_
_struct_conf.conf_type_id 
_struct_conf.id 
_struct_conf.pdbx_PDB_helix_id 
_struct_conf.beg_label_comp_id 
_struct_conf.beg_label_asym_id 
_struct_conf.beg_label_seq_id 
_struct_conf.pdbx_beg_PDB_ins_code 
_struct_conf.end_label_comp_id 
_struct_conf.end_label_asym_id 
_struct_conf.end_label_seq_id 
_struct_conf.pdbx_end_PDB_ins_code 
_struct_conf.beg_auth_comp_id 
_struct_conf.beg_auth_asym_id 
_struct_conf.beg_auth_seq_id 
_struct_conf.end_auth_comp_id 
_struct_conf.end_auth_asym_id 
_struct_conf.end_auth_seq_id 
_struct_conf.pdbx_PDB_helix_class 
_struct_conf.details 
_struct_conf.pdbx_PDB_helix_length 
HELX_P HELX_P1 AA1 HIS A 4  ? MET A 8  ? HIS B 10  MET B 14  5 ? 5 
HELX_P HELX_P2 AA2 ASP A 14 ? ALA A 18 ? ASP B 20  ALA B 24  5 ? 5 
HELX_P HELX_P3 AA3 SER A 94 ? ASN A 97 ? SER B 100 ASN B 103 5 ? 4 
# 
_struct_conf_type.id          HELX_P 
_struct_conf_type.criteria    ? 
_struct_conf_type.reference   ? 
# 
_struct_mon_prot_cis.pdbx_id                1 
_struct_mon_prot_cis.label_comp_id          SER 
_struct_mon_prot_cis.label_seq_id           114 
_struct_mon_prot_cis.label_asym_id          A 
_struct_mon_prot_cis.label_alt_id           . 
_struct_mon_prot_cis.pdbx_PDB_ins_code      ? 
_struct_mon_prot_cis.auth_comp_id           SER 
_struct_mon_prot_cis.auth_seq_id            120 
_struct_mon_prot_cis.auth_asym_id           B 
_struct_mon_prot_cis.pdbx_label_comp_id_2   PRO 
_struct_mon_prot_cis.pdbx_label_seq_id_2    115 
_struct_mon_prot_cis.pdbx_label_asym_id_2   A 
_struct_mon_prot_cis.pdbx_PDB_ins_code_2    ? 
_struct_mon_prot_cis.pdbx_auth_comp_id_2    PRO 
_struct_mon_prot_cis.pdbx_auth_seq_id_2     121 
_struct_mon_prot_cis.pdbx_auth_asym_id_2    B 
_struct_mon_prot_cis.pdbx_PDB_model_num     1 
_struct_mon_prot_cis.pdbx_omega_angle       -2.30 
# 
loop_
_struct_sheet.id 
_struct_sheet.type 
_struct_sheet.number_strands 
_struct_sheet.details 
AA1 ? 7 ? 
AA2 ? 6 ? 
# 
loop_
_struct_sheet_order.sheet_id 
_struct_sheet_order.range_id_1 
_struct_sheet_order.range_id_2 
_struct_sheet_order.offset 
_struct_sheet_order.sense 
AA1 1 2 ? anti-parallel 
AA1 2 3 ? anti-parallel 
AA1 3 4 ? anti-parallel 
AA1 4 5 ? anti-parallel 
AA1 5 6 ? anti-parallel 
AA1 6 7 ? anti-parallel 
AA2 1 2 ? anti-parallel 
AA2 2 3 ? anti-parallel 
AA2 3 4 ? anti-parallel 
AA2 4 5 ? anti-parallel 
AA2 5 6 ? anti-parallel 
# 
loop_
_struct_sheet_range.sheet_id 
_struct_sheet_range.id 
_struct_sheet_range.beg_label_comp_id 
_struct_sheet_range.beg_label_asym_id 
_struct_sheet_range.beg_label_seq_id 
_struct_sheet_range.pdbx_beg_PDB_ins_code 
_struct_sheet_range.end_label_comp_id 
_struct_sheet_range.end_label_asym_id 
_struct_sheet_range.end_label_seq_id 
_struct_sheet_range.pdbx_end_PDB_ins_code 
_struct_sheet_range.beg_auth_comp_id 
_struct_sheet_range.beg_auth_asym_id 
_struct_sheet_range.beg_auth_seq_id 
_struct_sheet_range.end_auth_comp_id 
_struct_sheet_range.end_auth_asym_id 
_struct_sheet_range.end_auth_seq_id 
AA1 1 LEU A 22  ? ILE A 24  ? LEU B 28  ILE B 30  
AA1 2 GLN A 30  ? MET A 33  ? GLN B 36  MET B 39  
AA1 3 LEU A 181 ? LEU A 183 ? LEU B 187 LEU B 189 
AA1 4 LYS A 63  ? ASP A 69  ? LYS B 69  ASP B 75  
AA1 5 GLN A 127 ? ASP A 133 ? GLN B 133 ASP B 139 
AA1 6 VAL A 138 ? ASN A 143 ? VAL B 144 ASN B 149 
AA1 7 SER A 149 ? PHE A 154 ? SER B 155 PHE B 160 
AA2 1 MET A 52  ? LEU A 54  ? MET B 58  LEU B 60  
AA2 2 LEU A 163 ? ASN A 168 ? LEU B 169 ASN B 174 
AA2 3 TRP A 76  ? ARG A 82  ? TRP B 82  ARG B 88  
AA2 4 PHE A 99  ? TRP A 105 ? PHE B 105 TRP B 111 
AA2 5 SER A 108 ? ALA A 111 ? SER B 114 ALA B 117 
AA2 6 THR A 117 ? THR A 118 ? THR B 123 THR B 124 
# 
loop_
_pdbx_struct_sheet_hbond.sheet_id 
_pdbx_struct_sheet_hbond.range_id_1 
_pdbx_struct_sheet_hbond.range_id_2 
_pdbx_struct_sheet_hbond.range_1_label_atom_id 
_pdbx_struct_sheet_hbond.range_1_label_comp_id 
_pdbx_struct_sheet_hbond.range_1_label_asym_id 
_pdbx_struct_sheet_hbond.range_1_label_seq_id 
_pdbx_struct_sheet_hbond.range_1_PDB_ins_code 
_pdbx_struct_sheet_hbond.range_1_auth_atom_id 
_pdbx_struct_sheet_hbond.range_1_auth_comp_id 
_pdbx_struct_sheet_hbond.range_1_auth_asym_id 
_pdbx_struct_sheet_hbond.range_1_auth_seq_id 
_pdbx_struct_sheet_hbond.range_2_label_atom_id 
_pdbx_struct_sheet_hbond.range_2_label_comp_id 
_pdbx_struct_sheet_hbond.range_2_label_asym_id 
_pdbx_struct_sheet_hbond.range_2_label_seq_id 
_pdbx_struct_sheet_hbond.range_2_PDB_ins_code 
_pdbx_struct_sheet_hbond.range_2_auth_atom_id 
_pdbx_struct_sheet_hbond.range_2_auth_comp_id 
_pdbx_struct_sheet_hbond.range_2_auth_asym_id 
_pdbx_struct_sheet_hbond.range_2_auth_seq_id 
AA1 1 2 N ILE A 23  ? N ILE B 29  O ARG A 32  ? O ARG B 38  
AA1 2 3 N VAL A 31  ? N VAL B 37  O LEU A 181 ? O LEU B 187 
AA1 3 4 O LYS A 182 ? O LYS B 188 N ASP A 69  ? N ASP B 75  
AA1 4 5 N TRP A 66  ? N TRP B 72  O ILE A 130 ? O ILE B 136 
AA1 5 6 N PHE A 131 ? N PHE B 137 O SER A 140 ? O SER B 146 
AA1 6 7 N PHE A 141 ? N PHE B 147 O ILE A 151 ? O ILE B 157 
AA2 1 2 N VAL A 53  ? N VAL B 59  O PHE A 167 ? O PHE B 173 
AA2 2 3 O ARG A 164 ? O ARG B 170 N CYS A 81  ? N CYS B 87  
AA2 3 4 N VAL A 80  ? N VAL B 86  O TRP A 100 ? O TRP B 106 
AA2 4 5 N TRP A 105 ? N TRP B 111 O SER A 108 ? O SER B 114 
AA2 5 6 N ALA A 111 ? N ALA B 117 O THR A 117 ? O THR B 123 
# 
_pdbx_entry_details.entry_id                   7HO7 
_pdbx_entry_details.compound_details           ? 
_pdbx_entry_details.source_details             ? 
_pdbx_entry_details.nonpolymer_details         ? 
_pdbx_entry_details.sequence_details           ? 
_pdbx_entry_details.has_ligand_of_interest     Y 
_pdbx_entry_details.has_protein_modification   N 
# 
_pdbx_validate_rmsd_angle.id                         1 
_pdbx_validate_rmsd_angle.PDB_model_num              1 
_pdbx_validate_rmsd_angle.auth_atom_id_1             CG 
_pdbx_validate_rmsd_angle.auth_asym_id_1             B 
_pdbx_validate_rmsd_angle.auth_comp_id_1             ARG 
_pdbx_validate_rmsd_angle.auth_seq_id_1              64 
_pdbx_validate_rmsd_angle.PDB_ins_code_1             ? 
_pdbx_validate_rmsd_angle.label_alt_id_1             ? 
_pdbx_validate_rmsd_angle.auth_atom_id_2             CD 
_pdbx_validate_rmsd_angle.auth_asym_id_2             B 
_pdbx_validate_rmsd_angle.auth_comp_id_2             ARG 
_pdbx_validate_rmsd_angle.auth_seq_id_2              64 
_pdbx_validate_rmsd_angle.PDB_ins_code_2             ? 
_pdbx_validate_rmsd_angle.label_alt_id_2             ? 
_pdbx_validate_rmsd_angle.auth_atom_id_3             NE 
_pdbx_validate_rmsd_angle.auth_asym_id_3             B 
_pdbx_validate_rmsd_angle.auth_comp_id_3             ARG 
_pdbx_validate_rmsd_angle.auth_seq_id_3              64 
_pdbx_validate_rmsd_angle.PDB_ins_code_3             ? 
_pdbx_validate_rmsd_angle.label_alt_id_3             ? 
_pdbx_validate_rmsd_angle.angle_value                127.11 
_pdbx_validate_rmsd_angle.angle_target_value         111.80 
_pdbx_validate_rmsd_angle.angle_deviation            15.31 
_pdbx_validate_rmsd_angle.angle_standard_deviation   2.10 
_pdbx_validate_rmsd_angle.linker_flag                N 
# 
loop_
_pdbx_validate_torsion.id 
_pdbx_validate_torsion.PDB_model_num 
_pdbx_validate_torsion.auth_comp_id 
_pdbx_validate_torsion.auth_asym_id 
_pdbx_validate_torsion.auth_seq_id 
_pdbx_validate_torsion.PDB_ins_code 
_pdbx_validate_torsion.label_alt_id 
_pdbx_validate_torsion.phi 
_pdbx_validate_torsion.psi 
1 1 ASN B 45  ? ? 72.61   33.53 
2 1 ASP B 152 ? ? -102.07 51.11 
# 
_pdbx_struct_special_symmetry.id              1 
_pdbx_struct_special_symmetry.PDB_model_num   1 
_pdbx_struct_special_symmetry.auth_asym_id    B 
_pdbx_struct_special_symmetry.auth_comp_id    HOH 
_pdbx_struct_special_symmetry.auth_seq_id     429 
_pdbx_struct_special_symmetry.PDB_ins_code    ? 
_pdbx_struct_special_symmetry.label_asym_id   F 
_pdbx_struct_special_symmetry.label_comp_id   HOH 
_pdbx_struct_special_symmetry.label_seq_id    . 
# 
_phasing.method   MR 
# 
loop_
_pdbx_unobs_or_zero_occ_residues.id 
_pdbx_unobs_or_zero_occ_residues.PDB_model_num 
_pdbx_unobs_or_zero_occ_residues.polymer_flag 
_pdbx_unobs_or_zero_occ_residues.occupancy_flag 
_pdbx_unobs_or_zero_occ_residues.auth_asym_id 
_pdbx_unobs_or_zero_occ_residues.auth_comp_id 
_pdbx_unobs_or_zero_occ_residues.auth_seq_id 
_pdbx_unobs_or_zero_occ_residues.PDB_ins_code 
_pdbx_unobs_or_zero_occ_residues.label_asym_id 
_pdbx_unobs_or_zero_occ_residues.label_comp_id 
_pdbx_unobs_or_zero_occ_residues.label_seq_id 
1 1 Y 1 B MET 7   ? A MET 1   
2 1 Y 1 B LYS 193 ? A LYS 187 
3 1 Y 1 B MET 194 ? A MET 188 
# 
loop_
_chem_comp_atom.comp_id 
_chem_comp_atom.atom_id 
_chem_comp_atom.type_symbol 
_chem_comp_atom.pdbx_aromatic_flag 
_chem_comp_atom.pdbx_stereo_config 
_chem_comp_atom.pdbx_ordinal 
ALA N    N N N 1   
ALA CA   C N S 2   
ALA C    C N N 3   
ALA O    O N N 4   
ALA CB   C N N 5   
ALA OXT  O N N 6   
ALA H    H N N 7   
ALA H2   H N N 8   
ALA HA   H N N 9   
ALA HB1  H N N 10  
ALA HB2  H N N 11  
ALA HB3  H N N 12  
ALA HXT  H N N 13  
ARG N    N N N 14  
ARG CA   C N S 15  
ARG C    C N N 16  
ARG O    O N N 17  
ARG CB   C N N 18  
ARG CG   C N N 19  
ARG CD   C N N 20  
ARG NE   N N N 21  
ARG CZ   C N N 22  
ARG NH1  N N N 23  
ARG NH2  N N N 24  
ARG OXT  O N N 25  
ARG H    H N N 26  
ARG H2   H N N 27  
ARG HA   H N N 28  
ARG HB2  H N N 29  
ARG HB3  H N N 30  
ARG HG2  H N N 31  
ARG HG3  H N N 32  
ARG HD2  H N N 33  
ARG HD3  H N N 34  
ARG HE   H N N 35  
ARG HH11 H N N 36  
ARG HH12 H N N 37  
ARG HH21 H N N 38  
ARG HH22 H N N 39  
ARG HXT  H N N 40  
ASN N    N N N 41  
ASN CA   C N S 42  
ASN C    C N N 43  
ASN O    O N N 44  
ASN CB   C N N 45  
ASN CG   C N N 46  
ASN OD1  O N N 47  
ASN ND2  N N N 48  
ASN OXT  O N N 49  
ASN H    H N N 50  
ASN H2   H N N 51  
ASN HA   H N N 52  
ASN HB2  H N N 53  
ASN HB3  H N N 54  
ASN HD21 H N N 55  
ASN HD22 H N N 56  
ASN HXT  H N N 57  
ASP N    N N N 58  
ASP CA   C N S 59  
ASP C    C N N 60  
ASP O    O N N 61  
ASP CB   C N N 62  
ASP CG   C N N 63  
ASP OD1  O N N 64  
ASP OD2  O N N 65  
ASP OXT  O N N 66  
ASP H    H N N 67  
ASP H2   H N N 68  
ASP HA   H N N 69  
ASP HB2  H N N 70  
ASP HB3  H N N 71  
ASP HD2  H N N 72  
ASP HXT  H N N 73  
CYS N    N N N 74  
CYS CA   C N R 75  
CYS C    C N N 76  
CYS O    O N N 77  
CYS CB   C N N 78  
CYS SG   S N N 79  
CYS OXT  O N N 80  
CYS H    H N N 81  
CYS H2   H N N 82  
CYS HA   H N N 83  
CYS HB2  H N N 84  
CYS HB3  H N N 85  
CYS HG   H N N 86  
CYS HXT  H N N 87  
EDO C1   C N N 88  
EDO O1   O N N 89  
EDO C2   C N N 90  
EDO O2   O N N 91  
EDO H11  H N N 92  
EDO H12  H N N 93  
EDO HO1  H N N 94  
EDO H21  H N N 95  
EDO H22  H N N 96  
EDO HO2  H N N 97  
GLN N    N N N 98  
GLN CA   C N S 99  
GLN C    C N N 100 
GLN O    O N N 101 
GLN CB   C N N 102 
GLN CG   C N N 103 
GLN CD   C N N 104 
GLN OE1  O N N 105 
GLN NE2  N N N 106 
GLN OXT  O N N 107 
GLN H    H N N 108 
GLN H2   H N N 109 
GLN HA   H N N 110 
GLN HB2  H N N 111 
GLN HB3  H N N 112 
GLN HG2  H N N 113 
GLN HG3  H N N 114 
GLN HE21 H N N 115 
GLN HE22 H N N 116 
GLN HXT  H N N 117 
GLU N    N N N 118 
GLU CA   C N S 119 
GLU C    C N N 120 
GLU O    O N N 121 
GLU CB   C N N 122 
GLU CG   C N N 123 
GLU CD   C N N 124 
GLU OE1  O N N 125 
GLU OE2  O N N 126 
GLU OXT  O N N 127 
GLU H    H N N 128 
GLU H2   H N N 129 
GLU HA   H N N 130 
GLU HB2  H N N 131 
GLU HB3  H N N 132 
GLU HG2  H N N 133 
GLU HG3  H N N 134 
GLU HE2  H N N 135 
GLU HXT  H N N 136 
GLY N    N N N 137 
GLY CA   C N N 138 
GLY C    C N N 139 
GLY O    O N N 140 
GLY OXT  O N N 141 
GLY H    H N N 142 
GLY H2   H N N 143 
GLY HA2  H N N 144 
GLY HA3  H N N 145 
GLY HXT  H N N 146 
HIS N    N N N 147 
HIS CA   C N S 148 
HIS C    C N N 149 
HIS O    O N N 150 
HIS CB   C N N 151 
HIS CG   C Y N 152 
HIS ND1  N Y N 153 
HIS CD2  C Y N 154 
HIS CE1  C Y N 155 
HIS NE2  N Y N 156 
HIS OXT  O N N 157 
HIS H    H N N 158 
HIS H2   H N N 159 
HIS HA   H N N 160 
HIS HB2  H N N 161 
HIS HB3  H N N 162 
HIS HD1  H N N 163 
HIS HD2  H N N 164 
HIS HE1  H N N 165 
HIS HE2  H N N 166 
HIS HXT  H N N 167 
HOH O    O N N 168 
HOH H1   H N N 169 
HOH H2   H N N 170 
ILE N    N N N 171 
ILE CA   C N S 172 
ILE C    C N N 173 
ILE O    O N N 174 
ILE CB   C N S 175 
ILE CG1  C N N 176 
ILE CG2  C N N 177 
ILE CD1  C N N 178 
ILE OXT  O N N 179 
ILE H    H N N 180 
ILE H2   H N N 181 
ILE HA   H N N 182 
ILE HB   H N N 183 
ILE HG12 H N N 184 
ILE HG13 H N N 185 
ILE HG21 H N N 186 
ILE HG22 H N N 187 
ILE HG23 H N N 188 
ILE HD11 H N N 189 
ILE HD12 H N N 190 
ILE HD13 H N N 191 
ILE HXT  H N N 192 
JFP C01  C N N 193 
JFP C02  C N N 194 
JFP C03  C N N 195 
JFP O04  O N N 196 
JFP N05  N N N 197 
JFP C06  C Y N 198 
JFP N07  N Y N 199 
JFP C08  C Y N 200 
JFP C09  C Y N 201 
JFP S10  S Y N 202 
JFP C11  C N N 203 
JFP H011 H N N 204 
JFP H012 H N N 205 
JFP H013 H N N 206 
JFP H022 H N N 207 
JFP H021 H N N 208 
JFP H051 H N N 209 
JFP H091 H N N 210 
JFP H111 H N N 211 
JFP H112 H N N 212 
JFP H113 H N N 213 
LEU N    N N N 214 
LEU CA   C N S 215 
LEU C    C N N 216 
LEU O    O N N 217 
LEU CB   C N N 218 
LEU CG   C N N 219 
LEU CD1  C N N 220 
LEU CD2  C N N 221 
LEU OXT  O N N 222 
LEU H    H N N 223 
LEU H2   H N N 224 
LEU HA   H N N 225 
LEU HB2  H N N 226 
LEU HB3  H N N 227 
LEU HG   H N N 228 
LEU HD11 H N N 229 
LEU HD12 H N N 230 
LEU HD13 H N N 231 
LEU HD21 H N N 232 
LEU HD22 H N N 233 
LEU HD23 H N N 234 
LEU HXT  H N N 235 
LYS N    N N N 236 
LYS CA   C N S 237 
LYS C    C N N 238 
LYS O    O N N 239 
LYS CB   C N N 240 
LYS CG   C N N 241 
LYS CD   C N N 242 
LYS CE   C N N 243 
LYS NZ   N N N 244 
LYS OXT  O N N 245 
LYS H    H N N 246 
LYS H2   H N N 247 
LYS HA   H N N 248 
LYS HB2  H N N 249 
LYS HB3  H N N 250 
LYS HG2  H N N 251 
LYS HG3  H N N 252 
LYS HD2  H N N 253 
LYS HD3  H N N 254 
LYS HE2  H N N 255 
LYS HE3  H N N 256 
LYS HZ1  H N N 257 
LYS HZ2  H N N 258 
LYS HZ3  H N N 259 
LYS HXT  H N N 260 
MET N    N N N 261 
MET CA   C N S 262 
MET C    C N N 263 
MET O    O N N 264 
MET CB   C N N 265 
MET CG   C N N 266 
MET SD   S N N 267 
MET CE   C N N 268 
MET OXT  O N N 269 
MET H    H N N 270 
MET H2   H N N 271 
MET HA   H N N 272 
MET HB2  H N N 273 
MET HB3  H N N 274 
MET HG2  H N N 275 
MET HG3  H N N 276 
MET HE1  H N N 277 
MET HE2  H N N 278 
MET HE3  H N N 279 
MET HXT  H N N 280 
PHE N    N N N 281 
PHE CA   C N S 282 
PHE C    C N N 283 
PHE O    O N N 284 
PHE CB   C N N 285 
PHE CG   C Y N 286 
PHE CD1  C Y N 287 
PHE CD2  C Y N 288 
PHE CE1  C Y N 289 
PHE CE2  C Y N 290 
PHE CZ   C Y N 291 
PHE OXT  O N N 292 
PHE H    H N N 293 
PHE H2   H N N 294 
PHE HA   H N N 295 
PHE HB2  H N N 296 
PHE HB3  H N N 297 
PHE HD1  H N N 298 
PHE HD2  H N N 299 
PHE HE1  H N N 300 
PHE HE2  H N N 301 
PHE HZ   H N N 302 
PHE HXT  H N N 303 
PRO N    N N N 304 
PRO CA   C N S 305 
PRO C    C N N 306 
PRO O    O N N 307 
PRO CB   C N N 308 
PRO CG   C N N 309 
PRO CD   C N N 310 
PRO OXT  O N N 311 
PRO H    H N N 312 
PRO HA   H N N 313 
PRO HB2  H N N 314 
PRO HB3  H N N 315 
PRO HG2  H N N 316 
PRO HG3  H N N 317 
PRO HD2  H N N 318 
PRO HD3  H N N 319 
PRO HXT  H N N 320 
SER N    N N N 321 
SER CA   C N S 322 
SER C    C N N 323 
SER O    O N N 324 
SER CB   C N N 325 
SER OG   O N N 326 
SER OXT  O N N 327 
SER H    H N N 328 
SER H2   H N N 329 
SER HA   H N N 330 
SER HB2  H N N 331 
SER HB3  H N N 332 
SER HG   H N N 333 
SER HXT  H N N 334 
SO4 S    S N N 335 
SO4 O1   O N N 336 
SO4 O2   O N N 337 
SO4 O3   O N N 338 
SO4 O4   O N N 339 
THR N    N N N 340 
THR CA   C N S 341 
THR C    C N N 342 
THR O    O N N 343 
THR CB   C N R 344 
THR OG1  O N N 345 
THR CG2  C N N 346 
THR OXT  O N N 347 
THR H    H N N 348 
THR H2   H N N 349 
THR HA   H N N 350 
THR HB   H N N 351 
THR HG1  H N N 352 
THR HG21 H N N 353 
THR HG22 H N N 354 
THR HG23 H N N 355 
THR HXT  H N N 356 
TRP N    N N N 357 
TRP CA   C N S 358 
TRP C    C N N 359 
TRP O    O N N 360 
TRP CB   C N N 361 
TRP CG   C Y N 362 
TRP CD1  C Y N 363 
TRP CD2  C Y N 364 
TRP NE1  N Y N 365 
TRP CE2  C Y N 366 
TRP CE3  C Y N 367 
TRP CZ2  C Y N 368 
TRP CZ3  C Y N 369 
TRP CH2  C Y N 370 
TRP OXT  O N N 371 
TRP H    H N N 372 
TRP H2   H N N 373 
TRP HA   H N N 374 
TRP HB2  H N N 375 
TRP HB3  H N N 376 
TRP HD1  H N N 377 
TRP HE1  H N N 378 
TRP HE3  H N N 379 
TRP HZ2  H N N 380 
TRP HZ3  H N N 381 
TRP HH2  H N N 382 
TRP HXT  H N N 383 
TYR N    N N N 384 
TYR CA   C N S 385 
TYR C    C N N 386 
TYR O    O N N 387 
TYR CB   C N N 388 
TYR CG   C Y N 389 
TYR CD1  C Y N 390 
TYR CD2  C Y N 391 
TYR CE1  C Y N 392 
TYR CE2  C Y N 393 
TYR CZ   C Y N 394 
TYR OH   O N N 395 
TYR OXT  O N N 396 
TYR H    H N N 397 
TYR H2   H N N 398 
TYR HA   H N N 399 
TYR HB2  H N N 400 
TYR HB3  H N N 401 
TYR HD1  H N N 402 
TYR HD2  H N N 403 
TYR HE1  H N N 404 
TYR HE2  H N N 405 
TYR HH   H N N 406 
TYR HXT  H N N 407 
VAL N    N N N 408 
VAL CA   C N S 409 
VAL C    C N N 410 
VAL O    O N N 411 
VAL CB   C N N 412 
VAL CG1  C N N 413 
VAL CG2  C N N 414 
VAL OXT  O N N 415 
VAL H    H N N 416 
VAL H2   H N N 417 
VAL HA   H N N 418 
VAL HB   H N N 419 
VAL HG11 H N N 420 
VAL HG12 H N N 421 
VAL HG13 H N N 422 
VAL HG21 H N N 423 
VAL HG22 H N N 424 
VAL HG23 H N N 425 
VAL HXT  H N N 426 
# 
loop_
_chem_comp_bond.comp_id 
_chem_comp_bond.atom_id_1 
_chem_comp_bond.atom_id_2 
_chem_comp_bond.value_order 
_chem_comp_bond.pdbx_aromatic_flag 
_chem_comp_bond.pdbx_stereo_config 
_chem_comp_bond.pdbx_ordinal 
ALA N   CA   sing N N 1   
ALA N   H    sing N N 2   
ALA N   H2   sing N N 3   
ALA CA  C    sing N N 4   
ALA CA  CB   sing N N 5   
ALA CA  HA   sing N N 6   
ALA C   O    doub N N 7   
ALA C   OXT  sing N N 8   
ALA CB  HB1  sing N N 9   
ALA CB  HB2  sing N N 10  
ALA CB  HB3  sing N N 11  
ALA OXT HXT  sing N N 12  
ARG N   CA   sing N N 13  
ARG N   H    sing N N 14  
ARG N   H2   sing N N 15  
ARG CA  C    sing N N 16  
ARG CA  CB   sing N N 17  
ARG CA  HA   sing N N 18  
ARG C   O    doub N N 19  
ARG C   OXT  sing N N 20  
ARG CB  CG   sing N N 21  
ARG CB  HB2  sing N N 22  
ARG CB  HB3  sing N N 23  
ARG CG  CD   sing N N 24  
ARG CG  HG2  sing N N 25  
ARG CG  HG3  sing N N 26  
ARG CD  NE   sing N N 27  
ARG CD  HD2  sing N N 28  
ARG CD  HD3  sing N N 29  
ARG NE  CZ   sing N N 30  
ARG NE  HE   sing N N 31  
ARG CZ  NH1  sing N N 32  
ARG CZ  NH2  doub N N 33  
ARG NH1 HH11 sing N N 34  
ARG NH1 HH12 sing N N 35  
ARG NH2 HH21 sing N N 36  
ARG NH2 HH22 sing N N 37  
ARG OXT HXT  sing N N 38  
ASN N   CA   sing N N 39  
ASN N   H    sing N N 40  
ASN N   H2   sing N N 41  
ASN CA  C    sing N N 42  
ASN CA  CB   sing N N 43  
ASN CA  HA   sing N N 44  
ASN C   O    doub N N 45  
ASN C   OXT  sing N N 46  
ASN CB  CG   sing N N 47  
ASN CB  HB2  sing N N 48  
ASN CB  HB3  sing N N 49  
ASN CG  OD1  doub N N 50  
ASN CG  ND2  sing N N 51  
ASN ND2 HD21 sing N N 52  
ASN ND2 HD22 sing N N 53  
ASN OXT HXT  sing N N 54  
ASP N   CA   sing N N 55  
ASP N   H    sing N N 56  
ASP N   H2   sing N N 57  
ASP CA  C    sing N N 58  
ASP CA  CB   sing N N 59  
ASP CA  HA   sing N N 60  
ASP C   O    doub N N 61  
ASP C   OXT  sing N N 62  
ASP CB  CG   sing N N 63  
ASP CB  HB2  sing N N 64  
ASP CB  HB3  sing N N 65  
ASP CG  OD1  doub N N 66  
ASP CG  OD2  sing N N 67  
ASP OD2 HD2  sing N N 68  
ASP OXT HXT  sing N N 69  
CYS N   CA   sing N N 70  
CYS N   H    sing N N 71  
CYS N   H2   sing N N 72  
CYS CA  C    sing N N 73  
CYS CA  CB   sing N N 74  
CYS CA  HA   sing N N 75  
CYS C   O    doub N N 76  
CYS C   OXT  sing N N 77  
CYS CB  SG   sing N N 78  
CYS CB  HB2  sing N N 79  
CYS CB  HB3  sing N N 80  
CYS SG  HG   sing N N 81  
CYS OXT HXT  sing N N 82  
EDO C1  O1   sing N N 83  
EDO C1  C2   sing N N 84  
EDO C1  H11  sing N N 85  
EDO C1  H12  sing N N 86  
EDO O1  HO1  sing N N 87  
EDO C2  O2   sing N N 88  
EDO C2  H21  sing N N 89  
EDO C2  H22  sing N N 90  
EDO O2  HO2  sing N N 91  
GLN N   CA   sing N N 92  
GLN N   H    sing N N 93  
GLN N   H2   sing N N 94  
GLN CA  C    sing N N 95  
GLN CA  CB   sing N N 96  
GLN CA  HA   sing N N 97  
GLN C   O    doub N N 98  
GLN C   OXT  sing N N 99  
GLN CB  CG   sing N N 100 
GLN CB  HB2  sing N N 101 
GLN CB  HB3  sing N N 102 
GLN CG  CD   sing N N 103 
GLN CG  HG2  sing N N 104 
GLN CG  HG3  sing N N 105 
GLN CD  OE1  doub N N 106 
GLN CD  NE2  sing N N 107 
GLN NE2 HE21 sing N N 108 
GLN NE2 HE22 sing N N 109 
GLN OXT HXT  sing N N 110 
GLU N   CA   sing N N 111 
GLU N   H    sing N N 112 
GLU N   H2   sing N N 113 
GLU CA  C    sing N N 114 
GLU CA  CB   sing N N 115 
GLU CA  HA   sing N N 116 
GLU C   O    doub N N 117 
GLU C   OXT  sing N N 118 
GLU CB  CG   sing N N 119 
GLU CB  HB2  sing N N 120 
GLU CB  HB3  sing N N 121 
GLU CG  CD   sing N N 122 
GLU CG  HG2  sing N N 123 
GLU CG  HG3  sing N N 124 
GLU CD  OE1  doub N N 125 
GLU CD  OE2  sing N N 126 
GLU OE2 HE2  sing N N 127 
GLU OXT HXT  sing N N 128 
GLY N   CA   sing N N 129 
GLY N   H    sing N N 130 
GLY N   H2   sing N N 131 
GLY CA  C    sing N N 132 
GLY CA  HA2  sing N N 133 
GLY CA  HA3  sing N N 134 
GLY C   O    doub N N 135 
GLY C   OXT  sing N N 136 
GLY OXT HXT  sing N N 137 
HIS N   CA   sing N N 138 
HIS N   H    sing N N 139 
HIS N   H2   sing N N 140 
HIS CA  C    sing N N 141 
HIS CA  CB   sing N N 142 
HIS CA  HA   sing N N 143 
HIS C   O    doub N N 144 
HIS C   OXT  sing N N 145 
HIS CB  CG   sing N N 146 
HIS CB  HB2  sing N N 147 
HIS CB  HB3  sing N N 148 
HIS CG  ND1  sing Y N 149 
HIS CG  CD2  doub Y N 150 
HIS ND1 CE1  doub Y N 151 
HIS ND1 HD1  sing N N 152 
HIS CD2 NE2  sing Y N 153 
HIS CD2 HD2  sing N N 154 
HIS CE1 NE2  sing Y N 155 
HIS CE1 HE1  sing N N 156 
HIS NE2 HE2  sing N N 157 
HIS OXT HXT  sing N N 158 
HOH O   H1   sing N N 159 
HOH O   H2   sing N N 160 
ILE N   CA   sing N N 161 
ILE N   H    sing N N 162 
ILE N   H2   sing N N 163 
ILE CA  C    sing N N 164 
ILE CA  CB   sing N N 165 
ILE CA  HA   sing N N 166 
ILE C   O    doub N N 167 
ILE C   OXT  sing N N 168 
ILE CB  CG1  sing N N 169 
ILE CB  CG2  sing N N 170 
ILE CB  HB   sing N N 171 
ILE CG1 CD1  sing N N 172 
ILE CG1 HG12 sing N N 173 
ILE CG1 HG13 sing N N 174 
ILE CG2 HG21 sing N N 175 
ILE CG2 HG22 sing N N 176 
ILE CG2 HG23 sing N N 177 
ILE CD1 HD11 sing N N 178 
ILE CD1 HD12 sing N N 179 
ILE CD1 HD13 sing N N 180 
ILE OXT HXT  sing N N 181 
JFP C11 C08  sing N N 182 
JFP C08 C09  doub Y N 183 
JFP C08 N07  sing Y N 184 
JFP C09 S10  sing Y N 185 
JFP N07 C06  doub Y N 186 
JFP S10 C06  sing Y N 187 
JFP C06 N05  sing N N 188 
JFP N05 C03  sing N N 189 
JFP C03 C02  sing N N 190 
JFP C03 O04  doub N N 191 
JFP C02 C01  sing N N 192 
JFP C01 H011 sing N N 193 
JFP C01 H012 sing N N 194 
JFP C01 H013 sing N N 195 
JFP C02 H022 sing N N 196 
JFP C02 H021 sing N N 197 
JFP N05 H051 sing N N 198 
JFP C09 H091 sing N N 199 
JFP C11 H111 sing N N 200 
JFP C11 H112 sing N N 201 
JFP C11 H113 sing N N 202 
LEU N   CA   sing N N 203 
LEU N   H    sing N N 204 
LEU N   H2   sing N N 205 
LEU CA  C    sing N N 206 
LEU CA  CB   sing N N 207 
LEU CA  HA   sing N N 208 
LEU C   O    doub N N 209 
LEU C   OXT  sing N N 210 
LEU CB  CG   sing N N 211 
LEU CB  HB2  sing N N 212 
LEU CB  HB3  sing N N 213 
LEU CG  CD1  sing N N 214 
LEU CG  CD2  sing N N 215 
LEU CG  HG   sing N N 216 
LEU CD1 HD11 sing N N 217 
LEU CD1 HD12 sing N N 218 
LEU CD1 HD13 sing N N 219 
LEU CD2 HD21 sing N N 220 
LEU CD2 HD22 sing N N 221 
LEU CD2 HD23 sing N N 222 
LEU OXT HXT  sing N N 223 
LYS N   CA   sing N N 224 
LYS N   H    sing N N 225 
LYS N   H2   sing N N 226 
LYS CA  C    sing N N 227 
LYS CA  CB   sing N N 228 
LYS CA  HA   sing N N 229 
LYS C   O    doub N N 230 
LYS C   OXT  sing N N 231 
LYS CB  CG   sing N N 232 
LYS CB  HB2  sing N N 233 
LYS CB  HB3  sing N N 234 
LYS CG  CD   sing N N 235 
LYS CG  HG2  sing N N 236 
LYS CG  HG3  sing N N 237 
LYS CD  CE   sing N N 238 
LYS CD  HD2  sing N N 239 
LYS CD  HD3  sing N N 240 
LYS CE  NZ   sing N N 241 
LYS CE  HE2  sing N N 242 
LYS CE  HE3  sing N N 243 
LYS NZ  HZ1  sing N N 244 
LYS NZ  HZ2  sing N N 245 
LYS NZ  HZ3  sing N N 246 
LYS OXT HXT  sing N N 247 
MET N   CA   sing N N 248 
MET N   H    sing N N 249 
MET N   H2   sing N N 250 
MET CA  C    sing N N 251 
MET CA  CB   sing N N 252 
MET CA  HA   sing N N 253 
MET C   O    doub N N 254 
MET C   OXT  sing N N 255 
MET CB  CG   sing N N 256 
MET CB  HB2  sing N N 257 
MET CB  HB3  sing N N 258 
MET CG  SD   sing N N 259 
MET CG  HG2  sing N N 260 
MET CG  HG3  sing N N 261 
MET SD  CE   sing N N 262 
MET CE  HE1  sing N N 263 
MET CE  HE2  sing N N 264 
MET CE  HE3  sing N N 265 
MET OXT HXT  sing N N 266 
PHE N   CA   sing N N 267 
PHE N   H    sing N N 268 
PHE N   H2   sing N N 269 
PHE CA  C    sing N N 270 
PHE CA  CB   sing N N 271 
PHE CA  HA   sing N N 272 
PHE C   O    doub N N 273 
PHE C   OXT  sing N N 274 
PHE CB  CG   sing N N 275 
PHE CB  HB2  sing N N 276 
PHE CB  HB3  sing N N 277 
PHE CG  CD1  doub Y N 278 
PHE CG  CD2  sing Y N 279 
PHE CD1 CE1  sing Y N 280 
PHE CD1 HD1  sing N N 281 
PHE CD2 CE2  doub Y N 282 
PHE CD2 HD2  sing N N 283 
PHE CE1 CZ   doub Y N 284 
PHE CE1 HE1  sing N N 285 
PHE CE2 CZ   sing Y N 286 
PHE CE2 HE2  sing N N 287 
PHE CZ  HZ   sing N N 288 
PHE OXT HXT  sing N N 289 
PRO N   CA   sing N N 290 
PRO N   CD   sing N N 291 
PRO N   H    sing N N 292 
PRO CA  C    sing N N 293 
PRO CA  CB   sing N N 294 
PRO CA  HA   sing N N 295 
PRO C   O    doub N N 296 
PRO C   OXT  sing N N 297 
PRO CB  CG   sing N N 298 
PRO CB  HB2  sing N N 299 
PRO CB  HB3  sing N N 300 
PRO CG  CD   sing N N 301 
PRO CG  HG2  sing N N 302 
PRO CG  HG3  sing N N 303 
PRO CD  HD2  sing N N 304 
PRO CD  HD3  sing N N 305 
PRO OXT HXT  sing N N 306 
SER N   CA   sing N N 307 
SER N   H    sing N N 308 
SER N   H2   sing N N 309 
SER CA  C    sing N N 310 
SER CA  CB   sing N N 311 
SER CA  HA   sing N N 312 
SER C   O    doub N N 313 
SER C   OXT  sing N N 314 
SER CB  OG   sing N N 315 
SER CB  HB2  sing N N 316 
SER CB  HB3  sing N N 317 
SER OG  HG   sing N N 318 
SER OXT HXT  sing N N 319 
SO4 S   O1   doub N N 320 
SO4 S   O2   doub N N 321 
SO4 S   O3   sing N N 322 
SO4 S   O4   sing N N 323 
THR N   CA   sing N N 324 
THR N   H    sing N N 325 
THR N   H2   sing N N 326 
THR CA  C    sing N N 327 
THR CA  CB   sing N N 328 
THR CA  HA   sing N N 329 
THR C   O    doub N N 330 
THR C   OXT  sing N N 331 
THR CB  OG1  sing N N 332 
THR CB  CG2  sing N N 333 
THR CB  HB   sing N N 334 
THR OG1 HG1  sing N N 335 
THR CG2 HG21 sing N N 336 
THR CG2 HG22 sing N N 337 
THR CG2 HG23 sing N N 338 
THR OXT HXT  sing N N 339 
TRP N   CA   sing N N 340 
TRP N   H    sing N N 341 
TRP N   H2   sing N N 342 
TRP CA  C    sing N N 343 
TRP CA  CB   sing N N 344 
TRP CA  HA   sing N N 345 
TRP C   O    doub N N 346 
TRP C   OXT  sing N N 347 
TRP CB  CG   sing N N 348 
TRP CB  HB2  sing N N 349 
TRP CB  HB3  sing N N 350 
TRP CG  CD1  doub Y N 351 
TRP CG  CD2  sing Y N 352 
TRP CD1 NE1  sing Y N 353 
TRP CD1 HD1  sing N N 354 
TRP CD2 CE2  doub Y N 355 
TRP CD2 CE3  sing Y N 356 
TRP NE1 CE2  sing Y N 357 
TRP NE1 HE1  sing N N 358 
TRP CE2 CZ2  sing Y N 359 
TRP CE3 CZ3  doub Y N 360 
TRP CE3 HE3  sing N N 361 
TRP CZ2 CH2  doub Y N 362 
TRP CZ2 HZ2  sing N N 363 
TRP CZ3 CH2  sing Y N 364 
TRP CZ3 HZ3  sing N N 365 
TRP CH2 HH2  sing N N 366 
TRP OXT HXT  sing N N 367 
TYR N   CA   sing N N 368 
TYR N   H    sing N N 369 
TYR N   H2   sing N N 370 
TYR CA  C    sing N N 371 
TYR CA  CB   sing N N 372 
TYR CA  HA   sing N N 373 
TYR C   O    doub N N 374 
TYR C   OXT  sing N N 375 
TYR CB  CG   sing N N 376 
TYR CB  HB2  sing N N 377 
TYR CB  HB3  sing N N 378 
TYR CG  CD1  doub Y N 379 
TYR CG  CD2  sing Y N 380 
TYR CD1 CE1  sing Y N 381 
TYR CD1 HD1  sing N N 382 
TYR CD2 CE2  doub Y N 383 
TYR CD2 HD2  sing N N 384 
TYR CE1 CZ   doub Y N 385 
TYR CE1 HE1  sing N N 386 
TYR CE2 CZ   sing Y N 387 
TYR CE2 HE2  sing N N 388 
TYR CZ  OH   sing N N 389 
TYR OH  HH   sing N N 390 
TYR OXT HXT  sing N N 391 
VAL N   CA   sing N N 392 
VAL N   H    sing N N 393 
VAL N   H2   sing N N 394 
VAL CA  C    sing N N 395 
VAL CA  CB   sing N N 396 
VAL CA  HA   sing N N 397 
VAL C   O    doub N N 398 
VAL C   OXT  sing N N 399 
VAL CB  CG1  sing N N 400 
VAL CB  CG2  sing N N 401 
VAL CB  HB   sing N N 402 
VAL CG1 HG11 sing N N 403 
VAL CG1 HG12 sing N N 404 
VAL CG1 HG13 sing N N 405 
VAL CG2 HG21 sing N N 406 
VAL CG2 HG22 sing N N 407 
VAL CG2 HG23 sing N N 408 
VAL OXT HXT  sing N N 409 
# 
_pdbx_audit_support.ordinal                1 
_pdbx_audit_support.funding_organization   'European Union (EU)' 
_pdbx_audit_support.grant_number           875510 
_pdbx_audit_support.country                'European Union' 
# 
_pdbx_deposit_group.group_id            G_1002320 
_pdbx_deposit_group.group_description   
;PRYSPRY domain of murine TRIM21 screened against the DSI-poised Fragment Library by X-ray Crystallography at the XChem facility of Diamon Light Source
;
_pdbx_deposit_group.group_title         'PanDDA analysis group deposition' 
_pdbx_deposit_group.group_type          'changed state' 
# 
_pdbx_initial_refinement_model.id               1 
_pdbx_initial_refinement_model.entity_id_list   ? 
_pdbx_initial_refinement_model.type             'experimental model' 
_pdbx_initial_refinement_model.source_name      PDB 
_pdbx_initial_refinement_model.accession_code   2VOK 
_pdbx_initial_refinement_model.details          ? 
# 
_atom_sites.entry_id                    7HO7 
_atom_sites.fract_transf_matrix[1][1]   0.00555664 
_atom_sites.fract_transf_matrix[1][2]   -0.00582105 
_atom_sites.fract_transf_matrix[1][3]   0.00671651 
_atom_sites.fract_transf_matrix[2][1]   0.00497074 
_atom_sites.fract_transf_matrix[2][2]   -0.00453119 
_atom_sites.fract_transf_matrix[2][3]   -0.00803943 
_atom_sites.fract_transf_matrix[3][1]   0.01536799 
_atom_sites.fract_transf_matrix[3][2]   0.01553245 
_atom_sites.fract_transf_matrix[3][3]   0.00074752 
_atom_sites.fract_transf_vector[1]      -0.298470 
_atom_sites.fract_transf_vector[2]      -0.117075 
_atom_sites.fract_transf_vector[3]      -0.503834 
# 
loop_
_atom_type.symbol 
C 
N 
O 
S 
# 
loop_
_atom_site.group_PDB 
_atom_site.id 
_atom_site.type_symbol 
_atom_site.label_atom_id 
_atom_site.label_alt_id 
_atom_site.label_comp_id 
_atom_site.label_asym_id 
_atom_site.label_entity_id 
_atom_site.label_seq_id 
_atom_site.pdbx_PDB_ins_code 
_atom_site.Cartn_x 
_atom_site.Cartn_y 
_atom_site.Cartn_z 
_atom_site.occupancy 
_atom_site.B_iso_or_equiv 
_atom_site.pdbx_formal_charge 
_atom_site.auth_seq_id 
_atom_site.auth_comp_id 
_atom_site.auth_asym_id 
_atom_site.auth_atom_id 
_atom_site.pdbx_PDB_model_num 
ATOM   1    N N   . HIS A 1 2   ? 16.526  1.614   11.499  1.00 68.96 ? 8   HIS B N   1 
ATOM   2    C CA  . HIS A 1 2   ? 15.594  0.689   12.231  1.00 62.54 ? 8   HIS B CA  1 
ATOM   3    C C   . HIS A 1 2   ? 16.179  -0.730  12.237  1.00 60.95 ? 8   HIS B C   1 
ATOM   4    O O   . HIS A 1 2   ? 17.065  -1.022  11.395  1.00 64.71 ? 8   HIS B O   1 
ATOM   5    C CB  . HIS A 1 2   ? 14.176  0.743   11.622  1.00 53.94 ? 8   HIS B CB  1 
ATOM   6    C CG  . HIS A 1 2   ? 14.047  0.118   10.269  1.00 49.61 ? 8   HIS B CG  1 
ATOM   7    N ND1 . HIS A 1 2   ? 13.880  -1.244  10.099  1.00 49.34 ? 8   HIS B ND1 1 
ATOM   8    C CD2 . HIS A 1 2   ? 14.036  0.650   9.026   1.00 46.96 ? 8   HIS B CD2 1 
ATOM   9    C CE1 . HIS A 1 2   ? 13.805  -1.525  8.812   1.00 47.60 ? 8   HIS B CE1 1 
ATOM   10   N NE2 . HIS A 1 2   ? 13.895  -0.384  8.128   1.00 42.74 ? 8   HIS B NE2 1 
ATOM   11   N N   . HIS A 1 3   ? 15.669  -1.582  13.130  1.00 55.87 ? 9   HIS B N   1 
ATOM   12   C CA  . HIS A 1 3   ? 16.058  -3.011  13.281  1.00 57.94 ? 9   HIS B CA  1 
ATOM   13   C C   . HIS A 1 3   ? 14.804  -3.906  13.257  1.00 49.57 ? 9   HIS B C   1 
ATOM   14   O O   . HIS A 1 3   ? 14.736  -4.844  14.078  1.00 49.84 ? 9   HIS B O   1 
ATOM   15   C CB  . HIS A 1 3   ? 16.939  -3.147  14.537  1.00 66.55 ? 9   HIS B CB  1 
ATOM   16   C CG  . HIS A 1 3   ? 18.164  -2.287  14.475  1.00 75.14 ? 9   HIS B CG  1 
ATOM   17   N ND1 . HIS A 1 3   ? 19.194  -2.521  13.570  1.00 76.84 ? 9   HIS B ND1 1 
ATOM   18   C CD2 . HIS A 1 3   ? 18.521  -1.183  15.170  1.00 78.31 ? 9   HIS B CD2 1 
ATOM   19   C CE1 . HIS A 1 3   ? 20.132  -1.608  13.723  1.00 76.49 ? 9   HIS B CE1 1 
ATOM   20   N NE2 . HIS A 1 3   ? 19.745  -0.777  14.702  1.00 80.75 ? 9   HIS B NE2 1 
ATOM   21   N N   . HIS A 1 4   ? 13.876  -3.644  12.314  1.00 42.98 ? 10  HIS B N   1 
ATOM   22   C CA  . HIS A 1 4   ? 12.552  -4.319  12.134  1.00 36.31 ? 10  HIS B CA  1 
ATOM   23   C C   . HIS A 1 4   ? 12.647  -5.442  11.091  1.00 34.96 ? 10  HIS B C   1 
ATOM   24   O O   . HIS A 1 4   ? 11.694  -6.240  10.984  1.00 32.36 ? 10  HIS B O   1 
ATOM   25   C CB  . HIS A 1 4   ? 11.465  -3.309  11.706  1.00 33.92 ? 10  HIS B CB  1 
ATOM   26   C CG  . HIS A 1 4   ? 11.177  -2.255  12.721  1.00 33.83 ? 10  HIS B CG  1 
ATOM   27   N ND1 . HIS A 1 4   ? 11.007  -2.549  14.073  1.00 32.13 ? 10  HIS B ND1 1 
ATOM   28   C CD2 . HIS A 1 4   ? 11.003  -0.920  12.597  1.00 31.81 ? 10  HIS B CD2 1 
ATOM   29   C CE1 . HIS A 1 4   ? 10.748  -1.435  14.731  1.00 39.37 ? 10  HIS B CE1 1 
ATOM   30   N NE2 . HIS A 1 4   ? 10.722  -0.426  13.845  1.00 37.55 ? 10  HIS B NE2 1 
ATOM   31   N N   . HIS A 1 5   ? 13.769  -5.513  10.365  1.00 36.39 ? 11  HIS B N   1 
ATOM   32   C CA  . HIS A 1 5   ? 14.006  -6.441  9.223   1.00 38.11 ? 11  HIS B CA  1 
ATOM   33   C C   . HIS A 1 5   ? 13.699  -7.896  9.606   1.00 36.72 ? 11  HIS B C   1 
ATOM   34   O O   . HIS A 1 5   ? 13.162  -8.609  8.731   1.00 37.27 ? 11  HIS B O   1 
ATOM   35   C CB  . HIS A 1 5   ? 15.438  -6.297  8.665   1.00 46.10 ? 11  HIS B CB  1 
ATOM   36   C CG  . HIS A 1 5   ? 15.793  -4.902  8.272   1.00 53.55 ? 11  HIS B CG  1 
ATOM   37   N ND1 . HIS A 1 5   ? 16.380  -4.004  9.162   1.00 63.46 ? 11  HIS B ND1 1 
ATOM   38   C CD2 . HIS A 1 5   ? 15.640  -4.231  7.105   1.00 58.15 ? 11  HIS B CD2 1 
ATOM   39   C CE1 . HIS A 1 5   ? 16.577  -2.844  8.555   1.00 64.08 ? 11  HIS B CE1 1 
ATOM   40   N NE2 . HIS A 1 5   ? 16.126  -2.955  7.291   1.00 61.43 ? 11  HIS B NE2 1 
ATOM   41   N N   . HIS A 1 6   ? 13.960  -8.317  10.855  1.00 34.98 ? 12  HIS B N   1 
ATOM   42   C CA  . HIS A 1 6   ? 13.756  -9.716  11.331  1.00 34.36 ? 12  HIS B CA  1 
ATOM   43   C C   . HIS A 1 6   ? 12.270  -10.099 11.456  1.00 33.25 ? 12  HIS B C   1 
ATOM   44   O O   . HIS A 1 6   ? 11.993  -11.286 11.644  1.00 33.98 ? 12  HIS B O   1 
ATOM   45   C CB  . HIS A 1 6   ? 14.497  -9.971  12.652  1.00 41.27 ? 12  HIS B CB  1 
ATOM   46   C CG  . HIS A 1 6   ? 14.058  -9.123  13.796  1.00 43.25 ? 12  HIS B CG  1 
ATOM   47   N ND1 . HIS A 1 6   ? 13.302  -9.630  14.842  1.00 51.59 ? 12  HIS B ND1 1 
ATOM   48   C CD2 . HIS A 1 6   ? 14.299  -7.826  14.094  1.00 45.85 ? 12  HIS B CD2 1 
ATOM   49   C CE1 . HIS A 1 6   ? 13.077  -8.679  15.724  1.00 44.72 ? 12  HIS B CE1 1 
ATOM   50   N NE2 . HIS A 1 6   ? 13.677  -7.561  15.292  1.00 49.95 ? 12  HIS B NE2 1 
ATOM   51   N N   . HIS A 1 7   ? 11.328  -9.150  11.382  1.00 27.40 ? 13  HIS B N   1 
ATOM   52   C CA  . HIS A 1 7   ? 9.862   -9.424  11.350  1.00 23.45 ? 13  HIS B CA  1 
ATOM   53   C C   . HIS A 1 7   ? 9.383   -9.543  9.909   1.00 21.22 ? 13  HIS B C   1 
ATOM   54   O O   . HIS A 1 7   ? 8.172   -9.416  9.688   1.00 18.84 ? 13  HIS B O   1 
ATOM   55   C CB  . HIS A 1 7   ? 9.107   -8.318  12.070  1.00 23.24 ? 13  HIS B CB  1 
ATOM   56   C CG  . HIS A 1 7   ? 9.529   -8.186  13.499  1.00 23.90 ? 13  HIS B CG  1 
ATOM   57   N ND1 . HIS A 1 7   ? 9.317   -9.223  14.392  1.00 24.27 ? 13  HIS B ND1 1 
ATOM   58   C CD2 . HIS A 1 7   ? 10.079  -7.164  14.181  1.00 25.87 ? 13  HIS B CD2 1 
ATOM   59   C CE1 . HIS A 1 7   ? 9.772   -8.847  15.572  1.00 24.03 ? 13  HIS B CE1 1 
ATOM   60   N NE2 . HIS A 1 7   ? 10.245  -7.602  15.485  1.00 27.37 ? 13  HIS B NE2 1 
ATOM   61   N N   . MET A 1 8   ? 10.302  -9.702  8.964   1.00 22.20 ? 14  MET B N   1 
ATOM   62   C CA  . MET A 1 8   ? 9.983   -9.788  7.513   1.00 24.88 ? 14  MET B CA  1 
ATOM   63   C C   . MET A 1 8   ? 8.934   -10.876 7.270   1.00 24.11 ? 14  MET B C   1 
ATOM   64   O O   . MET A 1 8   ? 9.057   -12.002 7.799   1.00 26.56 ? 14  MET B O   1 
ATOM   65   C CB  . MET A 1 8   ? 11.249  -10.105 6.709   1.00 30.55 ? 14  MET B CB  1 
ATOM   66   C CG  . MET A 1 8   ? 11.068  -10.141 5.188   1.00 37.29 ? 14  MET B CG  1 
ATOM   67   S SD  . MET A 1 8   ? 10.803  -8.500  4.394   1.00 47.53 ? 14  MET B SD  1 
ATOM   68   C CE  . MET A 1 8   ? 12.483  -7.890  4.282   1.00 39.06 ? 14  MET B CE  1 
ATOM   69   N N   . VAL A 1 9   ? 7.905   -10.565 6.486   1.00 20.32 ? 15  VAL B N   1 
ATOM   70   C CA  . VAL A 1 9   ? 6.836   -11.508 6.058   1.00 21.35 ? 15  VAL B CA  1 
ATOM   71   C C   . VAL A 1 9   ? 6.824   -11.515 4.519   1.00 22.73 ? 15  VAL B C   1 
ATOM   72   O O   . VAL A 1 9   ? 7.096   -10.470 3.872   1.00 21.02 ? 15  VAL B O   1 
ATOM   73   C CB  . VAL A 1 9   ? 5.465   -11.166 6.659   1.00 22.66 ? 15  VAL B CB  1 
ATOM   74   C CG1 . VAL A 1 9   ? 5.474   -11.412 8.154   1.00 25.72 ? 15  VAL B CG1 1 
ATOM   75   C CG2 . VAL A 1 9   ? 5.034   -9.742  6.373   1.00 22.80 ? 15  VAL B CG2 1 
ATOM   76   N N   . HIS A 1 10  ? 6.474   -12.656 3.948   1.00 22.55 ? 16  HIS B N   1 
ATOM   77   C CA  . HIS A 1 10  ? 6.396   -12.842 2.482   1.00 22.03 ? 16  HIS B CA  1 
ATOM   78   C C   . HIS A 1 10  ? 4.974   -12.481 2.042   1.00 22.09 ? 16  HIS B C   1 
ATOM   79   O O   . HIS A 1 10  ? 4.036   -13.190 2.388   1.00 25.24 ? 16  HIS B O   1 
ATOM   80   C CB  . HIS A 1 10  ? 6.725   -14.283 2.119   1.00 22.07 ? 16  HIS B CB  1 
ATOM   81   C CG  . HIS A 1 10  ? 6.785   -14.549 0.648   1.00 27.37 ? 16  HIS B CG  1 
ATOM   82   N ND1 . HIS A 1 10  ? 7.879   -14.195 -0.111  1.00 30.16 ? 16  HIS B ND1 1 
ATOM   83   C CD2 . HIS A 1 10  ? 5.879   -15.091 -0.196  1.00 30.70 ? 16  HIS B CD2 1 
ATOM   84   C CE1 . HIS A 1 10  ? 7.671   -14.538 -1.374  1.00 29.36 ? 16  HIS B CE1 1 
ATOM   85   N NE2 . HIS A 1 10  ? 6.438   -15.096 -1.456  1.00 33.47 ? 16  HIS B NE2 1 
ATOM   86   N N   . ILE A 1 11  ? 4.815   -11.306 1.438   1.00 17.53 ? 17  ILE B N   1 
ATOM   87   C CA  . ILE A 1 11  ? 3.471   -10.851 1.025   1.00 18.63 ? 17  ILE B CA  1 
ATOM   88   C C   . ILE A 1 11  ? 3.219   -11.291 -0.425  1.00 18.28 ? 17  ILE B C   1 
ATOM   89   O O   . ILE A 1 11  ? 4.138   -11.250 -1.209  1.00 17.22 ? 17  ILE B O   1 
ATOM   90   C CB  . ILE A 1 11  ? 3.377   -9.320  1.171   1.00 17.02 ? 17  ILE B CB  1 
ATOM   91   C CG1 . ILE A 1 11  ? 3.602   -8.880  2.629   1.00 18.51 ? 17  ILE B CG1 1 
ATOM   92   C CG2 . ILE A 1 11  ? 2.043   -8.846  0.601   1.00 16.85 ? 17  ILE B CG2 1 
ATOM   93   C CD1 . ILE A 1 11  ? 2.714   -9.547  3.661   1.00 18.35 ? 17  ILE B CD1 1 
ATOM   94   N N   . THR A 1 12  ? 2.002   -11.703 -0.711  1.00 16.53 ? 18  THR B N   1 
ATOM   95   C CA  . THR A 1 12  ? 1.570   -11.950 -2.117  1.00 17.68 ? 18  THR B CA  1 
ATOM   96   C C   . THR A 1 12  ? 0.277   -11.188 -2.359  1.00 18.49 ? 18  THR B C   1 
ATOM   97   O O   . THR A 1 12  ? -0.486  -10.911 -1.407  1.00 19.10 ? 18  THR B O   1 
ATOM   98   C CB  . THR A 1 12  ? 1.420   -13.446 -2.394  1.00 20.16 ? 18  THR B CB  1 
ATOM   99   O OG1 . THR A 1 12  ? 0.463   -13.981 -1.509  1.00 21.44 ? 18  THR B OG1 1 
ATOM   100  C CG2 . THR A 1 12  ? 2.723   -14.210 -2.282  1.00 22.92 ? 18  THR B CG2 1 
ATOM   101  N N   . LEU A 1 13  ? 0.030   -10.823 -3.621  1.00 16.34 ? 19  LEU B N   1 
ATOM   102  C CA  . LEU A 1 13  ? -1.177  -10.052 -3.959  1.00 16.78 ? 19  LEU B CA  1 
ATOM   103  C C   . LEU A 1 13  ? -2.372  -10.959 -4.206  1.00 16.25 ? 19  LEU B C   1 
ATOM   104  O O   . LEU A 1 13  ? -2.192  -12.062 -4.788  1.00 17.43 ? 19  LEU B O   1 
ATOM   105  C CB  . LEU A 1 13  ? -0.868  -9.215  -5.188  1.00 16.36 ? 19  LEU B CB  1 
ATOM   106  C CG  . LEU A 1 13  ? 0.269   -8.235  -4.977  1.00 16.60 ? 19  LEU B CG  1 
ATOM   107  C CD1 . LEU A 1 13  ? 0.677   -7.556  -6.275  1.00 17.75 ? 19  LEU B CD1 1 
ATOM   108  C CD2 . LEU A 1 13  ? -0.085  -7.180  -3.925  1.00 17.55 ? 19  LEU B CD2 1 
ATOM   109  N N   . ASP A 1 14  ? -3.534  -10.527 -3.805  1.00 15.61 ? 20  ASP B N   1 
ATOM   110  C CA  . ASP A 1 14  ? -4.827  -11.239 -3.942  1.00 15.46 ? 20  ASP B CA  1 
ATOM   111  C C   . ASP A 1 14  ? -5.548  -10.720 -5.208  1.00 16.23 ? 20  ASP B C   1 
ATOM   112  O O   . ASP A 1 14  ? -6.164  -9.675  -5.164  1.00 15.40 ? 20  ASP B O   1 
ATOM   113  C CB  . ASP A 1 14  ? -5.717  -11.125 -2.689  1.00 15.42 ? 20  ASP B CB  1 
ATOM   114  C CG  . ASP A 1 14  ? -7.034  -11.883 -2.712  1.00 21.29 ? 20  ASP B CG  1 
ATOM   115  O OD1 . ASP A 1 14  ? -7.392  -12.349 -3.825  1.00 19.33 ? 20  ASP B OD1 1 
ATOM   116  O OD2 . ASP A 1 14  ? -7.764  -11.939 -1.671  1.00 20.27 ? 20  ASP B OD2 1 
ATOM   117  N N   A ARG A 1 15  ? -5.435  -11.496 -6.297  0.25 16.81 ? 21  ARG B N   1 
ATOM   118  N N   B ARG A 1 15  ? -5.447  -11.475 -6.307  0.25 17.50 ? 21  ARG B N   1 
ATOM   119  C CA  A ARG A 1 15  ? -6.029  -11.224 -7.637  0.25 18.23 ? 21  ARG B CA  1 
ATOM   120  C CA  B ARG A 1 15  ? -6.014  -11.103 -7.632  0.25 19.21 ? 21  ARG B CA  1 
ATOM   121  C C   A ARG A 1 15  ? -7.500  -10.837 -7.521  0.25 17.48 ? 21  ARG B C   1 
ATOM   122  C C   B ARG A 1 15  ? -7.516  -10.827 -7.531  0.25 18.14 ? 21  ARG B C   1 
ATOM   123  O O   A ARG A 1 15  ? -7.955  -9.976  -8.299  0.25 17.38 ? 21  ARG B O   1 
ATOM   124  O O   B ARG A 1 15  ? -8.014  -10.000 -8.318  0.25 17.79 ? 21  ARG B O   1 
ATOM   125  C CB  A ARG A 1 15  ? -5.979  -12.485 -8.513  0.25 19.05 ? 21  ARG B CB  1 
ATOM   126  C CB  B ARG A 1 15  ? -5.776  -12.230 -8.645  0.25 21.56 ? 21  ARG B CB  1 
ATOM   127  C CG  A ARG A 1 15  ? -4.599  -13.108 -8.655  0.25 20.95 ? 21  ARG B CG  1 
ATOM   128  C CG  B ARG A 1 15  ? -4.368  -12.277 -9.213  0.25 24.40 ? 21  ARG B CG  1 
ATOM   129  C CD  A ARG A 1 15  ? -4.534  -14.171 -9.746  0.25 21.42 ? 21  ARG B CD  1 
ATOM   130  C CD  B ARG A 1 15  ? -3.547  -13.419 -8.635  0.25 28.08 ? 21  ARG B CD  1 
ATOM   131  N NE  A ARG A 1 15  ? -3.160  -14.316 -10.198 0.25 21.61 ? 21  ARG B NE  1 
ATOM   132  N NE  B ARG A 1 15  ? -3.738  -14.716 -9.292  0.25 30.65 ? 21  ARG B NE  1 
ATOM   133  C CZ  A ARG A 1 15  ? -2.583  -13.486 -11.044 0.25 21.14 ? 21  ARG B CZ  1 
ATOM   134  C CZ  B ARG A 1 15  ? -4.460  -15.730 -8.816  0.25 33.41 ? 21  ARG B CZ  1 
ATOM   135  N NH1 A ARG A 1 15  ? -3.285  -12.496 -11.556 0.25 22.31 ? 21  ARG B NH1 1 
ATOM   136  N NH1 B ARG A 1 15  ? -5.098  -15.630 -7.664  0.25 36.09 ? 21  ARG B NH1 1 
ATOM   137  N NH2 A ARG A 1 15  ? -1.324  -13.666 -11.389 0.25 21.38 ? 21  ARG B NH2 1 
ATOM   138  N NH2 B ARG A 1 15  ? -4.545  -16.853 -9.505  0.25 35.51 ? 21  ARG B NH2 1 
ATOM   139  N N   . ASN A 1 16  ? -8.232  -11.498 -6.621  1.00 17.24 ? 22  ASN B N   1 
ATOM   140  C CA  . ASN A 1 16  ? -9.694  -11.338 -6.515  1.00 18.67 ? 22  ASN B CA  1 
ATOM   141  C C   . ASN A 1 16  ? -10.090 -9.945  -6.040  1.00 16.18 ? 22  ASN B C   1 
ATOM   142  O O   . ASN A 1 16  ? -11.227 -9.543  -6.298  1.00 16.90 ? 22  ASN B O   1 
ATOM   143  C CB  . ASN A 1 16  ? -10.284 -12.457 -5.656  1.00 21.88 ? 22  ASN B CB  1 
ATOM   144  C CG  . ASN A 1 16  ? -10.295 -13.764 -6.417  1.00 28.75 ? 22  ASN B CG  1 
ATOM   145  O OD1 . ASN A 1 16  ? -10.256 -13.779 -7.646  1.00 34.59 ? 22  ASN B OD1 1 
ATOM   146  N ND2 . ASN A 1 16  ? -10.352 -14.865 -5.692  1.00 40.62 ? 22  ASN B ND2 1 
ATOM   147  N N   . THR A 1 17  ? -9.193  -9.239  -5.327  1.00 15.52 ? 23  THR B N   1 
ATOM   148  C CA  . THR A 1 17  ? -9.445  -7.892  -4.801  1.00 14.43 ? 23  THR B CA  1 
ATOM   149  C C   . THR A 1 17  ? -9.055  -6.808  -5.812  1.00 13.43 ? 23  THR B C   1 
ATOM   150  O O   . THR A 1 17  ? -9.373  -5.645  -5.583  1.00 13.94 ? 23  THR B O   1 
ATOM   151  C CB  . THR A 1 17  ? -8.717  -7.638  -3.471  1.00 13.67 ? 23  THR B CB  1 
ATOM   152  O OG1 . THR A 1 17  ? -7.302  -7.575  -3.696  1.00 14.73 ? 23  THR B OG1 1 
ATOM   153  C CG2 . THR A 1 17  ? -9.125  -8.653  -2.420  1.00 15.32 ? 23  THR B CG2 1 
ATOM   154  N N   . ALA A 1 18  ? -8.303  -7.169  -6.838  1.00 13.85 ? 24  ALA B N   1 
ATOM   155  C CA  . ALA A 1 18  ? -7.701  -6.177  -7.756  1.00 13.12 ? 24  ALA B CA  1 
ATOM   156  C C   . ALA A 1 18  ? -8.767  -5.447  -8.557  1.00 13.91 ? 24  ALA B C   1 
ATOM   157  O O   . ALA A 1 18  ? -9.658  -6.096  -9.154  1.00 15.28 ? 24  ALA B O   1 
ATOM   158  C CB  . ALA A 1 18  ? -6.737  -6.878  -8.653  1.00 14.19 ? 24  ALA B CB  1 
ATOM   159  N N   . ASN A 1 19  ? -8.565  -4.165  -8.780  1.00 13.65 ? 25  ASN B N   1 
ATOM   160  C CA  . ASN A 1 19  ? -9.252  -3.461  -9.875  1.00 13.93 ? 25  ASN B CA  1 
ATOM   161  C C   . ASN A 1 19  ? -9.057  -4.293  -11.155 1.00 13.46 ? 25  ASN B C   1 
ATOM   162  O O   . ASN A 1 19  ? -7.978  -4.817  -11.416 1.00 13.16 ? 25  ASN B O   1 
ATOM   163  C CB  . ASN A 1 19  ? -8.749  -2.040  -9.912  1.00 14.27 ? 25  ASN B CB  1 
ATOM   164  C CG  . ASN A 1 19  ? -9.349  -1.275  -11.050 1.00 16.66 ? 25  ASN B CG  1 
ATOM   165  O OD1 . ASN A 1 19  ? -8.878  -1.358  -12.173 1.00 15.53 ? 25  ASN B OD1 1 
ATOM   166  N ND2 . ASN A 1 19  ? -10.350 -0.508  -10.747 1.00 20.76 ? 25  ASN B ND2 1 
ATOM   167  N N   . SER A 1 20  ? -10.054 -4.258  -12.008 1.00 12.87 ? 26  SER B N   1 
ATOM   168  C CA  . SER A 1 20  ? -10.123 -5.087  -13.230 1.00 13.46 ? 26  SER B CA  1 
ATOM   169  C C   . SER A 1 20  ? -9.107  -4.637  -14.276 1.00 13.49 ? 26  SER B C   1 
ATOM   170  O O   . SER A 1 20  ? -8.934  -5.402  -15.236 1.00 14.60 ? 26  SER B O   1 
ATOM   171  C CB  . SER A 1 20  ? -11.525 -5.078  -13.802 1.00 15.10 ? 26  SER B CB  1 
ATOM   172  O OG  . SER A 1 20  ? -11.867 -3.754  -14.137 1.00 17.58 ? 26  SER B OG  1 
ATOM   173  N N   . TRP A 1 21  ? -8.444  -3.506  -14.149 1.00 12.52 ? 27  TRP B N   1 
ATOM   174  C CA  . TRP A 1 21  ? -7.404  -3.083  -15.102 1.00 13.29 ? 27  TRP B CA  1 
ATOM   175  C C   . TRP A 1 21  ? -6.015  -3.482  -14.644 1.00 14.70 ? 27  TRP B C   1 
ATOM   176  O O   . TRP A 1 21  ? -5.063  -3.233  -15.381 1.00 14.23 ? 27  TRP B O   1 
ATOM   177  C CB  . TRP A 1 21  ? -7.470  -1.588  -15.312 1.00 14.24 ? 27  TRP B CB  1 
ATOM   178  C CG  . TRP A 1 21  ? -8.653  -1.173  -16.150 1.00 14.26 ? 27  TRP B CG  1 
ATOM   179  C CD1 . TRP A 1 21  ? -9.959  -1.554  -16.020 1.00 14.45 ? 27  TRP B CD1 1 
ATOM   180  C CD2 . TRP A 1 21  ? -8.618  -0.207  -17.198 1.00 16.68 ? 27  TRP B CD2 1 
ATOM   181  N NE1 . TRP A 1 21  ? -10.729 -0.921  -16.968 1.00 17.34 ? 27  TRP B NE1 1 
ATOM   182  C CE2 . TRP A 1 21  ? -9.941  -0.086  -17.676 1.00 15.35 ? 27  TRP B CE2 1 
ATOM   183  C CE3 . TRP A 1 21  ? -7.593  0.528   -17.796 1.00 18.81 ? 27  TRP B CE3 1 
ATOM   184  C CZ2 . TRP A 1 21  ? -10.263 0.776   -18.732 1.00 19.42 ? 27  TRP B CZ2 1 
ATOM   185  C CZ3 . TRP A 1 21  ? -7.920  1.411   -18.822 1.00 20.24 ? 27  TRP B CZ3 1 
ATOM   186  C CH2 . TRP A 1 21  ? -9.242  1.541   -19.247 1.00 20.94 ? 27  TRP B CH2 1 
ATOM   187  N N   . LEU A 1 22  ? -5.885  -4.102  -13.450 1.00 13.59 ? 28  LEU B N   1 
ATOM   188  C CA  . LEU A 1 22  ? -4.527  -4.410  -12.947 1.00 13.72 ? 28  LEU B CA  1 
ATOM   189  C C   . LEU A 1 22  ? -4.039  -5.741  -13.541 1.00 13.72 ? 28  LEU B C   1 
ATOM   190  O O   . LEU A 1 22  ? -4.816  -6.671  -13.740 1.00 14.58 ? 28  LEU B O   1 
ATOM   191  C CB  . LEU A 1 22  ? -4.533  -4.479  -11.418 1.00 12.23 ? 28  LEU B CB  1 
ATOM   192  C CG  . LEU A 1 22  ? -4.828  -3.172  -10.705 1.00 14.05 ? 28  LEU B CG  1 
ATOM   193  C CD1 . LEU A 1 22  ? -4.727  -3.328  -9.195  1.00 13.83 ? 28  LEU B CD1 1 
ATOM   194  C CD2 . LEU A 1 22  ? -3.952  -2.056  -11.152 1.00 15.00 ? 28  LEU B CD2 1 
ATOM   195  N N   . ILE A 1 23  ? -2.727  -5.793  -13.705 1.00 13.14 ? 29  ILE B N   1 
ATOM   196  C CA  . ILE A 1 23  ? -2.010  -7.013  -14.155 1.00 14.32 ? 29  ILE B CA  1 
ATOM   197  C C   . ILE A 1 23  ? -1.052  -7.423  -13.042 1.00 14.42 ? 29  ILE B C   1 
ATOM   198  O O   . ILE A 1 23  ? -0.101  -6.664  -12.737 1.00 15.24 ? 29  ILE B O   1 
ATOM   199  C CB  . ILE A 1 23  ? -1.274  -6.806  -15.461 1.00 15.99 ? 29  ILE B CB  1 
ATOM   200  C CG1 . ILE A 1 23  ? -2.217  -6.362  -16.605 1.00 16.04 ? 29  ILE B CG1 1 
ATOM   201  C CG2 . ILE A 1 23  ? -0.537  -8.107  -15.864 1.00 17.42 ? 29  ILE B CG2 1 
ATOM   202  C CD1 . ILE A 1 23  ? -1.523  -5.905  -17.810 1.00 18.23 ? 29  ILE B CD1 1 
ATOM   203  N N   . ILE A 1 24  ? -1.338  -8.573  -12.448 1.00 16.82 ? 30  ILE B N   1 
ATOM   204  C CA  . ILE A 1 24  ? -0.507  -9.141  -11.357 1.00 16.83 ? 30  ILE B CA  1 
ATOM   205  C C   . ILE A 1 24  ? 0.362   -10.236 -11.948 1.00 19.16 ? 30  ILE B C   1 
ATOM   206  O O   . ILE A 1 24  ? -0.132  -11.118 -12.736 1.00 20.21 ? 30  ILE B O   1 
ATOM   207  C CB  . ILE A 1 24  ? -1.409  -9.629  -10.238 1.00 17.58 ? 30  ILE B CB  1 
ATOM   208  C CG1 . ILE A 1 24  ? -2.091  -8.456  -9.552  1.00 20.90 ? 30  ILE B CG1 1 
ATOM   209  C CG2 . ILE A 1 24  ? -0.641  -10.453 -9.215  1.00 17.94 ? 30  ILE B CG2 1 
ATOM   210  C CD1 . ILE A 1 24  ? -3.134  -8.834  -8.671  1.00 23.06 ? 30  ILE B CD1 1 
ATOM   211  N N   . SER A 1 25  ? 1.635   -10.239 -11.612 1.00 17.75 ? 31  SER B N   1 
ATOM   212  C CA  . SER A 1 25  ? 2.576   -11.228 -12.152 1.00 18.87 ? 31  SER B CA  1 
ATOM   213  C C   . SER A 1 25  ? 2.238   -12.637 -11.650 1.00 16.91 ? 31  SER B C   1 
ATOM   214  O O   . SER A 1 25  ? 1.532   -12.822 -10.667 1.00 17.80 ? 31  SER B O   1 
ATOM   215  C CB  . SER A 1 25  ? 3.947   -10.821 -11.773 1.00 19.68 ? 31  SER B CB  1 
ATOM   216  O OG  . SER A 1 25  ? 4.060   -10.793 -10.351 1.00 19.47 ? 31  SER B OG  1 
ATOM   217  N N   . LYS A 1 26  ? 2.774   -13.639 -12.365 1.00 21.01 ? 32  LYS B N   1 
ATOM   218  C CA  . LYS A 1 26  ? 2.573   -15.070 -12.013 1.00 21.44 ? 32  LYS B CA  1 
ATOM   219  C C   . LYS A 1 26  ? 2.915   -15.345 -10.542 1.00 18.92 ? 32  LYS B C   1 
ATOM   220  O O   . LYS A 1 26  ? 2.175   -16.125 -9.914  1.00 22.83 ? 32  LYS B O   1 
ATOM   221  C CB  . LYS A 1 26  ? 3.453   -15.898 -12.963 1.00 24.82 ? 32  LYS B CB  1 
ATOM   222  C CG  . LYS A 1 26  ? 3.377   -17.386 -12.736 1.00 29.53 ? 32  LYS B CG  1 
ATOM   223  C CD  . LYS A 1 26  ? 3.831   -18.107 -13.973 1.00 28.82 ? 32  LYS B CD  1 
ATOM   224  C CE  . LYS A 1 26  ? 5.133   -17.561 -14.495 1.00 33.89 ? 32  LYS B CE  1 
ATOM   225  N NZ  . LYS A 1 26  ? 5.559   -18.383 -15.636 1.00 37.55 ? 32  LYS B NZ  1 
ATOM   226  N N   . ASP A 1 27  ? 4.015   -14.767 -10.062 1.00 21.65 ? 33  ASP B N   1 
ATOM   227  C CA  . ASP A 1 27  ? 4.490   -15.014 -8.670  1.00 20.49 ? 33  ASP B CA  1 
ATOM   228  C C   . ASP A 1 27  ? 3.671   -14.195 -7.659  1.00 19.00 ? 33  ASP B C   1 
ATOM   229  O O   . ASP A 1 27  ? 3.898   -14.363 -6.450  1.00 19.13 ? 33  ASP B O   1 
ATOM   230  C CB  . ASP A 1 27  ? 5.996   -14.770 -8.539  1.00 21.36 ? 33  ASP B CB  1 
ATOM   231  C CG  . ASP A 1 27  ? 6.457   -13.336 -8.758  1.00 20.81 ? 33  ASP B CG  1 
ATOM   232  O OD1 . ASP A 1 27  ? 5.576   -12.435 -8.972  1.00 20.86 ? 33  ASP B OD1 1 
ATOM   233  O OD2 . ASP A 1 27  ? 7.689   -13.126 -8.678  1.00 24.83 ? 33  ASP B OD2 1 
ATOM   234  N N   . ARG A 1 28  ? 2.737   -13.377 -8.108  1.00 17.34 ? 34  ARG B N   1 
ATOM   235  C CA  . ARG A 1 28  ? 1.835   -12.580 -7.239  1.00 16.66 ? 34  ARG B CA  1 
ATOM   236  C C   . ARG A 1 28  ? 2.692   -11.590 -6.413  1.00 14.28 ? 34  ARG B C   1 
ATOM   237  O O   . ARG A 1 28  ? 2.197   -11.135 -5.369  1.00 15.29 ? 34  ARG B O   1 
ATOM   238  C CB  . ARG A 1 28  ? 0.889   -13.473 -6.422  1.00 20.96 ? 34  ARG B CB  1 
ATOM   239  C CG  . ARG A 1 28  ? -0.053  -14.268 -7.322  1.00 24.35 ? 34  ARG B CG  1 
ATOM   240  C CD  . ARG A 1 28  ? -1.079  -15.083 -6.602  1.00 33.61 ? 34  ARG B CD  1 
ATOM   241  N NE  . ARG A 1 28  ? -0.538  -15.911 -5.539  1.00 42.30 ? 34  ARG B NE  1 
ATOM   242  C CZ  . ARG A 1 28  ? -0.710  -15.721 -4.213  1.00 58.22 ? 34  ARG B CZ  1 
ATOM   243  N NH1 . ARG A 1 28  ? -1.429  -14.710 -3.724  1.00 52.05 ? 34  ARG B NH1 1 
ATOM   244  N NH2 . ARG A 1 28  ? -0.156  -16.583 -3.368  1.00 63.55 ? 34  ARG B NH2 1 
ATOM   245  N N   . ARG A 1 29  ? 3.826   -11.160 -6.919  1.00 13.98 ? 35  ARG B N   1 
ATOM   246  C CA  . ARG A 1 29  ? 4.709   -10.202 -6.205  1.00 15.97 ? 35  ARG B CA  1 
ATOM   247  C C   . ARG A 1 29  ? 4.821   -8.863  -6.921  1.00 15.76 ? 35  ARG B C   1 
ATOM   248  O O   . ARG A 1 29  ? 5.409   -7.930  -6.346  1.00 16.19 ? 35  ARG B O   1 
ATOM   249  C CB  . ARG A 1 29  ? 6.103   -10.789 -6.007  1.00 16.83 ? 35  ARG B CB  1 
ATOM   250  C CG  . ARG A 1 29  ? 6.064   -12.077 -5.194  1.00 19.31 ? 35  ARG B CG  1 
ATOM   251  C CD  . ARG A 1 29  ? 6.128   -11.847 -3.716  1.00 20.48 ? 35  ARG B CD  1 
ATOM   252  N NE  . ARG A 1 29  ? 7.503   -11.509 -3.339  1.00 21.92 ? 35  ARG B NE  1 
ATOM   253  C CZ  . ARG A 1 29  ? 7.872   -11.057 -2.136  1.00 20.77 ? 35  ARG B CZ  1 
ATOM   254  N NH1 . ARG A 1 29  ? 6.962   -10.954 -1.202  1.00 21.12 ? 35  ARG B NH1 1 
ATOM   255  N NH2 . ARG A 1 29  ? 9.135   -10.778 -1.879  1.00 23.23 ? 35  ARG B NH2 1 
ATOM   256  N N   . GLN A 1 30  ? 4.254   -8.692  -8.108  1.00 14.40 ? 36  GLN B N   1 
ATOM   257  C CA  . GLN A 1 30  ? 4.312   -7.425  -8.863  1.00 14.48 ? 36  GLN B CA  1 
ATOM   258  C C   . GLN A 1 30  ? 2.931   -7.088  -9.409  1.00 14.67 ? 36  GLN B C   1 
ATOM   259  O O   . GLN A 1 30  ? 2.136   -7.994  -9.726  1.00 14.88 ? 36  GLN B O   1 
ATOM   260  C CB  . GLN A 1 30  ? 5.267   -7.511  -10.055 1.00 17.26 ? 36  GLN B CB  1 
ATOM   261  C CG  . GLN A 1 30  ? 6.637   -8.017  -9.684  1.00 20.50 ? 36  GLN B CG  1 
ATOM   262  C CD  . GLN A 1 30  ? 7.584   -7.821  -10.846 1.00 24.39 ? 36  GLN B CD  1 
ATOM   263  O OE1 . GLN A 1 30  ? 7.350   -7.016  -11.753 1.00 28.26 ? 36  GLN B OE1 1 
ATOM   264  N NE2 . GLN A 1 30  ? 8.682   -8.534  -10.797 1.00 29.98 ? 36  GLN B NE2 1 
ATOM   265  N N   . VAL A 1 31  ? 2.651   -5.800  -9.500  1.00 13.49 ? 37  VAL B N   1 
ATOM   266  C CA  . VAL A 1 31  ? 1.356   -5.334  -10.059 1.00 13.08 ? 37  VAL B CA  1 
ATOM   267  C C   . VAL A 1 31  ? 1.606   -4.062  -10.852 1.00 14.02 ? 37  VAL B C   1 
ATOM   268  O O   . VAL A 1 31  ? 2.334   -3.182  -10.385 1.00 13.21 ? 37  VAL B O   1 
ATOM   269  C CB  . VAL A 1 31  ? 0.293   -5.171  -8.974  1.00 12.50 ? 37  VAL B CB  1 
ATOM   270  C CG1 . VAL A 1 31  ? 0.711   -4.218  -7.840  1.00 12.89 ? 37  VAL B CG1 1 
ATOM   271  C CG2 . VAL A 1 31  ? -1.051  -4.761  -9.564  1.00 14.10 ? 37  VAL B CG2 1 
ATOM   272  N N   . ARG A 1 32  ? 0.949   -3.927  -11.989 1.00 13.52 ? 38  ARG B N   1 
ATOM   273  C CA  . ARG A 1 32  ? 0.968   -2.677  -12.763 1.00 14.10 ? 38  ARG B CA  1 
ATOM   274  C C   . ARG A 1 32  ? -0.411  -2.437  -13.365 1.00 14.42 ? 38  ARG B C   1 
ATOM   275  O O   . ARG A 1 32  ? -1.231  -3.347  -13.474 1.00 13.04 ? 38  ARG B O   1 
ATOM   276  C CB  . ARG A 1 32  ? 2.020   -2.692  -13.875 1.00 15.33 ? 38  ARG B CB  1 
ATOM   277  C CG  . ARG A 1 32  ? 1.749   -3.745  -14.935 1.00 18.67 ? 38  ARG B CG  1 
ATOM   278  C CD  . ARG A 1 32  ? 2.965   -3.760  -15.867 1.00 20.80 ? 38  ARG B CD  1 
ATOM   279  N NE  . ARG A 1 32  ? 2.738   -4.737  -16.915 1.00 25.49 ? 38  ARG B NE  1 
ATOM   280  C CZ  . ARG A 1 32  ? 2.119   -4.522  -18.065 1.00 22.16 ? 38  ARG B CZ  1 
ATOM   281  N NH1 . ARG A 1 32  ? 1.603   -3.354  -18.376 1.00 25.75 ? 38  ARG B NH1 1 
ATOM   282  N NH2 . ARG A 1 32  ? 2.008   -5.539  -18.927 1.00 27.92 ? 38  ARG B NH2 1 
ATOM   283  N N   A MET A 1 33  ? -0.589  -1.181  -13.776 0.25 13.81 ? 39  MET B N   1 
ATOM   284  N N   B MET A 1 33  ? -0.695  -1.184  -13.721 0.25 14.78 ? 39  MET B N   1 
ATOM   285  C CA  A MET A 1 33  ? -1.787  -0.691  -14.500 0.25 15.07 ? 39  MET B CA  1 
ATOM   286  C CA  B MET A 1 33  ? -2.008  -0.862  -14.340 0.25 16.13 ? 39  MET B CA  1 
ATOM   287  C C   A MET A 1 33  ? -1.741  -1.226  -15.936 0.25 14.99 ? 39  MET B C   1 
ATOM   288  C C   B MET A 1 33  ? -1.902  -1.052  -15.852 0.25 15.83 ? 39  MET B C   1 
ATOM   289  O O   A MET A 1 33  ? -0.713  -1.099  -16.613 0.25 14.87 ? 39  MET B O   1 
ATOM   290  O O   B MET A 1 33  ? -1.043  -0.383  -16.483 0.25 14.90 ? 39  MET B O   1 
ATOM   291  C CB  A MET A 1 33  ? -1.801  0.842   -14.464 0.25 15.53 ? 39  MET B CB  1 
ATOM   292  C CB  B MET A 1 33  ? -2.491  0.559   -14.037 0.25 17.77 ? 39  MET B CB  1 
ATOM   293  C CG  A MET A 1 33  ? -3.089  1.472   -15.006 0.25 16.72 ? 39  MET B CG  1 
ATOM   294  C CG  B MET A 1 33  ? -3.768  0.914   -14.831 0.25 20.20 ? 39  MET B CG  1 
ATOM   295  S SD  A MET A 1 33  ? -4.603  0.770   -14.235 0.25 18.01 ? 39  MET B SD  1 
ATOM   296  S SD  B MET A 1 33  ? -4.649  2.315   -14.108 0.25 23.57 ? 39  MET B SD  1 
ATOM   297  C CE  A MET A 1 33  ? -5.811  2.071   -14.479 0.25 17.95 ? 39  MET B CE  1 
ATOM   298  C CE  B MET A 1 33  ? -6.214  2.159   -14.970 0.25 22.93 ? 39  MET B CE  1 
ATOM   299  N N   . GLY A 1 34  ? -2.798  -1.901  -16.367 1.00 15.23 ? 40  GLY B N   1 
ATOM   300  C CA  . GLY A 1 34  ? -2.938  -2.244  -17.799 1.00 17.37 ? 40  GLY B CA  1 
ATOM   301  C C   . GLY A 1 34  ? -3.528  -1.077  -18.569 1.00 17.27 ? 40  GLY B C   1 
ATOM   302  O O   . GLY A 1 34  ? -3.966  -0.074  -17.966 1.00 17.83 ? 40  GLY B O   1 
ATOM   303  N N   . ASP A 1 35  ? -3.417  -1.138  -19.906 1.00 21.64 ? 41  ASP B N   1 
ATOM   304  C CA  . ASP A 1 35  ? -3.929  -0.019  -20.757 1.00 24.39 ? 41  ASP B CA  1 
ATOM   305  C C   . ASP A 1 35  ? -5.422  -0.282  -21.076 1.00 25.81 ? 41  ASP B C   1 
ATOM   306  O O   . ASP A 1 35  ? -6.050  0.581   -21.727 1.00 25.71 ? 41  ASP B O   1 
ATOM   307  C CB  . ASP A 1 35  ? -3.021  0.215   -21.981 1.00 30.27 ? 41  ASP B CB  1 
ATOM   308  C CG  . ASP A 1 35  ? -1.697  0.961   -21.701 1.00 41.09 ? 41  ASP B CG  1 
ATOM   309  O OD1 . ASP A 1 35  ? -1.606  1.679   -20.674 1.00 42.76 ? 41  ASP B OD1 1 
ATOM   310  O OD2 . ASP A 1 35  ? -0.747  0.858   -22.528 1.00 39.48 ? 41  ASP B OD2 1 
ATOM   311  N N   . THR A 1 36  ? -6.028  -1.320  -20.502 1.00 19.27 ? 42  THR B N   1 
ATOM   312  C CA  . THR A 1 36  ? -7.454  -1.710  -20.756 1.00 18.62 ? 42  THR B CA  1 
ATOM   313  C C   . THR A 1 36  ? -7.986  -2.653  -19.660 1.00 15.78 ? 42  THR B C   1 
ATOM   314  O O   . THR A 1 36  ? -7.188  -3.222  -18.806 1.00 14.94 ? 42  THR B O   1 
ATOM   315  C CB  . THR A 1 36  ? -7.467  -2.345  -22.145 1.00 20.18 ? 42  THR B CB  1 
ATOM   316  O OG1 . THR A 1 36  ? -8.804  -2.454  -22.553 1.00 21.08 ? 42  THR B OG1 1 
ATOM   317  C CG2 . THR A 1 36  ? -6.877  -3.737  -22.165 1.00 21.53 ? 42  THR B CG2 1 
ATOM   318  N N   . HIS A 1 37  ? -9.278  -2.981  -19.649 1.00 15.85 ? 43  HIS B N   1 
ATOM   319  C CA  . HIS A 1 37  ? -9.850  -4.052  -18.794 1.00 14.56 ? 43  HIS B CA  1 
ATOM   320  C C   . HIS A 1 37  ? -9.149  -5.378  -19.051 1.00 16.56 ? 43  HIS B C   1 
ATOM   321  O O   . HIS A 1 37  ? -8.987  -5.763  -20.248 1.00 17.34 ? 43  HIS B O   1 
ATOM   322  C CB  . HIS A 1 37  ? -11.366 -4.108  -19.047 1.00 14.59 ? 43  HIS B CB  1 
ATOM   323  C CG  . HIS A 1 37  ? -12.176 -5.003  -18.189 1.00 14.12 ? 43  HIS B CG  1 
ATOM   324  N ND1 . HIS A 1 37  ? -12.119 -6.394  -18.226 1.00 14.20 ? 43  HIS B ND1 1 
ATOM   325  C CD2 . HIS A 1 37  ? -13.147 -4.700  -17.299 1.00 14.40 ? 43  HIS B CD2 1 
ATOM   326  C CE1 . HIS A 1 37  ? -12.995 -6.870  -17.387 1.00 14.95 ? 43  HIS B CE1 1 
ATOM   327  N NE2 . HIS A 1 37  ? -13.636 -5.836  -16.776 1.00 15.34 ? 43  HIS B NE2 1 
ATOM   328  N N   . GLN A 1 38  ? -8.771  -6.104  -17.989 1.00 15.60 ? 44  GLN B N   1 
ATOM   329  C CA  . GLN A 1 38  ? -7.958  -7.333  -18.105 1.00 15.81 ? 44  GLN B CA  1 
ATOM   330  C C   . GLN A 1 38  ? -8.815  -8.597  -18.240 1.00 16.89 ? 44  GLN B C   1 
ATOM   331  O O   . GLN A 1 38  ? -8.279  -9.712  -18.063 1.00 17.73 ? 44  GLN B O   1 
ATOM   332  C CB  . GLN A 1 38  ? -6.939  -7.371  -16.953 1.00 15.36 ? 44  GLN B CB  1 
ATOM   333  C CG  . GLN A 1 38  ? -5.938  -6.255  -17.063 1.00 15.52 ? 44  GLN B CG  1 
ATOM   334  C CD  . GLN A 1 38  ? -5.204  -6.198  -18.361 1.00 15.83 ? 44  GLN B CD  1 
ATOM   335  O OE1 . GLN A 1 38  ? -5.119  -5.188  -19.045 1.00 18.91 ? 44  GLN B OE1 1 
ATOM   336  N NE2 . GLN A 1 38  ? -4.702  -7.331  -18.795 1.00 14.87 ? 44  GLN B NE2 1 
ATOM   337  N N   . ASN A 1 39  ? -10.098 -8.480  -18.579 1.00 15.38 ? 45  ASN B N   1 
ATOM   338  C CA  . ASN A 1 39  ? -10.904 -9.640  -19.061 1.00 14.93 ? 45  ASN B CA  1 
ATOM   339  C C   . ASN A 1 39  ? -11.225 -10.600 -17.923 1.00 16.31 ? 45  ASN B C   1 
ATOM   340  O O   . ASN A 1 39  ? -11.391 -11.807 -18.126 1.00 18.65 ? 45  ASN B O   1 
ATOM   341  C CB  . ASN A 1 39  ? -10.273 -10.328 -20.294 1.00 16.01 ? 45  ASN B CB  1 
ATOM   342  C CG  . ASN A 1 39  ? -11.330 -11.089 -21.082 1.00 15.48 ? 45  ASN B CG  1 
ATOM   343  O OD1 . ASN A 1 39  ? -12.510 -10.711 -21.136 1.00 15.19 ? 45  ASN B OD1 1 
ATOM   344  N ND2 . ASN A 1 39  ? -10.967 -12.251 -21.655 1.00 14.94 ? 45  ASN B ND2 1 
ATOM   345  N N   . VAL A 1 40  ? -11.410 -10.050 -16.720 1.00 17.72 ? 46  VAL B N   1 
ATOM   346  C CA  . VAL A 1 40  ? -11.834 -10.797 -15.503 1.00 18.09 ? 46  VAL B CA  1 
ATOM   347  C C   . VAL A 1 40  ? -13.323 -10.522 -15.223 1.00 17.76 ? 46  VAL B C   1 
ATOM   348  O O   . VAL A 1 40  ? -13.781 -9.431  -15.554 1.00 18.61 ? 46  VAL B O   1 
ATOM   349  C CB  . VAL A 1 40  ? -10.956 -10.435 -14.288 1.00 18.82 ? 46  VAL B CB  1 
ATOM   350  C CG1 . VAL A 1 40  ? -9.520  -10.917 -14.485 1.00 22.38 ? 46  VAL B CG1 1 
ATOM   351  C CG2 . VAL A 1 40  ? -10.982 -8.946  -13.981 1.00 20.33 ? 46  VAL B CG2 1 
ATOM   352  N N   . SER A 1 41  ? -14.025 -11.435 -14.559 1.00 19.69 ? 47  SER B N   1 
ATOM   353  C CA  . SER A 1 41  ? -15.394 -11.185 -14.061 1.00 20.39 ? 47  SER B CA  1 
ATOM   354  C C   . SER A 1 41  ? -15.364 -10.176 -12.916 1.00 19.28 ? 47  SER B C   1 
ATOM   355  O O   . SER A 1 41  ? -14.378 -10.098 -12.178 1.00 18.09 ? 47  SER B O   1 
ATOM   356  C CB  . SER A 1 41  ? -16.081 -12.458 -13.635 1.00 23.71 ? 47  SER B CB  1 
ATOM   357  O OG  . SER A 1 41  ? -15.335 -13.095 -12.619 1.00 25.84 ? 47  SER B OG  1 
ATOM   358  N N   . ASP A 1 42  ? -16.448 -9.464  -12.702 1.00 19.50 ? 48  ASP B N   1 
ATOM   359  C CA  . ASP A 1 42  ? -16.588 -8.565  -11.540 1.00 19.00 ? 48  ASP B CA  1 
ATOM   360  C C   . ASP A 1 42  ? -16.977 -9.403  -10.326 1.00 20.98 ? 48  ASP B C   1 
ATOM   361  O O   . ASP A 1 42  ? -17.482 -10.537 -10.460 1.00 21.71 ? 48  ASP B O   1 
ATOM   362  C CB  . ASP A 1 42  ? -17.588 -7.465  -11.835 1.00 21.99 ? 48  ASP B CB  1 
ATOM   363  C CG  . ASP A 1 42  ? -17.535 -6.373  -10.797 1.00 27.11 ? 48  ASP B CG  1 
ATOM   364  O OD1 . ASP A 1 42  ? -16.385 -6.036  -10.268 1.00 19.65 ? 48  ASP B OD1 1 
ATOM   365  O OD2 . ASP A 1 42  ? -18.653 -5.992  -10.396 1.00 36.79 ? 48  ASP B OD2 1 
ATOM   366  N N   . ASN A 1 43  ? -16.659 -8.875  -9.137  1.00 18.94 ? 49  ASN B N   1 
ATOM   367  C CA  . ASN A 1 43  ? -17.027 -9.500  -7.847  1.00 20.60 ? 49  ASN B CA  1 
ATOM   368  C C   . ASN A 1 43  ? -17.059 -8.394  -6.791  1.00 20.54 ? 49  ASN B C   1 
ATOM   369  O O   . ASN A 1 43  ? -16.680 -7.225  -7.084  1.00 21.87 ? 49  ASN B O   1 
ATOM   370  C CB  . ASN A 1 43  ? -16.123 -10.663 -7.491  1.00 20.12 ? 49  ASN B CB  1 
ATOM   371  C CG  . ASN A 1 43  ? -14.721 -10.214 -7.118  1.00 20.15 ? 49  ASN B CG  1 
ATOM   372  O OD1 . ASN A 1 43  ? -14.572 -9.337  -6.273  1.00 21.95 ? 49  ASN B OD1 1 
ATOM   373  N ND2 . ASN A 1 43  ? -13.731 -10.711 -7.776  1.00 19.05 ? 49  ASN B ND2 1 
ATOM   374  N N   . LYS A 1 44  ? -17.573 -8.730  -5.620  1.00 22.69 ? 50  LYS B N   1 
ATOM   375  C CA  . LYS A 1 44  ? -17.855 -7.708  -4.590  1.00 22.97 ? 50  LYS B CA  1 
ATOM   376  C C   . LYS A 1 44  ? -16.537 -7.269  -3.917  1.00 19.48 ? 50  LYS B C   1 
ATOM   377  O O   . LYS A 1 44  ? -16.567 -6.210  -3.266  1.00 21.07 ? 50  LYS B O   1 
ATOM   378  C CB  . LYS A 1 44  ? -18.804 -8.301  -3.529  1.00 25.80 ? 50  LYS B CB  1 
ATOM   379  C CG  . LYS A 1 44  ? -18.230 -9.483  -2.773  1.00 31.46 ? 50  LYS B CG  1 
ATOM   380  C CD  . LYS A 1 44  ? -19.238 -10.303 -1.964  1.00 41.32 ? 50  LYS B CD  1 
ATOM   381  C CE  . LYS A 1 44  ? -18.521 -11.205 -0.978  1.00 46.60 ? 50  LYS B CE  1 
ATOM   382  N NZ  . LYS A 1 44  ? -19.476 -11.934 -0.108  1.00 55.87 ? 50  LYS B NZ  1 
ATOM   383  N N   . GLU A 1 45  ? -15.469 -8.041  -4.064  1.00 19.30 ? 51  GLU B N   1 
ATOM   384  C CA  . GLU A 1 45  ? -14.144 -7.717  -3.443  1.00 18.63 ? 51  GLU B CA  1 
ATOM   385  C C   . GLU A 1 45  ? -13.408 -6.635  -4.260  1.00 18.51 ? 51  GLU B C   1 
ATOM   386  O O   . GLU A 1 45  ? -12.545 -5.926  -3.669  1.00 18.82 ? 51  GLU B O   1 
ATOM   387  C CB  . GLU A 1 45  ? -13.286 -8.961  -3.356  1.00 21.93 ? 51  GLU B CB  1 
ATOM   388  C CG  . GLU A 1 45  ? -13.794 -10.082 -2.439  1.00 26.44 ? 51  GLU B CG  1 
ATOM   389  C CD  . GLU A 1 45  ? -12.817 -11.259 -2.455  1.00 32.10 ? 51  GLU B CD  1 
ATOM   390  O OE1 . GLU A 1 45  ? -13.106 -12.280 -3.139  1.00 40.07 ? 51  GLU B OE1 1 
ATOM   391  O OE2 . GLU A 1 45  ? -11.735 -11.166 -1.848  1.00 37.42 ? 51  GLU B OE2 1 
ATOM   392  N N   . ARG A 1 46  ? -13.641 -6.507  -5.569  1.00 16.83 ? 52  ARG B N   1 
ATOM   393  C CA  . ARG A 1 46  ? -12.743 -5.683  -6.413  1.00 15.85 ? 52  ARG B CA  1 
ATOM   394  C C   . ARG A 1 46  ? -12.893 -4.199  -6.119  1.00 15.61 ? 52  ARG B C   1 
ATOM   395  O O   . ARG A 1 46  ? -14.022 -3.645  -6.062  1.00 16.69 ? 52  ARG B O   1 
ATOM   396  C CB  . ARG A 1 46  ? -13.019 -5.884  -7.906  1.00 14.09 ? 52  ARG B CB  1 
ATOM   397  C CG  . ARG A 1 46  ? -12.696 -7.257  -8.425  1.00 15.99 ? 52  ARG B CG  1 
ATOM   398  C CD  . ARG A 1 46  ? -12.583 -7.250  -9.968  1.00 15.20 ? 52  ARG B CD  1 
ATOM   399  N NE  . ARG A 1 46  ? -12.476 -8.611  -10.444 1.00 16.78 ? 52  ARG B NE  1 
ATOM   400  C CZ  . ARG A 1 46  ? -11.426 -9.390  -10.288 1.00 15.99 ? 52  ARG B CZ  1 
ATOM   401  N NH1 . ARG A 1 46  ? -10.286 -8.905  -9.795  1.00 15.38 ? 52  ARG B NH1 1 
ATOM   402  N NH2 . ARG A 1 46  ? -11.463 -10.676 -10.637 1.00 19.33 ? 52  ARG B NH2 1 
ATOM   403  N N   . PHE A 1 47  ? -11.783 -3.476  -5.948  1.00 14.28 ? 53  PHE B N   1 
ATOM   404  C CA  . PHE A 1 47  ? -11.843 -2.012  -5.888  1.00 13.82 ? 53  PHE B CA  1 
ATOM   405  C C   . PHE A 1 47  ? -12.316 -1.485  -7.262  1.00 17.17 ? 53  PHE B C   1 
ATOM   406  O O   . PHE A 1 47  ? -11.650 -1.755  -8.260  1.00 16.18 ? 53  PHE B O   1 
ATOM   407  C CB  . PHE A 1 47  ? -10.500 -1.410  -5.522  1.00 14.31 ? 53  PHE B CB  1 
ATOM   408  C CG  . PHE A 1 47  ? -10.146 -1.630  -4.068  1.00 13.87 ? 53  PHE B CG  1 
ATOM   409  C CD1 . PHE A 1 47  ? -10.674 -0.794  -3.095  1.00 13.61 ? 53  PHE B CD1 1 
ATOM   410  C CD2 . PHE A 1 47  ? -9.269  -2.637  -3.683  1.00 15.22 ? 53  PHE B CD2 1 
ATOM   411  C CE1 . PHE A 1 47  ? -10.351 -0.967  -1.757  1.00 15.39 ? 53  PHE B CE1 1 
ATOM   412  C CE2 . PHE A 1 47  ? -8.940  -2.784  -2.329  1.00 14.88 ? 53  PHE B CE2 1 
ATOM   413  C CZ  . PHE A 1 47  ? -9.494  -1.947  -1.376  1.00 13.88 ? 53  PHE B CZ  1 
ATOM   414  N N   . SER A 1 48  ? -13.417 -0.771  -7.316  1.00 17.50 ? 54  SER B N   1 
ATOM   415  C CA  . SER A 1 48  ? -14.030 -0.388  -8.617  1.00 18.96 ? 54  SER B CA  1 
ATOM   416  C C   . SER A 1 48  ? -13.472 0.928   -9.143  1.00 18.23 ? 54  SER B C   1 
ATOM   417  O O   . SER A 1 48  ? -13.314 1.037   -10.377 1.00 20.96 ? 54  SER B O   1 
ATOM   418  C CB  . SER A 1 48  ? -15.531 -0.345  -8.441  1.00 18.35 ? 54  SER B CB  1 
ATOM   419  O OG  . SER A 1 48  ? -15.955 0.637   -7.529  1.00 18.47 ? 54  SER B OG  1 
ATOM   420  N N   . ASN A 1 49  ? -13.181 1.914   -8.318  1.00 16.05 ? 55  ASN B N   1 
ATOM   421  C CA  . ASN A 1 49  ? -12.942 3.323   -8.735  1.00 17.45 ? 55  ASN B CA  1 
ATOM   422  C C   . ASN A 1 49  ? -11.458 3.624   -8.925  1.00 16.64 ? 55  ASN B C   1 
ATOM   423  O O   . ASN A 1 49  ? -11.135 4.655   -9.519  1.00 18.33 ? 55  ASN B O   1 
ATOM   424  C CB  . ASN A 1 49  ? -13.575 4.345   -7.802  1.00 18.43 ? 55  ASN B CB  1 
ATOM   425  C CG  . ASN A 1 49  ? -15.090 4.427   -7.924  1.00 21.95 ? 55  ASN B CG  1 
ATOM   426  O OD1 . ASN A 1 49  ? -15.770 3.404   -8.009  1.00 24.44 ? 55  ASN B OD1 1 
ATOM   427  N ND2 . ASN A 1 49  ? -15.594 5.652   -7.904  1.00 27.82 ? 55  ASN B ND2 1 
ATOM   428  N N   . TYR A 1 50  ? -10.567 2.851   -8.288  1.00 15.02 ? 56  TYR B N   1 
ATOM   429  C CA  . TYR A 1 50  ? -9.138  3.207   -8.237  1.00 14.10 ? 56  TYR B CA  1 
ATOM   430  C C   . TYR A 1 50  ? -8.306  1.954   -8.510  1.00 12.87 ? 56  TYR B C   1 
ATOM   431  O O   . TYR A 1 50  ? -8.747  0.834   -8.252  1.00 14.14 ? 56  TYR B O   1 
ATOM   432  C CB  . TYR A 1 50  ? -8.751  3.759   -6.851  1.00 15.05 ? 56  TYR B CB  1 
ATOM   433  C CG  . TYR A 1 50  ? -9.721  4.760   -6.258  1.00 16.21 ? 56  TYR B CG  1 
ATOM   434  C CD1 . TYR A 1 50  ? -9.731  6.061   -6.731  1.00 18.92 ? 56  TYR B CD1 1 
ATOM   435  C CD2 . TYR A 1 50  ? -10.667 4.426   -5.287  1.00 17.26 ? 56  TYR B CD2 1 
ATOM   436  C CE1 . TYR A 1 50  ? -10.607 7.021   -6.229  1.00 21.08 ? 56  TYR B CE1 1 
ATOM   437  C CE2 . TYR A 1 50  ? -11.572 5.364   -4.796  1.00 19.18 ? 56  TYR B CE2 1 
ATOM   438  C CZ  . TYR A 1 50  ? -11.529 6.666   -5.260  1.00 20.07 ? 56  TYR B CZ  1 
ATOM   439  O OH  . TYR A 1 50  ? -12.383 7.604   -4.736  1.00 20.38 ? 56  TYR B OH  1 
ATOM   440  N N   . PRO A 1 51  ? -7.016  2.114   -8.930  1.00 12.73 ? 57  PRO B N   1 
ATOM   441  C CA  . PRO A 1 51  ? -6.188  0.964   -9.281  1.00 13.01 ? 57  PRO B CA  1 
ATOM   442  C C   . PRO A 1 51  ? -5.516  0.280   -8.067  1.00 12.01 ? 57  PRO B C   1 
ATOM   443  O O   . PRO A 1 51  ? -4.293  0.192   -7.957  1.00 12.58 ? 57  PRO B O   1 
ATOM   444  C CB  . PRO A 1 51  ? -5.131  1.547   -10.266 1.00 15.03 ? 57  PRO B CB  1 
ATOM   445  C CG  . PRO A 1 51  ? -5.559  2.977   -10.519 1.00 16.08 ? 57  PRO B CG  1 
ATOM   446  C CD  . PRO A 1 51  ? -6.434  3.369   -9.377  1.00 14.40 ? 57  PRO B CD  1 
ATOM   447  N N   . MET A 1 52  ? -6.399  -0.216  -7.181  1.00 11.77 ? 58  MET B N   1 
ATOM   448  C CA  . MET A 1 52  ? -6.015  -0.760  -5.857  1.00 11.44 ? 58  MET B CA  1 
ATOM   449  C C   . MET A 1 52  ? -6.127  -2.277  -5.817  1.00 11.97 ? 58  MET B C   1 
ATOM   450  O O   . MET A 1 52  ? -6.884  -2.924  -6.569  1.00 12.14 ? 58  MET B O   1 
ATOM   451  C CB  . MET A 1 52  ? -6.908  -0.167  -4.773  1.00 12.01 ? 58  MET B CB  1 
ATOM   452  C CG  . MET A 1 52  ? -6.719  1.308   -4.574  1.00 11.95 ? 58  MET B CG  1 
ATOM   453  S SD  . MET A 1 52  ? -8.067  2.017   -3.597  1.00 13.83 ? 58  MET B SD  1 
ATOM   454  C CE  . MET A 1 52  ? -7.640  3.736   -3.437  1.00 14.77 ? 58  MET B CE  1 
ATOM   455  N N   . VAL A 1 53  ? -5.337  -2.884  -4.925  1.00 11.55 ? 59  VAL B N   1 
ATOM   456  C CA  . VAL A 1 53  ? -5.324  -4.342  -4.682  1.00 12.03 ? 59  VAL B CA  1 
ATOM   457  C C   . VAL A 1 53  ? -4.844  -4.572  -3.252  1.00 12.74 ? 59  VAL B C   1 
ATOM   458  O O   . VAL A 1 53  ? -4.067  -3.732  -2.717  1.00 13.04 ? 59  VAL B O   1 
ATOM   459  C CB  . VAL A 1 53  ? -4.470  -5.065  -5.744  1.00 12.58 ? 59  VAL B CB  1 
ATOM   460  C CG1 . VAL A 1 53  ? -3.022  -4.642  -5.735  1.00 12.53 ? 59  VAL B CG1 1 
ATOM   461  C CG2 . VAL A 1 53  ? -4.547  -6.584  -5.608  1.00 12.69 ? 59  VAL B CG2 1 
ATOM   462  N N   . LEU A 1 54  ? -5.281  -5.678  -2.660  1.00 12.53 ? 60  LEU B N   1 
ATOM   463  C CA  . LEU A 1 54  ? -4.838  -6.095  -1.311  1.00 12.49 ? 60  LEU B CA  1 
ATOM   464  C C   . LEU A 1 54  ? -3.861  -7.236  -1.364  1.00 12.94 ? 60  LEU B C   1 
ATOM   465  O O   . LEU A 1 54  ? -3.899  -8.111  -2.288  1.00 13.76 ? 60  LEU B O   1 
ATOM   466  C CB  . LEU A 1 54  ? -6.016  -6.483  -0.431  1.00 13.13 ? 60  LEU B CB  1 
ATOM   467  C CG  . LEU A 1 54  ? -7.108  -5.455  -0.288  1.00 13.46 ? 60  LEU B CG  1 
ATOM   468  C CD1 . LEU A 1 54  ? -8.190  -5.871  0.703   1.00 15.33 ? 60  LEU B CD1 1 
ATOM   469  C CD2 . LEU A 1 54  ? -6.580  -4.096  0.125   1.00 13.22 ? 60  LEU B CD2 1 
ATOM   470  N N   . GLY A 1 55  ? -2.992  -7.300  -0.360  1.00 12.77 ? 61  GLY B N   1 
ATOM   471  C CA  . GLY A 1 55  ? -2.275  -8.561  -0.094  1.00 13.16 ? 61  GLY B CA  1 
ATOM   472  C C   . GLY A 1 55  ? -3.219  -9.661  0.383   1.00 13.30 ? 61  GLY B C   1 
ATOM   473  O O   . GLY A 1 55  ? -4.261  -9.367  0.960   1.00 13.92 ? 61  GLY B O   1 
ATOM   474  N N   . ALA A 1 56  ? -2.823  -10.899 0.162   1.00 15.43 ? 62  ALA B N   1 
ATOM   475  C CA  . ALA A 1 56  ? -3.627  -12.072 0.565   1.00 17.91 ? 62  ALA B CA  1 
ATOM   476  C C   . ALA A 1 56  ? -3.572  -12.273 2.081   1.00 18.03 ? 62  ALA B C   1 
ATOM   477  O O   . ALA A 1 56  ? -4.537  -12.798 2.672   1.00 20.84 ? 62  ALA B O   1 
ATOM   478  C CB  . ALA A 1 56  ? -3.117  -13.264 -0.178  1.00 19.38 ? 62  ALA B CB  1 
ATOM   479  N N   . GLN A 1 57  ? -2.465  -11.873 2.687   1.00 16.77 ? 63  GLN B N   1 
ATOM   480  C CA  . GLN A 1 57  ? -2.210  -12.159 4.119   1.00 16.86 ? 63  GLN B CA  1 
ATOM   481  C C   . GLN A 1 57  ? -3.132  -11.284 4.970   1.00 17.67 ? 63  GLN B C   1 
ATOM   482  O O   . GLN A 1 57  ? -3.388  -10.092 4.641   1.00 17.81 ? 63  GLN B O   1 
ATOM   483  C CB  . GLN A 1 57  ? -0.725  -11.933 4.430   1.00 18.69 ? 63  GLN B CB  1 
ATOM   484  C CG  . GLN A 1 57  ? 0.232   -12.952 3.828   1.00 20.60 ? 63  GLN B CG  1 
ATOM   485  C CD  . GLN A 1 57  ? 0.360   -12.830 2.320   1.00 21.62 ? 63  GLN B CD  1 
ATOM   486  O OE1 . GLN A 1 57  ? 0.363   -11.730 1.790   1.00 19.16 ? 63  GLN B OE1 1 
ATOM   487  N NE2 . GLN A 1 57  ? 0.503   -13.934 1.617   1.00 23.21 ? 63  GLN B NE2 1 
ATOM   488  N N   . ARG A 1 58  ? -3.674  -11.842 6.055   1.00 18.33 ? 64  ARG B N   1 
ATOM   489  C CA  . ARG A 1 58  ? -4.420  -11.114 7.096   1.00 18.90 ? 64  ARG B CA  1 
ATOM   490  C C   . ARG A 1 58  ? -3.634  -11.145 8.406   1.00 16.09 ? 64  ARG B C   1 
ATOM   491  O O   . ARG A 1 58  ? -3.107  -12.204 8.770   1.00 19.53 ? 64  ARG B O   1 
ATOM   492  C CB  . ARG A 1 58  ? -5.771  -11.786 7.410   1.00 23.21 ? 64  ARG B CB  1 
ATOM   493  C CG  . ARG A 1 58  ? -6.914  -11.563 6.418   1.00 31.82 ? 64  ARG B CG  1 
ATOM   494  C CD  . ARG A 1 58  ? -6.482  -11.849 4.994   1.00 33.56 ? 64  ARG B CD  1 
ATOM   495  N NE  . ARG A 1 58  ? -7.344  -12.248 3.867   1.00 38.90 ? 64  ARG B NE  1 
ATOM   496  C CZ  . ARG A 1 58  ? -8.670  -12.335 3.820   1.00 38.40 ? 64  ARG B CZ  1 
ATOM   497  N NH1 . ARG A 1 58  ? -9.245  -12.710 2.691   1.00 42.89 ? 64  ARG B NH1 1 
ATOM   498  N NH2 . ARG A 1 58  ? -9.427  -12.058 4.857   1.00 39.58 ? 64  ARG B NH2 1 
ATOM   499  N N   . PHE A 1 59  ? -3.538  -10.025 9.077   1.00 15.90 ? 65  PHE B N   1 
ATOM   500  C CA  . PHE A 1 59  ? -2.740  -9.900  10.334  1.00 16.37 ? 65  PHE B CA  1 
ATOM   501  C C   . PHE A 1 59  ? -3.669  -9.421  11.445  1.00 15.34 ? 65  PHE B C   1 
ATOM   502  O O   . PHE A 1 59  ? -4.363  -8.413  11.288  1.00 14.91 ? 65  PHE B O   1 
ATOM   503  C CB  . PHE A 1 59  ? -1.597  -8.878  10.118  1.00 18.57 ? 65  PHE B CB  1 
ATOM   504  C CG  . PHE A 1 59  ? -0.630  -9.255  9.011   1.00 19.76 ? 65  PHE B CG  1 
ATOM   505  C CD1 . PHE A 1 59  ? -0.064  -10.518 8.996   1.00 22.95 ? 65  PHE B CD1 1 
ATOM   506  C CD2 . PHE A 1 59  ? -0.333  -8.395  7.987   1.00 28.89 ? 65  PHE B CD2 1 
ATOM   507  C CE1 . PHE A 1 59  ? 0.817   -10.914 7.999   1.00 27.15 ? 65  PHE B CE1 1 
ATOM   508  C CE2 . PHE A 1 59  ? 0.580   -8.772  7.005   1.00 22.50 ? 65  PHE B CE2 1 
ATOM   509  C CZ  . PHE A 1 59  ? 1.092   -10.035 6.990   1.00 23.61 ? 65  PHE B CZ  1 
ATOM   510  N N   A SER A 1 60  ? -3.684  -10.129 12.584  0.25 15.60 ? 66  SER B N   1 
ATOM   511  N N   B SER A 1 60  ? -3.694  -10.141 12.577  0.25 15.74 ? 66  SER B N   1 
ATOM   512  C CA  A SER A 1 60  ? -4.541  -9.781  13.749  0.25 16.03 ? 66  SER B CA  1 
ATOM   513  C CA  B SER A 1 60  ? -4.511  -9.789  13.769  0.25 16.32 ? 66  SER B CA  1 
ATOM   514  C C   A SER A 1 60  ? -3.709  -9.684  15.041  0.25 15.48 ? 66  SER B C   1 
ATOM   515  C C   B SER A 1 60  ? -3.665  -9.832  15.040  0.25 16.11 ? 66  SER B C   1 
ATOM   516  O O   A SER A 1 60  ? -4.283  -9.264  16.075  0.25 14.85 ? 66  SER B O   1 
ATOM   517  O O   B SER A 1 60  ? -4.249  -9.869  16.131  0.25 15.37 ? 66  SER B O   1 
ATOM   518  C CB  A SER A 1 60  ? -5.707  -10.748 13.857  0.25 16.47 ? 66  SER B CB  1 
ATOM   519  C CB  B SER A 1 60  ? -5.672  -10.717 13.917  0.25 16.52 ? 66  SER B CB  1 
ATOM   520  O OG  A SER A 1 60  ? -6.730  -10.414 12.897  0.25 17.48 ? 66  SER B OG  1 
ATOM   521  O OG  B SER A 1 60  ? -5.208  -12.039 14.040  0.25 17.19 ? 66  SER B OG  1 
ATOM   522  N N   A SER A 1 61  ? -2.403  -9.966  14.968  0.25 15.32 ? 67  SER B N   1 
ATOM   523  N N   B SER A 1 61  ? -2.345  -9.848  14.912  0.25 16.98 ? 67  SER B N   1 
ATOM   524  C CA  A SER A 1 61  ? -1.462  -9.889  16.113  0.25 16.05 ? 67  SER B CA  1 
ATOM   525  C CA  B SER A 1 61  ? -1.444  -9.893  16.079  0.25 18.30 ? 67  SER B CA  1 
ATOM   526  C C   A SER A 1 61  ? -0.031  -9.682  15.610  0.25 16.94 ? 67  SER B C   1 
ATOM   527  C C   B SER A 1 61  ? 0.004   -9.804  15.617  0.25 18.21 ? 67  SER B C   1 
ATOM   528  O O   A SER A 1 61  ? 0.186   -9.808  14.403  0.25 16.93 ? 67  SER B O   1 
ATOM   529  O O   B SER A 1 61  ? 0.266   -10.180 14.454  0.25 17.02 ? 67  SER B O   1 
ATOM   530  C CB  A SER A 1 61  ? -1.562  -11.157 16.953  0.25 16.45 ? 67  SER B CB  1 
ATOM   531  C CB  B SER A 1 61  ? -1.694  -11.167 16.857  0.25 20.27 ? 67  SER B CB  1 
ATOM   532  O OG  A SER A 1 61  ? -1.034  -12.265 16.247  0.25 15.81 ? 67  SER B OG  1 
ATOM   533  O OG  B SER A 1 61  ? -0.832  -11.223 17.976  0.25 23.42 ? 67  SER B OG  1 
ATOM   534  N N   . GLY A 1 62  ? 0.903   -9.406  16.522  1.00 17.96 ? 68  GLY B N   1 
ATOM   535  C CA  . GLY A 1 62  ? 2.344   -9.482  16.237  1.00 20.27 ? 68  GLY B CA  1 
ATOM   536  C C   . GLY A 1 62  ? 2.897   -8.295  15.465  1.00 16.44 ? 68  GLY B C   1 
ATOM   537  O O   . GLY A 1 62  ? 2.233   -7.252  15.305  1.00 17.55 ? 68  GLY B O   1 
ATOM   538  N N   . LYS A 1 63  ? 4.136   -8.498  15.055  1.00 16.47 ? 69  LYS B N   1 
ATOM   539  C CA  . LYS A 1 63  ? 4.936   -7.507  14.344  1.00 16.58 ? 69  LYS B CA  1 
ATOM   540  C C   . LYS A 1 63  ? 5.210   -8.082  12.959  1.00 15.63 ? 69  LYS B C   1 
ATOM   541  O O   . LYS A 1 63  ? 5.663   -9.217  12.821  1.00 17.76 ? 69  LYS B O   1 
ATOM   542  C CB  . LYS A 1 63  ? 6.195   -7.220  15.150  1.00 17.94 ? 69  LYS B CB  1 
ATOM   543  C CG  . LYS A 1 63  ? 5.971   -6.554  16.506  1.00 18.85 ? 69  LYS B CG  1 
ATOM   544  C CD  . LYS A 1 63  ? 7.290   -6.417  17.349  1.00 22.49 ? 69  LYS B CD  1 
ATOM   545  C CE  . LYS A 1 63  ? 7.134   -5.614  18.618  1.00 25.82 ? 69  LYS B CE  1 
ATOM   546  N NZ  . LYS A 1 63  ? 8.437   -5.511  19.325  1.00 28.64 ? 69  LYS B NZ  1 
ATOM   547  N N   . MET A 1 64  ? 5.041   -7.244  11.940  1.00 15.78 ? 70  MET B N   1 
ATOM   548  C CA  . MET A 1 64  ? 5.192   -7.602  10.509  1.00 15.49 ? 70  MET B CA  1 
ATOM   549  C C   . MET A 1 64  ? 5.942   -6.501  9.773   1.00 14.31 ? 70  MET B C   1 
ATOM   550  O O   . MET A 1 64  ? 5.743   -5.334  10.064  1.00 15.53 ? 70  MET B O   1 
ATOM   551  C CB  . MET A 1 64  ? 3.836   -7.652  9.831   1.00 16.46 ? 70  MET B CB  1 
ATOM   552  C CG  . MET A 1 64  ? 2.998   -8.850  10.190  1.00 17.23 ? 70  MET B CG  1 
ATOM   553  S SD  . MET A 1 64  ? 2.258   -8.981  11.870  1.00 19.47 ? 70  MET B SD  1 
ATOM   554  C CE  . MET A 1 64  ? 1.346   -7.469  12.064  1.00 18.45 ? 70  MET B CE  1 
ATOM   555  N N   . TYR A 1 65  ? 6.786   -6.868  8.835   1.00 14.27 ? 71  TYR B N   1 
ATOM   556  C CA  . TYR A 1 65  ? 7.618   -5.915  8.047   1.00 14.45 ? 71  TYR B CA  1 
ATOM   557  C C   . TYR A 1 65  ? 7.661   -6.427  6.616   1.00 15.63 ? 71  TYR B C   1 
ATOM   558  O O   . TYR A 1 65  ? 7.887   -7.649  6.369   1.00 16.00 ? 71  TYR B O   1 
ATOM   559  C CB  . TYR A 1 65  ? 9.034   -5.807  8.624   1.00 16.12 ? 71  TYR B CB  1 
ATOM   560  C CG  . TYR A 1 65  ? 9.951   -4.876  7.878   1.00 15.41 ? 71  TYR B CG  1 
ATOM   561  C CD1 . TYR A 1 65  ? 9.824   -3.503  8.013   1.00 15.59 ? 71  TYR B CD1 1 
ATOM   562  C CD2 . TYR A 1 65  ? 10.875  -5.374  6.970   1.00 15.74 ? 71  TYR B CD2 1 
ATOM   563  C CE1 . TYR A 1 65  ? 10.620  -2.620  7.292   1.00 16.54 ? 71  TYR B CE1 1 
ATOM   564  C CE2 . TYR A 1 65  ? 11.678  -4.503  6.241   1.00 15.12 ? 71  TYR B CE2 1 
ATOM   565  C CZ  . TYR A 1 65  ? 11.554  -3.142  6.401   1.00 15.81 ? 71  TYR B CZ  1 
ATOM   566  O OH  . TYR A 1 65  ? 12.362  -2.328  5.684   1.00 17.46 ? 71  TYR B OH  1 
ATOM   567  N N   . TRP A 1 66  ? 7.493   -5.531  5.659   1.00 13.16 ? 72  TRP B N   1 
ATOM   568  C CA  . TRP A 1 66  ? 7.756   -5.863  4.242   1.00 13.33 ? 72  TRP B CA  1 
ATOM   569  C C   . TRP A 1 66  ? 8.261   -4.612  3.501   1.00 13.42 ? 72  TRP B C   1 
ATOM   570  O O   . TRP A 1 66  ? 8.178   -3.480  4.041   1.00 14.23 ? 72  TRP B O   1 
ATOM   571  C CB  . TRP A 1 66  ? 6.510   -6.475  3.553   1.00 13.89 ? 72  TRP B CB  1 
ATOM   572  C CG  . TRP A 1 66  ? 5.286   -5.621  3.474   1.00 13.50 ? 72  TRP B CG  1 
ATOM   573  C CD1 . TRP A 1 66  ? 4.872   -4.847  2.409   1.00 13.69 ? 72  TRP B CD1 1 
ATOM   574  C CD2 . TRP A 1 66  ? 4.277   -5.442  4.471   1.00 13.79 ? 72  TRP B CD2 1 
ATOM   575  N NE1 . TRP A 1 66  ? 3.669   -4.247  2.697   1.00 13.64 ? 72  TRP B NE1 1 
ATOM   576  C CE2 . TRP A 1 66  ? 3.289   -4.581  3.962   1.00 14.16 ? 72  TRP B CE2 1 
ATOM   577  C CE3 . TRP A 1 66  ? 4.126   -5.933  5.775   1.00 15.60 ? 72  TRP B CE3 1 
ATOM   578  C CZ2 . TRP A 1 66  ? 2.174   -4.208  4.686   1.00 14.67 ? 72  TRP B CZ2 1 
ATOM   579  C CZ3 . TRP A 1 66  ? 3.015   -5.574  6.495   1.00 17.90 ? 72  TRP B CZ3 1 
ATOM   580  C CH2 . TRP A 1 66  ? 2.065   -4.705  5.973   1.00 16.11 ? 72  TRP B CH2 1 
ATOM   581  N N   . GLU A 1 67  ? 8.771   -4.808  2.281   1.00 13.38 ? 73  GLU B N   1 
ATOM   582  C CA  . GLU A 1 67  ? 9.333   -3.721  1.457   1.00 13.28 ? 73  GLU B CA  1 
ATOM   583  C C   . GLU A 1 67  ? 8.706   -3.729  0.068   1.00 12.53 ? 73  GLU B C   1 
ATOM   584  O O   . GLU A 1 67  ? 8.425   -4.784  -0.469  1.00 14.25 ? 73  GLU B O   1 
ATOM   585  C CB  . GLU A 1 67  ? 10.855  -3.835  1.350   1.00 15.00 ? 73  GLU B CB  1 
ATOM   586  C CG  . GLU A 1 67  ? 11.520  -3.626  2.708   1.00 17.63 ? 73  GLU B CG  1 
ATOM   587  C CD  . GLU A 1 67  ? 13.030  -3.741  2.708   1.00 21.95 ? 73  GLU B CD  1 
ATOM   588  O OE1 . GLU A 1 67  ? 13.604  -4.126  1.627   1.00 25.51 ? 73  GLU B OE1 1 
ATOM   589  O OE2 . GLU A 1 67  ? 13.664  -3.361  3.772   1.00 20.03 ? 73  GLU B OE2 1 
ATOM   590  N N   . VAL A 1 68  ? 8.520   -2.528  -0.462  1.00 13.66 ? 74  VAL B N   1 
ATOM   591  C CA  . VAL A 1 68  ? 7.921   -2.313  -1.789  1.00 12.81 ? 74  VAL B CA  1 
ATOM   592  C C   . VAL A 1 68  ? 8.826   -1.410  -2.634  1.00 11.96 ? 74  VAL B C   1 
ATOM   593  O O   . VAL A 1 68  ? 9.190   -0.325  -2.181  1.00 14.00 ? 74  VAL B O   1 
ATOM   594  C CB  . VAL A 1 68  ? 6.515   -1.720  -1.680  1.00 12.67 ? 74  VAL B CB  1 
ATOM   595  C CG1 . VAL A 1 68  ? 5.866   -1.673  -3.042  1.00 13.99 ? 74  VAL B CG1 1 
ATOM   596  C CG2 . VAL A 1 68  ? 5.667   -2.457  -0.658  1.00 14.04 ? 74  VAL B CG2 1 
ATOM   597  N N   . ASP A 1 69  ? 9.047   -1.828  -3.876  1.00 13.08 ? 75  ASP B N   1 
ATOM   598  C CA  . ASP A 1 69  ? 9.811   -1.055  -4.881  1.00 14.44 ? 75  ASP B CA  1 
ATOM   599  C C   . ASP A 1 69  ? 8.858   -0.139  -5.624  1.00 12.92 ? 75  ASP B C   1 
ATOM   600  O O   . ASP A 1 69  ? 7.781   -0.629  -6.136  1.00 13.62 ? 75  ASP B O   1 
ATOM   601  C CB  . ASP A 1 69  ? 10.542  -1.996  -5.851  1.00 16.73 ? 75  ASP B CB  1 
ATOM   602  C CG  . ASP A 1 69  ? 11.573  -1.255  -6.710  1.00 19.41 ? 75  ASP B CG  1 
ATOM   603  O OD1 . ASP A 1 69  ? 11.202  -0.372  -7.444  1.00 18.94 ? 75  ASP B OD1 1 
ATOM   604  O OD2 . ASP A 1 69  ? 12.784  -1.412  -6.444  1.00 25.65 ? 75  ASP B OD2 1 
ATOM   605  N N   . VAL A 1 70  ? 9.151   1.164   -5.620  1.00 13.41 ? 76  VAL B N   1 
ATOM   606  C CA  . VAL A 1 70  ? 8.360   2.233   -6.286  1.00 13.96 ? 76  VAL B CA  1 
ATOM   607  C C   . VAL A 1 70  ? 9.164   2.962   -7.377  1.00 14.80 ? 76  VAL B C   1 
ATOM   608  O O   . VAL A 1 70  ? 8.767   4.047   -7.790  1.00 14.83 ? 76  VAL B O   1 
ATOM   609  C CB  . VAL A 1 70  ? 7.784   3.201   -5.220  1.00 13.08 ? 76  VAL B CB  1 
ATOM   610  C CG1 . VAL A 1 70  ? 6.884   2.474   -4.176  1.00 13.24 ? 76  VAL B CG1 1 
ATOM   611  C CG2 . VAL A 1 70  ? 8.870   3.975   -4.480  1.00 14.46 ? 76  VAL B CG2 1 
ATOM   612  N N   . THR A 1 71  ? 10.285  2.390   -7.798  1.00 15.08 ? 77  THR B N   1 
ATOM   613  C CA  . THR A 1 71  ? 11.184  2.989   -8.801  1.00 16.52 ? 77  THR B CA  1 
ATOM   614  C C   . THR A 1 71  ? 10.386  3.558   -9.982  1.00 16.35 ? 77  THR B C   1 
ATOM   615  O O   . THR A 1 71  ? 9.544   2.835   -10.575 1.00 16.04 ? 77  THR B O   1 
ATOM   616  C CB  . THR A 1 71  ? 12.197  1.971   -9.308  1.00 17.39 ? 77  THR B CB  1 
ATOM   617  O OG1 . THR A 1 71  ? 13.012  1.514   -8.226  1.00 19.96 ? 77  THR B OG1 1 
ATOM   618  C CG2 . THR A 1 71  ? 13.056  2.646   -10.363 1.00 20.76 ? 77  THR B CG2 1 
ATOM   619  N N   . GLN A 1 72  ? 10.711  4.806   -10.311 1.00 18.97 ? 78  GLN B N   1 
ATOM   620  C CA  . GLN A 1 72  ? 10.265  5.631   -11.466 1.00 21.66 ? 78  GLN B CA  1 
ATOM   621  C C   . GLN A 1 72  ? 8.762   5.867   -11.487 1.00 21.65 ? 78  GLN B C   1 
ATOM   622  O O   . GLN A 1 72  ? 8.265   6.412   -12.487 1.00 25.28 ? 78  GLN B O   1 
ATOM   623  C CB  . GLN A 1 72  ? 10.770  5.045   -12.786 1.00 28.88 ? 78  GLN B CB  1 
ATOM   624  C CG  . GLN A 1 72  ? 10.189  3.694   -13.185 1.00 35.81 ? 78  GLN B CG  1 
ATOM   625  C CD  . GLN A 1 72  ? 9.940   3.575   -14.676 1.00 40.37 ? 78  GLN B CD  1 
ATOM   626  O OE1 . GLN A 1 72  ? 10.223  2.550   -15.300 1.00 47.00 ? 78  GLN B OE1 1 
ATOM   627  N NE2 . GLN A 1 72  ? 9.314   4.599   -15.246 1.00 44.58 ? 78  GLN B NE2 1 
ATOM   628  N N   . LYS A 1 73  ? 8.003   5.554   -10.438 1.00 15.06 ? 79  LYS B N   1 
ATOM   629  C CA  . LYS A 1 73  ? 6.590   5.947   -10.445 1.00 13.71 ? 79  LYS B CA  1 
ATOM   630  C C   . LYS A 1 73  ? 6.363   7.408   -10.054 1.00 12.80 ? 79  LYS B C   1 
ATOM   631  O O   . LYS A 1 73  ? 7.121   7.961   -9.189  1.00 14.95 ? 79  LYS B O   1 
ATOM   632  C CB  . LYS A 1 73  ? 5.857   5.032   -9.475  1.00 13.78 ? 79  LYS B CB  1 
ATOM   633  C CG  . LYS A 1 73  ? 5.764   3.575   -9.983  1.00 14.30 ? 79  LYS B CG  1 
ATOM   634  C CD  . LYS A 1 73  ? 4.821   2.661   -9.217  1.00 15.13 ? 79  LYS B CD  1 
ATOM   635  C CE  . LYS A 1 73  ? 3.361   3.019   -9.368  1.00 14.10 ? 79  LYS B CE  1 
ATOM   636  N NZ  . LYS A 1 73  ? 2.899   3.126   -10.781 1.00 13.37 ? 79  LYS B NZ  1 
ATOM   637  N N   . GLU A 1 74  ? 5.342   8.005   -10.612 1.00 12.31 ? 80  GLU B N   1 
ATOM   638  C CA  . GLU A 1 74  ? 4.919   9.388   -10.326 1.00 12.61 ? 80  GLU B CA  1 
ATOM   639  C C   . GLU A 1 74  ? 3.824   9.447   -9.258  1.00 12.59 ? 80  GLU B C   1 
ATOM   640  O O   . GLU A 1 74  ? 3.575   10.511  -8.684  1.00 13.47 ? 80  GLU B O   1 
ATOM   641  C CB  . GLU A 1 74  ? 4.336   10.041  -11.592 1.00 13.32 ? 80  GLU B CB  1 
ATOM   642  C CG  . GLU A 1 74  ? 5.340   10.219  -12.714 1.00 14.78 ? 80  GLU B CG  1 
ATOM   643  C CD  . GLU A 1 74  ? 4.685   10.795  -13.977 1.00 14.73 ? 80  GLU B CD  1 
ATOM   644  O OE1 . GLU A 1 74  ? 5.441   11.226  -14.849 1.00 17.91 ? 80  GLU B OE1 1 
ATOM   645  O OE2 . GLU A 1 74  ? 3.426   10.787  -14.073 1.00 17.32 ? 80  GLU B OE2 1 
ATOM   646  N N   . ALA A 1 75  ? 3.115   8.348   -9.022  1.00 12.11 ? 81  ALA B N   1 
ATOM   647  C CA  . ALA A 1 75  ? 1.955   8.362   -8.117  1.00 11.71 ? 81  ALA B CA  1 
ATOM   648  C C   . ALA A 1 75  ? 1.718   6.937   -7.625  1.00 12.98 ? 81  ALA B C   1 
ATOM   649  O O   . ALA A 1 75  ? 1.767   5.992   -8.436  1.00 12.63 ? 81  ALA B O   1 
ATOM   650  C CB  . ALA A 1 75  ? 0.714   8.902   -8.774  1.00 13.53 ? 81  ALA B CB  1 
ATOM   651  N N   . TRP A 1 76  ? 1.372   6.793   -6.335  1.00 11.67 ? 82  TRP B N   1 
ATOM   652  C CA  . TRP A 1 76  ? 1.082   5.479   -5.693  1.00 11.88 ? 82  TRP B CA  1 
ATOM   653  C C   . TRP A 1 76  ? 0.618   5.764   -4.285  1.00 12.40 ? 82  TRP B C   1 
ATOM   654  O O   . TRP A 1 76  ? 0.897   6.839   -3.744  1.00 12.17 ? 82  TRP B O   1 
ATOM   655  C CB  . TRP A 1 76  ? 2.312   4.564   -5.696  1.00 12.56 ? 82  TRP B CB  1 
ATOM   656  C CG  . TRP A 1 76  ? 3.595   5.135   -5.178  1.00 12.15 ? 82  TRP B CG  1 
ATOM   657  C CD1 . TRP A 1 76  ? 4.602   5.658   -5.935  1.00 13.31 ? 82  TRP B CD1 1 
ATOM   658  C CD2 . TRP A 1 76  ? 4.014   5.401   -3.816  1.00 12.69 ? 82  TRP B CD2 1 
ATOM   659  N NE1 . TRP A 1 76  ? 5.639   6.102   -5.175  1.00 13.68 ? 82  TRP B NE1 1 
ATOM   660  C CE2 . TRP A 1 76  ? 5.268   6.001   -3.854  1.00 13.43 ? 82  TRP B CE2 1 
ATOM   661  C CE3 . TRP A 1 76  ? 3.427   5.161   -2.552  1.00 13.37 ? 82  TRP B CE3 1 
ATOM   662  C CZ2 . TRP A 1 76  ? 6.017   6.350   -2.739  1.00 12.64 ? 82  TRP B CZ2 1 
ATOM   663  C CZ3 . TRP A 1 76  ? 4.133   5.550   -1.428  1.00 13.39 ? 82  TRP B CZ3 1 
ATOM   664  C CH2 . TRP A 1 76  ? 5.410   6.107   -1.530  1.00 13.58 ? 82  TRP B CH2 1 
ATOM   665  N N   . ASP A 1 77  ? -0.093  4.797   -3.716  1.00 11.82 ? 83  ASP B N   1 
ATOM   666  C CA  . ASP A 1 77  ? -0.451  4.760   -2.266  1.00 12.42 ? 83  ASP B CA  1 
ATOM   667  C C   . ASP A 1 77  ? 0.060   3.422   -1.718  1.00 11.23 ? 83  ASP B C   1 
ATOM   668  O O   . ASP A 1 77  ? -0.075  2.411   -2.420  1.00 12.19 ? 83  ASP B O   1 
ATOM   669  C CB  . ASP A 1 77  ? -1.937  4.855   -1.997  1.00 13.18 ? 83  ASP B CB  1 
ATOM   670  C CG  . ASP A 1 77  ? -2.721  5.891   -2.755  1.00 14.72 ? 83  ASP B CG  1 
ATOM   671  O OD1 . ASP A 1 77  ? -2.184  6.939   -3.017  1.00 17.95 ? 83  ASP B OD1 1 
ATOM   672  O OD2 . ASP A 1 77  ? -3.903  5.602   -3.109  1.00 15.67 ? 83  ASP B OD2 1 
ATOM   673  N N   . LEU A 1 78  ? 0.561   3.386   -0.488  1.00 10.60 ? 84  LEU B N   1 
ATOM   674  C CA  . LEU A 1 78  ? 1.021   2.157   0.175   1.00 10.66 ? 84  LEU B CA  1 
ATOM   675  C C   . LEU A 1 78  ? 0.641   2.214   1.647   1.00 10.86 ? 84  LEU B C   1 
ATOM   676  O O   . LEU A 1 78  ? 0.746   3.271   2.290   1.00 11.29 ? 84  LEU B O   1 
ATOM   677  C CB  . LEU A 1 78  ? 2.535   2.041   0.061   1.00 11.18 ? 84  LEU B CB  1 
ATOM   678  C CG  . LEU A 1 78  ? 3.135   1.649   -1.274  1.00 12.68 ? 84  LEU B CG  1 
ATOM   679  C CD1 . LEU A 1 78  ? 4.649   1.689   -1.163  1.00 13.53 ? 84  LEU B CD1 1 
ATOM   680  C CD2 . LEU A 1 78  ? 2.668   0.286   -1.701  1.00 13.19 ? 84  LEU B CD2 1 
ATOM   681  N N   . GLY A 1 79  ? 0.351   1.029   2.180   1.00 10.51 ? 85  GLY B N   1 
ATOM   682  C CA  . GLY A 1 79  ? 0.253   0.857   3.635   1.00 12.73 ? 85  GLY B CA  1 
ATOM   683  C C   . GLY A 1 79  ? -0.495  -0.404  4.000   1.00 10.75 ? 85  GLY B C   1 
ATOM   684  O O   . GLY A 1 79  ? -0.249  -1.475  3.442   1.00 11.06 ? 85  GLY B O   1 
ATOM   685  N N   A VAL A 1 80  ? -1.411  -0.282  4.966   0.25 11.18 ? 86  VAL B N   1 
ATOM   686  N N   B VAL A 1 80  ? -1.472  -0.273  4.885   0.24 11.49 ? 86  VAL B N   1 
ATOM   687  C CA  A VAL A 1 80  ? -2.325  -1.372  5.410   0.25 11.02 ? 86  VAL B CA  1 
ATOM   688  C CA  B VAL A 1 80  ? -2.238  -1.421  5.432   0.24 11.64 ? 86  VAL B CA  1 
ATOM   689  C C   A VAL A 1 80  ? -3.746  -0.833  5.491   0.25 11.18 ? 86  VAL B C   1 
ATOM   690  C C   B VAL A 1 80  ? -3.668  -0.907  5.666   0.24 11.56 ? 86  VAL B C   1 
ATOM   691  O O   A VAL A 1 80  ? -3.961  0.391   5.594   0.25 11.65 ? 86  VAL B O   1 
ATOM   692  O O   B VAL A 1 80  ? -3.813  0.289   5.934   0.24 11.98 ? 86  VAL B O   1 
ATOM   693  C CB  A VAL A 1 80  ? -1.961  -1.989  6.773   0.25 11.07 ? 86  VAL B CB  1 
ATOM   694  C CB  B VAL A 1 80  ? -1.509  -1.961  6.685   0.24 12.40 ? 86  VAL B CB  1 
ATOM   695  C CG1 A VAL A 1 80  ? -0.646  -2.725  6.681   0.25 10.85 ? 86  VAL B CG1 1 
ATOM   696  C CG1 B VAL A 1 80  ? -1.610  -0.997  7.852   0.24 12.16 ? 86  VAL B CG1 1 
ATOM   697  C CG2 A VAL A 1 80  ? -1.917  -0.950  7.884   0.25 10.92 ? 86  VAL B CG2 1 
ATOM   698  C CG2 B VAL A 1 80  ? -1.954  -3.348  7.093   0.24 12.77 ? 86  VAL B CG2 1 
ATOM   699  N N   . CYS A 1 81  ? -4.694  -1.752  5.515   1.00 11.46 ? 87  CYS B N   1 
ATOM   700  C CA  . CYS A 1 81  ? -6.075  -1.364  5.730   1.00 12.42 ? 87  CYS B CA  1 
ATOM   701  C C   . CYS A 1 81  ? -6.819  -2.477  6.433   1.00 12.19 ? 87  CYS B C   1 
ATOM   702  O O   . CYS A 1 81  ? -6.370  -3.658  6.413   1.00 11.77 ? 87  CYS B O   1 
ATOM   703  C CB  . CYS A 1 81  ? -6.749  -1.009  4.409   1.00 12.76 ? 87  CYS B CB  1 
ATOM   704  S SG  . CYS A 1 81  ? -6.926  -2.369  3.235   1.00 13.82 ? 87  CYS B SG  1 
ATOM   705  N N   A ARG A 1 82  ? -7.963  -2.133  6.997   0.25 12.48 ? 88  ARG B N   1 
ATOM   706  N N   B ARG A 1 82  ? -7.963  -2.132  7.014   0.24 11.81 ? 88  ARG B N   1 
ATOM   707  C CA  A ARG A 1 82  ? -8.885  -3.166  7.527   0.25 13.62 ? 88  ARG B CA  1 
ATOM   708  C CA  B ARG A 1 82  ? -8.897  -3.129  7.607   0.24 12.42 ? 88  ARG B CA  1 
ATOM   709  C C   A ARG A 1 82  ? -9.327  -4.104  6.407   0.25 12.68 ? 88  ARG B C   1 
ATOM   710  C C   B ARG A 1 82  ? -9.468  -4.037  6.495   0.24 12.26 ? 88  ARG B C   1 
ATOM   711  O O   A ARG A 1 82  ? -9.491  -3.693  5.262   0.25 12.38 ? 88  ARG B O   1 
ATOM   712  O O   B ARG A 1 82  ? -9.863  -3.513  5.420   0.24 12.07 ? 88  ARG B O   1 
ATOM   713  C CB  A ARG A 1 82  ? -10.128 -2.523  8.127   0.25 15.28 ? 88  ARG B CB  1 
ATOM   714  C CB  B ARG A 1 82  ? -10.002 -2.386  8.369   0.24 12.96 ? 88  ARG B CB  1 
ATOM   715  C CG  A ARG A 1 82  ? -9.784  -1.647  9.310   0.25 16.04 ? 88  ARG B CG  1 
ATOM   716  C CG  B ARG A 1 82  ? -10.800 -3.264  9.324   0.24 12.40 ? 88  ARG B CG  1 
ATOM   717  C CD  A ARG A 1 82  ? -11.028 -1.168  10.010  0.25 17.96 ? 88  ARG B CD  1 
ATOM   718  C CD  B ARG A 1 82  ? -11.937 -2.533  10.005  0.24 12.43 ? 88  ARG B CD  1 
ATOM   719  N NE  A ARG A 1 82  ? -10.694 -0.170  11.016  0.25 17.63 ? 88  ARG B NE  1 
ATOM   720  N NE  B ARG A 1 82  ? -11.429 -1.401  10.758  0.24 12.63 ? 88  ARG B NE  1 
ATOM   721  C CZ  A ARG A 1 82  ? -11.358 0.957   11.212  0.25 17.72 ? 88  ARG B CZ  1 
ATOM   722  C CZ  B ARG A 1 82  ? -11.767 -0.118  10.567  0.24 12.20 ? 88  ARG B CZ  1 
ATOM   723  N NH1 A ARG A 1 82  ? -12.396 1.264   10.453  0.25 16.93 ? 88  ARG B NH1 1 
ATOM   724  N NH1 B ARG A 1 82  ? -12.688 0.230   9.696   0.24 13.74 ? 88  ARG B NH1 1 
ATOM   725  N NH2 A ARG A 1 82  ? -10.962 1.784   12.164  0.25 19.93 ? 88  ARG B NH2 1 
ATOM   726  N NH2 B ARG A 1 82  ? -11.190 0.820   11.292  0.24 12.29 ? 88  ARG B NH2 1 
ATOM   727  N N   . ASP A 1 83  ? -9.584  -5.346  6.759   1.00 13.60 ? 89  ASP B N   1 
ATOM   728  C CA  . ASP A 1 83  ? -10.133 -6.289  5.766   1.00 14.80 ? 89  ASP B CA  1 
ATOM   729  C C   . ASP A 1 83  ? -11.504 -5.778  5.316   1.00 16.80 ? 89  ASP B C   1 
ATOM   730  O O   . ASP A 1 83  ? -11.905 -6.147  4.189   1.00 19.38 ? 89  ASP B O   1 
ATOM   731  C CB  . ASP A 1 83  ? -10.191 -7.670  6.412   1.00 16.84 ? 89  ASP B CB  1 
ATOM   732  C CG  . ASP A 1 83  ? -11.118 -7.836  7.587   1.00 19.91 ? 89  ASP B CG  1 
ATOM   733  O OD1 . ASP A 1 83  ? -11.641 -6.823  8.137   1.00 23.06 ? 89  ASP B OD1 1 
ATOM   734  O OD2 . ASP A 1 83  ? -11.316 -9.043  7.950   1.00 22.63 ? 89  ASP B OD2 1 
ATOM   735  N N   . SER A 1 84  ? -12.255 -5.015  6.113   1.00 14.69 ? 90  SER B N   1 
ATOM   736  C CA  . SER A 1 84  ? -13.651 -4.643  5.763   1.00 17.33 ? 90  SER B CA  1 
ATOM   737  C C   . SER A 1 84  ? -13.765 -3.250  5.119   1.00 15.61 ? 90  SER B C   1 
ATOM   738  O O   . SER A 1 84  ? -14.846 -2.711  5.071   1.00 16.70 ? 90  SER B O   1 
ATOM   739  C CB  . SER A 1 84  ? -14.490 -4.731  6.999   1.00 19.02 ? 90  SER B CB  1 
ATOM   740  O OG  . SER A 1 84  ? -13.986 -3.946  7.996   1.00 19.24 ? 90  SER B OG  1 
ATOM   741  N N   . VAL A 1 85  ? -12.673 -2.679  4.608   1.00 14.48 ? 91  VAL B N   1 
ATOM   742  C CA  . VAL A 1 85  ? -12.783 -1.365  3.923   1.00 14.41 ? 91  VAL B CA  1 
ATOM   743  C C   . VAL A 1 85  ? -13.771 -1.477  2.756   1.00 13.95 ? 91  VAL B C   1 
ATOM   744  O O   . VAL A 1 85  ? -13.841 -2.521  2.081   1.00 15.26 ? 91  VAL B O   1 
ATOM   745  C CB  . VAL A 1 85  ? -11.423 -0.784  3.466   1.00 13.93 ? 91  VAL B CB  1 
ATOM   746  C CG1 . VAL A 1 85  ? -10.581 -0.423  4.670   1.00 13.21 ? 91  VAL B CG1 1 
ATOM   747  C CG2 . VAL A 1 85  ? -10.700 -1.637  2.470   1.00 13.77 ? 91  VAL B CG2 1 
ATOM   748  N N   . GLN A 1 86  ? -14.395 -0.349  2.500   1.00 15.41 ? 92  GLN B N   1 
ATOM   749  C CA  . GLN A 1 86  ? -15.251 -0.111  1.294   1.00 17.28 ? 92  GLN B CA  1 
ATOM   750  C C   . GLN A 1 86  ? -14.446 -0.429  0.027   1.00 15.86 ? 92  GLN B C   1 
ATOM   751  O O   . GLN A 1 86  ? -13.294 -0.020  -0.080  1.00 16.44 ? 92  GLN B O   1 
ATOM   752  C CB  . GLN A 1 86  ? -15.664 1.354   1.325   1.00 19.87 ? 92  GLN B CB  1 
ATOM   753  C CG  . GLN A 1 86  ? -16.527 1.832   0.156   1.00 22.54 ? 92  GLN B CG  1 
ATOM   754  C CD  . GLN A 1 86  ? -16.827 3.320   0.271   1.00 24.22 ? 92  GLN B CD  1 
ATOM   755  O OE1 . GLN A 1 86  ? -16.699 3.963   1.333   1.00 25.89 ? 92  GLN B OE1 1 
ATOM   756  N NE2 . GLN A 1 86  ? -17.245 3.933   -0.833  1.00 25.36 ? 92  GLN B NE2 1 
ATOM   757  N N   . ARG A 1 87  ? -15.085 -1.103  -0.930  1.00 15.18 ? 93  ARG B N   1 
ATOM   758  C CA  . ARG A 1 87  ? -14.455 -1.488  -2.227  1.00 14.90 ? 93  ARG B CA  1 
ATOM   759  C C   . ARG A 1 87  ? -15.065 -0.684  -3.368  1.00 15.92 ? 93  ARG B C   1 
ATOM   760  O O   . ARG A 1 87  ? -14.343 -0.472  -4.349  1.00 16.32 ? 93  ARG B O   1 
ATOM   761  C CB  . ARG A 1 87  ? -14.609 -2.961  -2.540  1.00 15.54 ? 93  ARG B CB  1 
ATOM   762  C CG  . ARG A 1 87  ? -14.159 -3.915  -1.449  1.00 15.21 ? 93  ARG B CG  1 
ATOM   763  C CD  . ARG A 1 87  ? -12.711 -3.677  -1.010  1.00 16.36 ? 93  ARG B CD  1 
ATOM   764  N NE  . ARG A 1 87  ? -12.434 -4.479  0.211   1.00 16.65 ? 93  ARG B NE  1 
ATOM   765  C CZ  . ARG A 1 87  ? -12.035 -5.726  0.238   1.00 16.49 ? 93  ARG B CZ  1 
ATOM   766  N NH1 . ARG A 1 87  ? -11.869 -6.390  -0.883  1.00 18.75 ? 93  ARG B NH1 1 
ATOM   767  N NH2 . ARG A 1 87  ? -11.901 -6.358  1.379   1.00 18.84 ? 93  ARG B NH2 1 
ATOM   768  N N   . LYS A 1 88  ? -16.329 -0.274  -3.274  1.00 16.10 ? 94  LYS B N   1 
ATOM   769  C CA  . LYS A 1 88  ? -17.069 0.306   -4.425  1.00 17.60 ? 94  LYS B CA  1 
ATOM   770  C C   . LYS A 1 88  ? -17.280 1.783   -4.220  1.00 18.80 ? 94  LYS B C   1 
ATOM   771  O O   . LYS A 1 88  ? -17.598 2.177   -3.064  1.00 20.48 ? 94  LYS B O   1 
ATOM   772  C CB  . LYS A 1 88  ? -18.400 -0.424  -4.611  1.00 17.58 ? 94  LYS B CB  1 
ATOM   773  C CG  . LYS A 1 88  ? -18.314 -1.926  -4.687  1.00 19.81 ? 94  LYS B CG  1 
ATOM   774  C CD  . LYS A 1 88  ? -17.407 -2.467  -5.808  1.00 20.04 ? 94  LYS B CD  1 
ATOM   775  C CE  . LYS A 1 88  ? -17.439 -3.964  -5.851  1.00 20.59 ? 94  LYS B CE  1 
ATOM   776  N NZ  . LYS A 1 88  ? -16.573 -4.493  -6.934  1.00 22.06 ? 94  LYS B NZ  1 
ATOM   777  N N   . GLY A 1 89  ? -17.183 2.563   -5.282  1.00 18.87 ? 95  GLY B N   1 
ATOM   778  C CA  . GLY A 1 89  ? -17.444 3.999   -5.227  1.00 18.90 ? 95  GLY B CA  1 
ATOM   779  C C   . GLY A 1 89  ? -16.282 4.806   -4.720  1.00 21.42 ? 95  GLY B C   1 
ATOM   780  O O   . GLY A 1 89  ? -15.123 4.249   -4.667  1.00 20.21 ? 95  GLY B O   1 
ATOM   781  N N   . GLN A 1 90  ? -16.549 6.076   -4.411  1.00 21.47 ? 96  GLN B N   1 
ATOM   782  C CA  . GLN A 1 90  ? -15.540 7.052   -3.994  1.00 23.36 ? 96  GLN B CA  1 
ATOM   783  C C   . GLN A 1 90  ? -15.385 7.024   -2.480  1.00 22.25 ? 96  GLN B C   1 
ATOM   784  O O   . GLN A 1 90  ? -16.373 6.750   -1.764  1.00 21.89 ? 96  GLN B O   1 
ATOM   785  C CB  . GLN A 1 90  ? -15.939 8.454   -4.475  1.00 27.11 ? 96  GLN B CB  1 
ATOM   786  C CG  . GLN A 1 90  ? -16.073 8.508   -5.982  1.00 33.72 ? 96  GLN B CG  1 
ATOM   787  C CD  . GLN A 1 90  ? -16.662 9.813   -6.429  1.00 43.87 ? 96  GLN B CD  1 
ATOM   788  O OE1 . GLN A 1 90  ? -15.957 10.816  -6.519  1.00 53.64 ? 96  GLN B OE1 1 
ATOM   789  N NE2 . GLN A 1 90  ? -17.959 9.793   -6.703  1.00 48.15 ? 96  GLN B NE2 1 
ATOM   790  N N   . PHE A 1 91  ? -14.141 7.172   -2.028  1.00 18.15 ? 97  PHE B N   1 
ATOM   791  C CA  . PHE A 1 91  ? -13.788 7.272   -0.597  1.00 18.66 ? 97  PHE B CA  1 
ATOM   792  C C   . PHE A 1 91  ? -12.402 7.887   -0.453  1.00 18.31 ? 97  PHE B C   1 
ATOM   793  O O   . PHE A 1 91  ? -11.587 7.869   -1.389  1.00 19.76 ? 97  PHE B O   1 
ATOM   794  C CB  . PHE A 1 91  ? -13.831 5.901   0.078   1.00 17.87 ? 97  PHE B CB  1 
ATOM   795  C CG  . PHE A 1 91  ? -12.946 4.879   -0.586  1.00 17.09 ? 97  PHE B CG  1 
ATOM   796  C CD1 . PHE A 1 91  ? -11.617 4.765   -0.209  1.00 17.71 ? 97  PHE B CD1 1 
ATOM   797  C CD2 . PHE A 1 91  ? -13.430 3.985   -1.523  1.00 17.75 ? 97  PHE B CD2 1 
ATOM   798  C CE1 . PHE A 1 91  ? -10.795 3.811   -0.790  1.00 16.39 ? 97  PHE B CE1 1 
ATOM   799  C CE2 . PHE A 1 91  ? -12.618 3.015   -2.084  1.00 16.51 ? 97  PHE B CE2 1 
ATOM   800  C CZ  . PHE A 1 91  ? -11.300 2.921   -1.700  1.00 16.87 ? 97  PHE B CZ  1 
ATOM   801  N N   A SER A 1 92  ? -12.136 8.490   0.701   0.25 18.99 ? 98  SER B N   1 
ATOM   802  N N   B SER A 1 92  ? -12.151 8.459   0.724   0.25 18.30 ? 98  SER B N   1 
ATOM   803  C CA  A SER A 1 92  ? -10.794 9.021   1.046   0.25 19.01 ? 98  SER B CA  1 
ATOM   804  C CA  B SER A 1 92  ? -10.845 9.036   1.132   0.25 17.85 ? 98  SER B CA  1 
ATOM   805  C C   A SER A 1 92  ? -10.010 7.976   1.837   0.25 17.10 ? 98  SER B C   1 
ATOM   806  C C   B SER A 1 92  ? -10.012 7.984   1.874   0.25 16.40 ? 98  SER B C   1 
ATOM   807  O O   A SER A 1 92  ? -10.625 7.148   2.561   0.25 17.23 ? 98  SER B O   1 
ATOM   808  O O   B SER A 1 92  ? -10.601 7.146   2.607   0.25 16.27 ? 98  SER B O   1 
ATOM   809  C CB  A SER A 1 92  ? -10.874 10.296  1.822   0.25 21.92 ? 98  SER B CB  1 
ATOM   810  C CB  B SER A 1 92  ? -11.030 10.263  1.990   0.25 19.75 ? 98  SER B CB  1 
ATOM   811  O OG  A SER A 1 92  ? -11.730 10.122  2.931   0.25 25.19 ? 98  SER B OG  1 
ATOM   812  O OG  B SER A 1 92  ? -11.646 11.310  1.245   0.25 20.72 ? 98  SER B OG  1 
ATOM   813  N N   . LEU A 1 93  ? -8.687  8.029   1.697   1.00 15.80 ? 99  LEU B N   1 
ATOM   814  C CA  . LEU A 1 93  ? -7.767  7.200   2.489   1.00 16.09 ? 99  LEU B CA  1 
ATOM   815  C C   . LEU A 1 93  ? -7.541  7.880   3.830   1.00 16.35 ? 99  LEU B C   1 
ATOM   816  O O   . LEU A 1 93  ? -6.843  8.861   3.921   1.00 18.52 ? 99  LEU B O   1 
ATOM   817  C CB  . LEU A 1 93  ? -6.443  7.011   1.753   1.00 15.72 ? 99  LEU B CB  1 
ATOM   818  C CG  . LEU A 1 93  ? -6.533  6.217   0.452   1.00 17.56 ? 99  LEU B CG  1 
ATOM   819  C CD1 . LEU A 1 93  ? -5.158  6.148   -0.201  1.00 18.58 ? 99  LEU B CD1 1 
ATOM   820  C CD2 . LEU A 1 93  ? -7.103  4.817   0.627   1.00 19.28 ? 99  LEU B CD2 1 
ATOM   821  N N   . SER A 1 94  ? -8.136  7.344   4.909   1.00 15.51 ? 100 SER B N   1 
ATOM   822  C CA  . SER A 1 94  ? -8.007  7.939   6.258   1.00 15.80 ? 100 SER B CA  1 
ATOM   823  C C   . SER A 1 94  ? -8.171  6.814   7.265   1.00 13.96 ? 100 SER B C   1 
ATOM   824  O O   . SER A 1 94  ? -8.804  5.818   6.965   1.00 14.48 ? 100 SER B O   1 
ATOM   825  C CB  . SER A 1 94  ? -9.058  8.987   6.560   1.00 17.68 ? 100 SER B CB  1 
ATOM   826  O OG  . SER A 1 94  ? -10.356 8.383   6.530   1.00 20.00 ? 100 SER B OG  1 
ATOM   827  N N   . PRO A 1 95  ? -7.648  7.006   8.467   1.00 14.02 ? 101 PRO B N   1 
ATOM   828  C CA  . PRO A 1 95  ? -7.864  6.023   9.527   1.00 13.93 ? 101 PRO B CA  1 
ATOM   829  C C   . PRO A 1 95  ? -9.351  5.856   9.860   1.00 14.82 ? 101 PRO B C   1 
ATOM   830  O O   . PRO A 1 95  ? -9.761  4.704   10.125  1.00 15.14 ? 101 PRO B O   1 
ATOM   831  C CB  . PRO A 1 95  ? -7.042  6.561   10.714  1.00 15.30 ? 101 PRO B CB  1 
ATOM   832  C CG  . PRO A 1 95  ? -5.950  7.379   10.015  1.00 16.29 ? 101 PRO B CG  1 
ATOM   833  C CD  . PRO A 1 95  ? -6.692  8.030   8.870   1.00 15.67 ? 101 PRO B CD  1 
ATOM   834  N N   . GLU A 1 96  ? -10.147 6.919   9.750   1.00 15.96 ? 102 GLU B N   1 
ATOM   835  C CA  . GLU A 1 96  ? -11.618 6.807   9.991   1.00 18.05 ? 102 GLU B CA  1 
ATOM   836  C C   . GLU A 1 96  ? -12.247 5.799   9.023   1.00 17.77 ? 102 GLU B C   1 
ATOM   837  O O   . GLU A 1 96  ? -13.236 5.114   9.361   1.00 19.88 ? 102 GLU B O   1 
ATOM   838  C CB  . GLU A 1 96  ? -12.294 8.169   9.872   1.00 23.30 ? 102 GLU B CB  1 
ATOM   839  C CG  . GLU A 1 96  ? -11.673 9.216   10.769  1.00 33.00 ? 102 GLU B CG  1 
ATOM   840  C CD  . GLU A 1 96  ? -10.661 10.132  10.086  1.00 39.97 ? 102 GLU B CD  1 
ATOM   841  O OE1 . GLU A 1 96  ? -9.418  9.783   10.041  1.00 26.39 ? 102 GLU B OE1 1 
ATOM   842  O OE2 . GLU A 1 96  ? -11.123 11.224  9.615   1.00 48.94 ? 102 GLU B OE2 1 
ATOM   843  N N   . ASN A 1 97  ? -11.745 5.721   7.788   1.00 15.81 ? 103 ASN B N   1 
ATOM   844  C CA  . ASN A 1 97  ? -12.244 4.792   6.761   1.00 16.09 ? 103 ASN B CA  1 
ATOM   845  C C   . ASN A 1 97  ? -11.483 3.462   6.794   1.00 14.69 ? 103 ASN B C   1 
ATOM   846  O O   . ASN A 1 97  ? -11.777 2.612   5.962   1.00 15.47 ? 103 ASN B O   1 
ATOM   847  C CB  . ASN A 1 97  ? -12.178 5.433   5.359   1.00 16.76 ? 103 ASN B CB  1 
ATOM   848  C CG  . ASN A 1 97  ? -13.214 6.505   5.143   1.00 19.53 ? 103 ASN B CG  1 
ATOM   849  O OD1 . ASN A 1 97  ? -14.216 6.575   5.875   1.00 21.35 ? 103 ASN B OD1 1 
ATOM   850  N ND2 . ASN A 1 97  ? -12.961 7.405   4.195   1.00 20.13 ? 103 ASN B ND2 1 
ATOM   851  N N   . GLY A 1 98  ? -10.538 3.252   7.714   1.00 13.56 ? 104 GLY B N   1 
ATOM   852  C CA  . GLY A 1 98  ? -9.854  1.961   7.832   1.00 12.81 ? 104 GLY B CA  1 
ATOM   853  C C   . GLY A 1 98  ? -8.540  1.844   7.060   1.00 11.67 ? 104 GLY B C   1 
ATOM   854  O O   . GLY A 1 98  ? -8.125  0.741   6.781   1.00 12.32 ? 104 GLY B O   1 
ATOM   855  N N   . PHE A 1 99  ? -7.874  2.968   6.756   1.00 12.51 ? 105 PHE B N   1 
ATOM   856  C CA  . PHE A 1 99  ? -6.609  2.918   5.998   1.00 11.43 ? 105 PHE B CA  1 
ATOM   857  C C   . PHE A 1 99  ? -5.499  3.626   6.773   1.00 11.06 ? 105 PHE B C   1 
ATOM   858  O O   . PHE A 1 99  ? -5.752  4.771   7.272   1.00 13.04 ? 105 PHE B O   1 
ATOM   859  C CB  . PHE A 1 99  ? -6.766  3.654   4.654   1.00 12.23 ? 105 PHE B CB  1 
ATOM   860  C CG  . PHE A 1 99  ? -7.776  3.056   3.709   1.00 11.52 ? 105 PHE B CG  1 
ATOM   861  C CD1 . PHE A 1 99  ? -9.107  3.430   3.763   1.00 12.50 ? 105 PHE B CD1 1 
ATOM   862  C CD2 . PHE A 1 99  ? -7.400  2.085   2.795   1.00 12.09 ? 105 PHE B CD2 1 
ATOM   863  C CE1 . PHE A 1 99  ? -10.033 2.886   2.889   1.00 12.96 ? 105 PHE B CE1 1 
ATOM   864  C CE2 . PHE A 1 99  ? -8.333  1.547   1.933   1.00 13.16 ? 105 PHE B CE2 1 
ATOM   865  C CZ  . PHE A 1 99  ? -9.641  1.947   1.978   1.00 12.77 ? 105 PHE B CZ  1 
ATOM   866  N N   . TRP A 1 100 ? -4.293  3.084   6.745   1.00 10.84 ? 106 TRP B N   1 
ATOM   867  C CA  . TRP A 1 100 ? -3.059  3.654   7.323   1.00 11.08 ? 106 TRP B CA  1 
ATOM   868  C C   . TRP A 1 100 ? -1.984  3.685   6.227   1.00 10.31 ? 106 TRP B C   1 
ATOM   869  O O   . TRP A 1 100 ? -1.376  2.623   5.953   1.00 11.48 ? 106 TRP B O   1 
ATOM   870  C CB  . TRP A 1 100 ? -2.613  2.916   8.590   1.00 11.14 ? 106 TRP B CB  1 
ATOM   871  C CG  . TRP A 1 100 ? -3.643  3.059   9.671   1.00 11.18 ? 106 TRP B CG  1 
ATOM   872  C CD1 . TRP A 1 100 ? -3.685  3.985   10.680  1.00 12.36 ? 106 TRP B CD1 1 
ATOM   873  C CD2 . TRP A 1 100 ? -4.804  2.209   9.874   1.00 11.80 ? 106 TRP B CD2 1 
ATOM   874  N NE1 . TRP A 1 100 ? -4.836  3.818   11.439  1.00 13.04 ? 106 TRP B NE1 1 
ATOM   875  C CE2 . TRP A 1 100 ? -5.517  2.734   10.966  1.00 12.89 ? 106 TRP B CE2 1 
ATOM   876  C CE3 . TRP A 1 100 ? -5.275  1.080   9.201   1.00 12.27 ? 106 TRP B CE3 1 
ATOM   877  C CZ2 . TRP A 1 100 ? -6.739  2.166   11.382  1.00 13.58 ? 106 TRP B CZ2 1 
ATOM   878  C CZ3 . TRP A 1 100 ? -6.466  0.523   9.640   1.00 14.09 ? 106 TRP B CZ3 1 
ATOM   879  C CH2 . TRP A 1 100 ? -7.181  1.068   10.690  1.00 13.52 ? 106 TRP B CH2 1 
ATOM   880  N N   . THR A 1 101 ? -1.913  4.804   5.519   1.00 11.14 ? 107 THR B N   1 
ATOM   881  C CA  . THR A 1 101 ? -1.208  4.853   4.209   1.00 11.44 ? 107 THR B CA  1 
ATOM   882  C C   . THR A 1 101 ? -0.357  6.132   4.092   1.00 10.60 ? 107 THR B C   1 
ATOM   883  O O   . THR A 1 101 ? -0.614  7.131   4.767   1.00 11.26 ? 107 THR B O   1 
ATOM   884  C CB  . THR A 1 101 ? -2.191  4.803   3.042   1.00 11.84 ? 107 THR B CB  1 
ATOM   885  O OG1 . THR A 1 101 ? -3.032  5.946   3.073   1.00 12.50 ? 107 THR B OG1 1 
ATOM   886  C CG2 . THR A 1 101 ? -2.975  3.498   3.040   1.00 12.67 ? 107 THR B CG2 1 
ATOM   887  N N   . ILE A 1 102 ? 0.625   6.081   3.196   1.00 11.38 ? 108 ILE B N   1 
ATOM   888  C CA  . ILE A 1 102 ? 1.327   7.288   2.648   1.00 11.43 ? 108 ILE B CA  1 
ATOM   889  C C   . ILE A 1 102 ? 1.179   7.224   1.124   1.00 10.99 ? 108 ILE B C   1 
ATOM   890  O O   . ILE A 1 102 ? 0.897   6.135   0.559   1.00 10.98 ? 108 ILE B O   1 
ATOM   891  C CB  . ILE A 1 102 ? 2.800   7.365   3.114   1.00 11.33 ? 108 ILE B CB  1 
ATOM   892  C CG1 . ILE A 1 102 ? 3.677   6.266   2.503   1.00 11.79 ? 108 ILE B CG1 1 
ATOM   893  C CG2 . ILE A 1 102 ? 2.851   7.330   4.639   1.00 12.40 ? 108 ILE B CG2 1 
ATOM   894  C CD1 . ILE A 1 102 ? 5.168   6.446   2.716   1.00 12.28 ? 108 ILE B CD1 1 
ATOM   895  N N   . TRP A 1 103 ? 1.518   8.322   0.491   1.00 11.42 ? 109 TRP B N   1 
ATOM   896  C CA  . TRP A 1 103 ? 1.435   8.393   -0.984  1.00 12.12 ? 109 TRP B CA  1 
ATOM   897  C C   . TRP A 1 103 ? 2.402   9.411   -1.546  1.00 13.14 ? 109 TRP B C   1 
ATOM   898  O O   . TRP A 1 103 ? 2.858   10.326  -0.873  1.00 12.80 ? 109 TRP B O   1 
ATOM   899  C CB  . TRP A 1 103 ? 0.023   8.645   -1.433  1.00 14.46 ? 109 TRP B CB  1 
ATOM   900  C CG  . TRP A 1 103 ? -0.558  9.949   -1.048  1.00 15.86 ? 109 TRP B CG  1 
ATOM   901  C CD1 . TRP A 1 103 ? -0.262  11.172  -1.579  1.00 16.61 ? 109 TRP B CD1 1 
ATOM   902  C CD2 . TRP A 1 103 ? -1.685  10.114  -0.201  1.00 16.75 ? 109 TRP B CD2 1 
ATOM   903  N NE1 . TRP A 1 103 ? -1.111  12.101  -1.079  1.00 19.32 ? 109 TRP B NE1 1 
ATOM   904  C CE2 . TRP A 1 103 ? -2.005  11.488  -0.248  1.00 17.37 ? 109 TRP B CE2 1 
ATOM   905  C CE3 . TRP A 1 103 ? -2.431  9.244   0.589   1.00 17.59 ? 109 TRP B CE3 1 
ATOM   906  C CZ2 . TRP A 1 103 ? -3.036  12.020  0.515   1.00 20.57 ? 109 TRP B CZ2 1 
ATOM   907  C CZ3 . TRP A 1 103 ? -3.497  9.763   1.272   1.00 19.42 ? 109 TRP B CZ3 1 
ATOM   908  C CH2 . TRP A 1 103 ? -3.785  11.119  1.233   1.00 19.21 ? 109 TRP B CH2 1 
ATOM   909  N N   . LEU A 1 104 ? 2.673   9.200   -2.847  1.00 12.95 ? 110 LEU B N   1 
ATOM   910  C CA  . LEU A 1 104 ? 3.281   10.201  -3.722  1.00 12.70 ? 110 LEU B CA  1 
ATOM   911  C C   . LEU A 1 104 ? 2.215   10.703  -4.685  1.00 11.69 ? 110 LEU B C   1 
ATOM   912  O O   . LEU A 1 104 ? 1.546   9.887   -5.297  1.00 12.45 ? 110 LEU B O   1 
ATOM   913  C CB  . LEU A 1 104 ? 4.416   9.550   -4.495  1.00 12.96 ? 110 LEU B CB  1 
ATOM   914  C CG  . LEU A 1 104 ? 5.065   10.402  -5.590  1.00 13.79 ? 110 LEU B CG  1 
ATOM   915  C CD1 . LEU A 1 104 ? 5.688   11.664  -5.032  1.00 14.57 ? 110 LEU B CD1 1 
ATOM   916  C CD2 . LEU A 1 104 ? 6.075   9.603   -6.394  1.00 15.23 ? 110 LEU B CD2 1 
ATOM   917  N N   . TRP A 1 105 ? 2.189   12.022  -4.903  1.00 12.98 ? 111 TRP B N   1 
ATOM   918  C CA  . TRP A 1 105 ? 1.238   12.657  -5.830  1.00 13.83 ? 111 TRP B CA  1 
ATOM   919  C C   . TRP A 1 105 ? 1.768   14.025  -6.208  1.00 16.48 ? 111 TRP B C   1 
ATOM   920  O O   . TRP A 1 105 ? 2.097   14.812  -5.299  1.00 15.48 ? 111 TRP B O   1 
ATOM   921  C CB  . TRP A 1 105 ? -0.116  12.794  -5.156  1.00 17.56 ? 111 TRP B CB  1 
ATOM   922  C CG  . TRP A 1 105 ? -1.093  13.614  -5.900  1.00 20.88 ? 111 TRP B CG  1 
ATOM   923  C CD1 . TRP A 1 105 ? -1.581  14.866  -5.613  1.00 21.98 ? 111 TRP B CD1 1 
ATOM   924  C CD2 . TRP A 1 105 ? -1.711  13.189  -7.111  1.00 20.88 ? 111 TRP B CD2 1 
ATOM   925  N NE1 . TRP A 1 105 ? -2.493  15.213  -6.560  1.00 22.25 ? 111 TRP B NE1 1 
ATOM   926  C CE2 . TRP A 1 105 ? -2.585  14.219  -7.495  1.00 18.82 ? 111 TRP B CE2 1 
ATOM   927  C CE3 . TRP A 1 105 ? -1.652  12.029  -7.881  1.00 20.13 ? 111 TRP B CE3 1 
ATOM   928  C CZ2 . TRP A 1 105 ? -3.392  14.143  -8.619  1.00 24.85 ? 111 TRP B CZ2 1 
ATOM   929  C CZ3 . TRP A 1 105 ? -2.415  11.967  -9.026  1.00 24.86 ? 111 TRP B CZ3 1 
ATOM   930  C CH2 . TRP A 1 105 ? -3.256  13.016  -9.406  1.00 24.96 ? 111 TRP B CH2 1 
ATOM   931  N N   . GLN A 1 106 ? 1.949   14.273  -7.520  1.00 15.18 ? 112 GLN B N   1 
ATOM   932  C CA  . GLN A 1 106 ? 2.382   15.626  -7.981  1.00 15.48 ? 112 GLN B CA  1 
ATOM   933  C C   . GLN A 1 106 ? 3.609   16.094  -7.224  1.00 16.46 ? 112 GLN B C   1 
ATOM   934  O O   . GLN A 1 106 ? 3.648   17.284  -6.751  1.00 18.48 ? 112 GLN B O   1 
ATOM   935  C CB  . GLN A 1 106 ? 1.203   16.593  -7.910  1.00 17.52 ? 112 GLN B CB  1 
ATOM   936  C CG  . GLN A 1 106 ? 0.048   16.139  -8.781  1.00 18.56 ? 112 GLN B CG  1 
ATOM   937  C CD  . GLN A 1 106 ? -1.057  17.146  -8.980  1.00 20.23 ? 112 GLN B CD  1 
ATOM   938  O OE1 . GLN A 1 106 ? -1.901  17.009  -9.894  1.00 23.15 ? 112 GLN B OE1 1 
ATOM   939  N NE2 . GLN A 1 106 ? -1.074  18.160  -8.136  1.00 18.67 ? 112 GLN B NE2 1 
ATOM   940  N N   . ASP A 1 107 ? 4.635   15.273  -7.168  1.00 17.21 ? 113 ASP B N   1 
ATOM   941  C CA  . ASP A 1 107 ? 5.972   15.648  -6.688  1.00 21.88 ? 113 ASP B CA  1 
ATOM   942  C C   . ASP A 1 107 ? 5.974   15.958  -5.180  1.00 21.16 ? 113 ASP B C   1 
ATOM   943  O O   . ASP A 1 107 ? 7.012   16.444  -4.697  1.00 28.51 ? 113 ASP B O   1 
ATOM   944  C CB  . ASP A 1 107 ? 6.377   16.905  -7.466  1.00 25.67 ? 113 ASP B CB  1 
ATOM   945  C CG  . ASP A 1 107 ? 7.852   17.111  -7.617  1.00 34.24 ? 113 ASP B CG  1 
ATOM   946  O OD1 . ASP A 1 107 ? 8.615   16.112  -7.563  1.00 39.23 ? 113 ASP B OD1 1 
ATOM   947  O OD2 . ASP A 1 107 ? 8.222   18.294  -7.852  1.00 47.72 ? 113 ASP B OD2 1 
ATOM   948  N N   . SER A 1 108 ? 4.942   15.556  -4.434  1.00 17.50 ? 114 SER B N   1 
ATOM   949  C CA  . SER A 1 108 ? 4.972   15.659  -2.948  1.00 19.09 ? 114 SER B CA  1 
ATOM   950  C C   . SER A 1 108 ? 4.534   14.334  -2.301  1.00 16.78 ? 114 SER B C   1 
ATOM   951  O O   . SER A 1 108 ? 3.683   13.566  -2.856  1.00 16.22 ? 114 SER B O   1 
ATOM   952  C CB  . SER A 1 108 ? 4.234   16.888  -2.493  1.00 23.51 ? 114 SER B CB  1 
ATOM   953  O OG  . SER A 1 108 ? 2.849   16.693  -2.523  1.00 33.73 ? 114 SER B OG  1 
ATOM   954  N N   . TYR A 1 109 ? 5.098   14.052  -1.146  1.00 14.67 ? 115 TYR B N   1 
ATOM   955  C CA  . TYR A 1 109 ? 4.770   12.854  -0.334  1.00 13.49 ? 115 TYR B CA  1 
ATOM   956  C C   . TYR A 1 109 ? 3.895   13.301  0.826   1.00 13.38 ? 115 TYR B C   1 
ATOM   957  O O   . TYR A 1 109 ? 4.184   14.329  1.467   1.00 14.17 ? 115 TYR B O   1 
ATOM   958  C CB  . TYR A 1 109 ? 6.043   12.187  0.149   1.00 13.47 ? 115 TYR B CB  1 
ATOM   959  C CG  . TYR A 1 109 ? 6.950   11.678  -0.958  1.00 14.56 ? 115 TYR B CG  1 
ATOM   960  C CD1 . TYR A 1 109 ? 7.942   12.459  -1.496  1.00 15.10 ? 115 TYR B CD1 1 
ATOM   961  C CD2 . TYR A 1 109 ? 6.840   10.387  -1.430  1.00 13.61 ? 115 TYR B CD2 1 
ATOM   962  C CE1 . TYR A 1 109 ? 8.810   11.976  -2.469  1.00 15.14 ? 115 TYR B CE1 1 
ATOM   963  C CE2 . TYR A 1 109 ? 7.682   9.896   -2.414  1.00 14.00 ? 115 TYR B CE2 1 
ATOM   964  C CZ  . TYR A 1 109 ? 8.666   10.696  -2.944  1.00 15.00 ? 115 TYR B CZ  1 
ATOM   965  O OH  . TYR A 1 109 ? 9.498   10.265  -3.945  1.00 15.93 ? 115 TYR B OH  1 
ATOM   966  N N   A GLU A 1 110 ? 2.803   12.575  1.095   0.25 12.96 ? 116 GLU B N   1 
ATOM   967  N N   B GLU A 1 110 ? 2.816   12.554  1.081   0.25 12.97 ? 116 GLU B N   1 
ATOM   968  C CA  A GLU A 1 110 ? 1.854   12.910  2.193   0.25 13.32 ? 116 GLU B CA  1 
ATOM   969  C CA  B GLU A 1 110 ? 1.826   12.848  2.150   0.25 13.29 ? 116 GLU B CA  1 
ATOM   970  C C   A GLU A 1 110 ? 1.379   11.637  2.901   0.25 12.06 ? 116 GLU B C   1 
ATOM   971  C C   B GLU A 1 110 ? 1.531   11.568  2.948   0.25 11.81 ? 116 GLU B C   1 
ATOM   972  O O   A GLU A 1 110 ? 1.177   10.620  2.234   0.25 11.95 ? 116 GLU B O   1 
ATOM   973  O O   B GLU A 1 110 ? 1.682   10.443  2.421   0.25 11.12 ? 116 GLU B O   1 
ATOM   974  C CB  A GLU A 1 110 ? 0.660   13.693  1.665   0.25 14.67 ? 116 GLU B CB  1 
ATOM   975  C CB  B GLU A 1 110 ? 0.547   13.432  1.559   0.25 14.82 ? 116 GLU B CB  1 
ATOM   976  C CG  A GLU A 1 110 ? 1.043   14.986  0.967   0.25 16.73 ? 116 GLU B CG  1 
ATOM   977  C CG  B GLU A 1 110 ? 0.753   14.707  0.749   0.25 17.32 ? 116 GLU B CG  1 
ATOM   978  C CD  A GLU A 1 110 ? -0.149  15.702  0.367   0.25 18.49 ? 116 GLU B CD  1 
ATOM   979  C CD  B GLU A 1 110 ? 0.808   15.987  1.572   0.25 18.58 ? 116 GLU B CD  1 
ATOM   980  O OE1 A GLU A 1 110 ? -1.000  15.024  -0.231  0.25 20.68 ? 116 GLU B OE1 1 
ATOM   981  O OE1 B GLU A 1 110 ? 0.261   15.998  2.688   0.25 24.40 ? 116 GLU B OE1 1 
ATOM   982  O OE2 A GLU A 1 110 ? -0.229  16.941  0.509   0.25 18.29 ? 116 GLU B OE2 1 
ATOM   983  O OE2 B GLU A 1 110 ? 1.346   16.979  1.079   0.25 25.53 ? 116 GLU B OE2 1 
ATOM   984  N N   . ALA A 1 111 ? 1.141   11.742  4.211   1.00 12.52 ? 117 ALA B N   1 
ATOM   985  C CA  . ALA A 1 111 ? 0.512   10.673  4.987   1.00 11.92 ? 117 ALA B CA  1 
ATOM   986  C C   . ALA A 1 111 ? -1.006  10.844  4.923   1.00 13.30 ? 117 ALA B C   1 
ATOM   987  O O   . ALA A 1 111 ? -1.542  11.975  5.010   1.00 12.97 ? 117 ALA B O   1 
ATOM   988  C CB  . ALA A 1 111 ? 1.016   10.715  6.425   1.00 12.60 ? 117 ALA B CB  1 
ATOM   989  N N   . GLY A 1 112 ? -1.723  9.723   4.772   1.00 13.04 ? 118 GLY B N   1 
ATOM   990  C CA  . GLY A 1 112 ? -3.183  9.683   4.683   1.00 14.08 ? 118 GLY B CA  1 
ATOM   991  C C   . GLY A 1 112 ? -3.880  9.878   6.010   1.00 14.24 ? 118 GLY B C   1 
ATOM   992  O O   . GLY A 1 112 ? -4.686  9.061   6.416   1.00 16.67 ? 118 GLY B O   1 
ATOM   993  N N   . THR A 1 113 ? -3.577  10.932  6.740   1.00 15.70 ? 119 THR B N   1 
ATOM   994  C CA  . THR A 1 113 ? -4.412  11.431  7.838   1.00 17.09 ? 119 THR B CA  1 
ATOM   995  C C   . THR A 1 113 ? -5.575  12.255  7.283   1.00 18.28 ? 119 THR B C   1 
ATOM   996  O O   . THR A 1 113 ? -5.571  12.542  6.097   1.00 20.69 ? 119 THR B O   1 
ATOM   997  C CB  . THR A 1 113 ? -3.507  12.203  8.769   1.00 15.05 ? 119 THR B CB  1 
ATOM   998  O OG1 . THR A 1 113 ? -2.868  13.229  7.993   1.00 14.98 ? 119 THR B OG1 1 
ATOM   999  C CG2 . THR A 1 113 ? -2.442  11.402  9.446   1.00 16.51 ? 119 THR B CG2 1 
ATOM   1000 N N   . SER A 1 114 ? -6.518  12.651  8.141   1.00 22.05 ? 120 SER B N   1 
ATOM   1001 C CA  . SER A 1 114 ? -7.630  13.524  7.722   1.00 26.08 ? 120 SER B CA  1 
ATOM   1002 C C   . SER A 1 114 ? -7.608  14.808  8.556   1.00 25.92 ? 120 SER B C   1 
ATOM   1003 O O   . SER A 1 114 ? -7.845  14.766  9.768   1.00 27.24 ? 120 SER B O   1 
ATOM   1004 C CB  . SER A 1 114 ? -8.965  12.814  7.806   1.00 33.06 ? 120 SER B CB  1 
ATOM   1005 O OG  . SER A 1 114 ? -9.957  13.616  7.171   1.00 35.89 ? 120 SER B OG  1 
ATOM   1006 N N   . PRO A 1 115 ? -7.179  15.954  7.982   1.00 23.91 ? 121 PRO B N   1 
ATOM   1007 C CA  . PRO A 1 115 ? -6.680  16.055  6.619   1.00 24.19 ? 121 PRO B CA  1 
ATOM   1008 C C   . PRO A 1 115 ? -5.235  15.534  6.490   1.00 19.61 ? 121 PRO B C   1 
ATOM   1009 O O   . PRO A 1 115 ? -4.586  15.243  7.488   1.00 19.93 ? 121 PRO B O   1 
ATOM   1010 C CB  . PRO A 1 115 ? -6.722  17.557  6.328   1.00 27.07 ? 121 PRO B CB  1 
ATOM   1011 C CG  . PRO A 1 115 ? -6.407  18.168  7.673   1.00 25.77 ? 121 PRO B CG  1 
ATOM   1012 C CD  . PRO A 1 115 ? -7.081  17.250  8.690   1.00 25.42 ? 121 PRO B CD  1 
ATOM   1013 N N   . GLN A 1 116 ? -4.776  15.388  5.259   1.00 19.39 ? 122 GLN B N   1 
ATOM   1014 C CA  . GLN A 1 116 ? -3.453  14.789  4.952   1.00 18.57 ? 122 GLN B CA  1 
ATOM   1015 C C   . GLN A 1 116 ? -2.304  15.602  5.563   1.00 16.32 ? 122 GLN B C   1 
ATOM   1016 O O   . GLN A 1 116 ? -2.412  16.844  5.719   1.00 16.23 ? 122 GLN B O   1 
ATOM   1017 C CB  . GLN A 1 116 ? -3.265  14.511  3.458   1.00 23.20 ? 122 GLN B CB  1 
ATOM   1018 C CG  . GLN A 1 116 ? -2.922  15.713  2.601   1.00 28.46 ? 122 GLN B CG  1 
ATOM   1019 C CD  . GLN A 1 116 ? -4.131  16.239  1.876   1.00 40.33 ? 122 GLN B CD  1 
ATOM   1020 O OE1 . GLN A 1 116 ? -5.266  16.160  2.364   1.00 46.56 ? 122 GLN B OE1 1 
ATOM   1021 N NE2 . GLN A 1 116 ? -3.876  16.828  0.719   1.00 47.72 ? 122 GLN B NE2 1 
ATOM   1022 N N   . THR A 1 117 ? -1.204  14.925  5.823   1.00 14.29 ? 123 THR B N   1 
ATOM   1023 C CA  . THR A 1 117 ? -0.017  15.484  6.477   1.00 13.71 ? 123 THR B CA  1 
ATOM   1024 C C   . THR A 1 117 ? 1.155   15.526  5.494   1.00 13.17 ? 123 THR B C   1 
ATOM   1025 O O   . THR A 1 117 ? 1.575   14.482  4.961   1.00 14.86 ? 123 THR B O   1 
ATOM   1026 C CB  . THR A 1 117 ? 0.335   14.727  7.754   1.00 13.14 ? 123 THR B CB  1 
ATOM   1027 O OG1 . THR A 1 117 ? -0.795  14.797  8.610   1.00 14.59 ? 123 THR B OG1 1 
ATOM   1028 C CG2 . THR A 1 117 ? 1.568   15.301  8.408   1.00 14.30 ? 123 THR B CG2 1 
ATOM   1029 N N   . THR A 1 118 ? 1.797   16.676  5.332   1.00 14.41 ? 124 THR B N   1 
ATOM   1030 C CA  . THR A 1 118 ? 3.012   16.785  4.518   1.00 14.27 ? 124 THR B CA  1 
ATOM   1031 C C   . THR A 1 118 ? 4.168   15.970  5.075   1.00 14.62 ? 124 THR B C   1 
ATOM   1032 O O   . THR A 1 118 ? 4.445   16.044  6.323   1.00 16.66 ? 124 THR B O   1 
ATOM   1033 C CB  . THR A 1 118 ? 3.392   18.278  4.506   1.00 17.70 ? 124 THR B CB  1 
ATOM   1034 O OG1 . THR A 1 118 ? 2.362   18.975  3.822   1.00 20.82 ? 124 THR B OG1 1 
ATOM   1035 C CG2 . THR A 1 118 ? 4.745   18.490  3.883   1.00 21.54 ? 124 THR B CG2 1 
ATOM   1036 N N   . LEU A 1 119 ? 4.854   15.182  4.247   1.00 13.45 ? 125 LEU B N   1 
ATOM   1037 C CA  . LEU A 1 119 ? 6.045   14.423  4.648   1.00 12.58 ? 125 LEU B CA  1 
ATOM   1038 C C   . LEU A 1 119 ? 7.285   15.212  4.185   1.00 14.95 ? 125 LEU B C   1 
ATOM   1039 O O   . LEU A 1 119 ? 7.194   16.070  3.262   1.00 19.72 ? 125 LEU B O   1 
ATOM   1040 C CB  . LEU A 1 119 ? 6.073   13.008  4.053   1.00 13.36 ? 125 LEU B CB  1 
ATOM   1041 C CG  . LEU A 1 119 ? 4.856   12.172  4.451   1.00 12.87 ? 125 LEU B CG  1 
ATOM   1042 C CD1 . LEU A 1 119 ? 4.823   10.845  3.725   1.00 13.33 ? 125 LEU B CD1 1 
ATOM   1043 C CD2 . LEU A 1 119 ? 4.810   11.946  5.958   1.00 14.44 ? 125 LEU B CD2 1 
ATOM   1044 N N   . HIS A 1 120 ? 8.396   15.022  4.871   1.00 14.82 ? 126 HIS B N   1 
ATOM   1045 C CA  . HIS A 1 120 ? 9.667   15.746  4.629   1.00 14.94 ? 126 HIS B CA  1 
ATOM   1046 C C   . HIS A 1 120 ? 10.684  14.704  4.200   1.00 17.74 ? 126 HIS B C   1 
ATOM   1047 O O   . HIS A 1 120 ? 11.304  14.027  5.061   1.00 22.41 ? 126 HIS B O   1 
ATOM   1048 C CB  . HIS A 1 120 ? 10.077  16.458  5.934   1.00 15.68 ? 126 HIS B CB  1 
ATOM   1049 C CG  . HIS A 1 120 ? 9.094   17.474  6.409   1.00 16.05 ? 126 HIS B CG  1 
ATOM   1050 N ND1 . HIS A 1 120 ? 8.150   17.216  7.389   1.00 19.42 ? 126 HIS B ND1 1 
ATOM   1051 C CD2 . HIS A 1 120 ? 8.863   18.723  5.998   1.00 18.61 ? 126 HIS B CD2 1 
ATOM   1052 C CE1 . HIS A 1 120 ? 7.401   18.297  7.549   1.00 20.76 ? 126 HIS B CE1 1 
ATOM   1053 N NE2 . HIS A 1 120 ? 7.841   19.241  6.750   1.00 19.13 ? 126 HIS B NE2 1 
ATOM   1054 N N   . ILE A 1 121 ? 10.823  14.493  2.920   1.00 20.36 ? 127 ILE B N   1 
ATOM   1055 C CA  . ILE A 1 121 ? 11.731  13.461  2.364   1.00 21.92 ? 127 ILE B CA  1 
ATOM   1056 C C   . ILE A 1 121 ? 12.797  14.188  1.506   1.00 21.38 ? 127 ILE B C   1 
ATOM   1057 O O   . ILE A 1 121 ? 12.413  14.894  0.586   1.00 28.46 ? 127 ILE B O   1 
ATOM   1058 C CB  . ILE A 1 121 ? 10.896  12.450  1.550   1.00 22.41 ? 127 ILE B CB  1 
ATOM   1059 C CG1 . ILE A 1 121 ? 9.887   11.720  2.463   1.00 20.61 ? 127 ILE B CG1 1 
ATOM   1060 C CG2 . ILE A 1 121 ? 11.861  11.536  0.799   1.00 27.25 ? 127 ILE B CG2 1 
ATOM   1061 C CD1 . ILE A 1 121 ? 9.158   10.551  1.812   1.00 21.55 ? 127 ILE B CD1 1 
ATOM   1062 N N   . GLN A 1 122 ? 14.057  14.099  1.900   1.00 26.50 ? 128 GLN B N   1 
ATOM   1063 C CA  . GLN A 1 122 ? 15.193  14.758  1.180   1.00 30.29 ? 128 GLN B CA  1 
ATOM   1064 C C   . GLN A 1 122 ? 15.653  13.857  0.028   1.00 26.99 ? 128 GLN B C   1 
ATOM   1065 O O   . GLN A 1 122 ? 16.017  14.401  -1.042  1.00 27.16 ? 128 GLN B O   1 
ATOM   1066 C CB  . GLN A 1 122 ? 16.310  15.045  2.194   1.00 32.88 ? 128 GLN B CB  1 
ATOM   1067 C CG  . GLN A 1 122 ? 17.586  15.638  1.589   1.00 43.21 ? 128 GLN B CG  1 
ATOM   1068 C CD  . GLN A 1 122 ? 17.369  16.962  0.885   1.00 48.59 ? 128 GLN B CD  1 
ATOM   1069 O OE1 . GLN A 1 122 ? 16.362  17.645  1.080   1.00 54.01 ? 128 GLN B OE1 1 
ATOM   1070 N NE2 . GLN A 1 122 ? 18.313  17.331  0.030   1.00 53.18 ? 128 GLN B NE2 1 
ATOM   1071 N N   . VAL A 1 123 ? 15.580  12.541  0.209   1.00 23.23 ? 129 VAL B N   1 
ATOM   1072 C CA  . VAL A 1 123 ? 16.053  11.533  -0.805  1.00 20.86 ? 129 VAL B CA  1 
ATOM   1073 C C   . VAL A 1 123 ? 14.861  10.759  -1.357  1.00 20.38 ? 129 VAL B C   1 
ATOM   1074 O O   . VAL A 1 123 ? 14.311  9.937   -0.617  1.00 18.51 ? 129 VAL B O   1 
ATOM   1075 C CB  . VAL A 1 123 ? 17.055  10.549  -0.191  1.00 22.57 ? 129 VAL B CB  1 
ATOM   1076 C CG1 . VAL A 1 123 ? 17.502  9.460   -1.171  1.00 22.44 ? 129 VAL B CG1 1 
ATOM   1077 C CG2 . VAL A 1 123 ? 18.267  11.266  0.378   1.00 25.89 ? 129 VAL B CG2 1 
ATOM   1078 N N   . PRO A 1 124 ? 14.307  11.086  -2.542  1.00 19.37 ? 130 PRO B N   1 
ATOM   1079 C CA  . PRO A 1 124 ? 13.125  10.387  -3.057  1.00 19.32 ? 130 PRO B CA  1 
ATOM   1080 C C   . PRO A 1 124 ? 13.329  8.883   -3.002  1.00 19.19 ? 130 PRO B C   1 
ATOM   1081 O O   . PRO A 1 124 ? 14.305  8.349   -3.469  1.00 19.23 ? 130 PRO B O   1 
ATOM   1082 C CB  . PRO A 1 124 ? 13.043  10.914  -4.505  1.00 23.29 ? 130 PRO B CB  1 
ATOM   1083 C CG  . PRO A 1 124 ? 13.557  12.345  -4.350  1.00 22.21 ? 130 PRO B CG  1 
ATOM   1084 C CD  . PRO A 1 124 ? 14.731  12.181  -3.447  1.00 21.03 ? 130 PRO B CD  1 
ATOM   1085 N N   . PRO A 1 125 ? 12.466  8.125   -2.310  1.00 16.71 ? 131 PRO B N   1 
ATOM   1086 C CA  . PRO A 1 125 ? 12.666  6.695   -2.151  1.00 16.49 ? 131 PRO B CA  1 
ATOM   1087 C C   . PRO A 1 125 ? 12.443  5.896   -3.435  1.00 15.99 ? 131 PRO B C   1 
ATOM   1088 O O   . PRO A 1 125 ? 11.437  6.146   -4.098  1.00 16.92 ? 131 PRO B O   1 
ATOM   1089 C CB  . PRO A 1 125 ? 11.700  6.341   -1.004  1.00 18.33 ? 131 PRO B CB  1 
ATOM   1090 C CG  . PRO A 1 125 ? 10.699  7.419   -0.963  1.00 19.76 ? 131 PRO B CG  1 
ATOM   1091 C CD  . PRO A 1 125 ? 11.375  8.657   -1.478  1.00 17.11 ? 131 PRO B CD  1 
ATOM   1092 N N   . CYS A 1 126 ? 13.288  4.900   -3.657  1.00 16.33 ? 132 CYS B N   1 
ATOM   1093 C CA  . CYS A 1 126 ? 13.028  3.845   -4.672  1.00 16.66 ? 132 CYS B CA  1 
ATOM   1094 C C   . CYS A 1 126 ? 12.411  2.608   -4.016  1.00 15.48 ? 132 CYS B C   1 
ATOM   1095 O O   . CYS A 1 126 ? 11.793  1.815   -4.708  1.00 15.04 ? 132 CYS B O   1 
ATOM   1096 C CB  . CYS A 1 126 ? 14.284  3.463   -5.428  1.00 20.63 ? 132 CYS B CB  1 
ATOM   1097 S SG  . CYS A 1 126 ? 14.936  4.859   -6.396  1.00 29.16 ? 132 CYS B SG  1 
ATOM   1098 N N   A GLN A 1 127 ? 12.622  2.391   -2.711  0.25 15.54 ? 133 GLN B N   1 
ATOM   1099 N N   B GLN A 1 127 ? 12.542  2.508   -2.693  0.25 15.63 ? 133 GLN B N   1 
ATOM   1100 C CA  A GLN A 1 127 ? 11.971  1.276   -1.963  0.25 16.08 ? 133 GLN B CA  1 
ATOM   1101 C CA  B GLN A 1 127 ? 12.053  1.353   -1.908  0.25 16.66 ? 133 GLN B CA  1 
ATOM   1102 C C   A GLN A 1 127 ? 11.561  1.774   -0.575  0.25 15.39 ? 133 GLN B C   1 
ATOM   1103 C C   B GLN A 1 127 ? 11.498  1.905   -0.591  0.25 15.84 ? 133 GLN B C   1 
ATOM   1104 O O   A GLN A 1 127 ? 12.351  2.492   0.076   0.25 13.52 ? 133 GLN B O   1 
ATOM   1105 O O   B GLN A 1 127 ? 12.064  2.884   -0.046  0.25 13.90 ? 133 GLN B O   1 
ATOM   1106 C CB  A GLN A 1 127 ? 12.844  0.029   -1.773  0.25 18.08 ? 133 GLN B CB  1 
ATOM   1107 C CB  B GLN A 1 127 ? 13.168  0.322   -1.725  0.25 19.34 ? 133 GLN B CB  1 
ATOM   1108 C CG  A GLN A 1 127 ? 13.214  -0.711  -3.047  0.25 19.67 ? 133 GLN B CG  1 
ATOM   1109 C CG  B GLN A 1 127 ? 13.675  -0.266  -3.033  0.25 20.84 ? 133 GLN B CG  1 
ATOM   1110 C CD  A GLN A 1 127 ? 14.553  -0.238  -3.550  0.25 22.26 ? 133 GLN B CD  1 
ATOM   1111 C CD  B GLN A 1 127 ? 14.451  -1.549  -2.864  0.25 23.14 ? 133 GLN B CD  1 
ATOM   1112 O OE1 A GLN A 1 127 ? 15.449  0.063   -2.762  0.25 22.82 ? 133 GLN B OE1 1 
ATOM   1113 O OE1 B GLN A 1 127 ? 14.717  -2.004  -1.755  0.25 27.05 ? 133 GLN B OE1 1 
ATOM   1114 N NE2 A GLN A 1 127 ? 14.680  -0.124  -4.865  0.25 22.94 ? 133 GLN B NE2 1 
ATOM   1115 N NE2 B GLN A 1 127 ? 14.828  -2.144  -3.977  0.25 24.88 ? 133 GLN B NE2 1 
ATOM   1116 N N   . ILE A 1 128 ? 10.357  1.358   -0.163  1.00 14.26 ? 134 ILE B N   1 
ATOM   1117 C CA  . ILE A 1 128 ? 9.651   1.778   1.080   1.00 13.96 ? 134 ILE B CA  1 
ATOM   1118 C C   . ILE A 1 128 ? 9.565   0.527   1.960   1.00 14.41 ? 134 ILE B C   1 
ATOM   1119 O O   . ILE A 1 128 ? 9.118   -0.555  1.500   1.00 13.74 ? 134 ILE B O   1 
ATOM   1120 C CB  . ILE A 1 128 ? 8.262   2.329   0.758   1.00 14.59 ? 134 ILE B CB  1 
ATOM   1121 C CG1 . ILE A 1 128 ? 8.259   3.537   -0.186  1.00 18.03 ? 134 ILE B CG1 1 
ATOM   1122 C CG2 . ILE A 1 128 ? 7.502   2.618   2.053   1.00 14.95 ? 134 ILE B CG2 1 
ATOM   1123 C CD1 . ILE A 1 128 ? 8.697   4.763   0.424   1.00 18.04 ? 134 ILE B CD1 1 
ATOM   1124 N N   . GLY A 1 129 ? 9.930   0.656   3.241   1.00 13.82 ? 135 GLY B N   1 
ATOM   1125 C CA  . GLY A 1 129 ? 9.668   -0.379  4.240   1.00 14.03 ? 135 GLY B CA  1 
ATOM   1126 C C   . GLY A 1 129 ? 8.444   -0.029  5.065   1.00 13.77 ? 135 GLY B C   1 
ATOM   1127 O O   . GLY A 1 129 ? 8.233   1.133   5.414   1.00 13.34 ? 135 GLY B O   1 
ATOM   1128 N N   . ILE A 1 130 ? 7.605   -1.039  5.328   1.00 13.45 ? 136 ILE B N   1 
ATOM   1129 C CA  . ILE A 1 130 ? 6.334   -0.880  6.093   1.00 12.26 ? 136 ILE B CA  1 
ATOM   1130 C C   . ILE A 1 130 ? 6.370   -1.824  7.293   1.00 13.65 ? 136 ILE B C   1 
ATOM   1131 O O   . ILE A 1 130 ? 6.608   -3.016  7.131   1.00 13.99 ? 136 ILE B O   1 
ATOM   1132 C CB  . ILE A 1 130 ? 5.111   -1.159  5.206   1.00 13.86 ? 136 ILE B CB  1 
ATOM   1133 C CG1 . ILE A 1 130 ? 5.109   -0.230  4.000   1.00 15.77 ? 136 ILE B CG1 1 
ATOM   1134 C CG2 . ILE A 1 130 ? 3.820   -1.045  6.001   1.00 14.83 ? 136 ILE B CG2 1 
ATOM   1135 C CD1 . ILE A 1 130 ? 4.067   -0.536  3.012   1.00 18.96 ? 136 ILE B CD1 1 
ATOM   1136 N N   . PHE A 1 131 ? 6.226   -1.239  8.468   1.00 13.19 ? 137 PHE B N   1 
ATOM   1137 C CA  . PHE A 1 131 ? 6.270   -1.979  9.751   1.00 12.51 ? 137 PHE B CA  1 
ATOM   1138 C C   . PHE A 1 131 ? 4.926   -1.812  10.434  1.00 12.76 ? 137 PHE B C   1 
ATOM   1139 O O   . PHE A 1 131 ? 4.451   -0.684  10.630  1.00 13.85 ? 137 PHE B O   1 
ATOM   1140 C CB  . PHE A 1 131 ? 7.368   -1.452  10.664  1.00 13.98 ? 137 PHE B CB  1 
ATOM   1141 C CG  . PHE A 1 131 ? 7.404   -2.085  12.031  1.00 15.07 ? 137 PHE B CG  1 
ATOM   1142 C CD1 . PHE A 1 131 ? 7.782   -3.393  12.181  1.00 16.58 ? 137 PHE B CD1 1 
ATOM   1143 C CD2 . PHE A 1 131 ? 7.136   -1.337  13.159  1.00 16.29 ? 137 PHE B CD2 1 
ATOM   1144 C CE1 . PHE A 1 131 ? 7.863   -3.951  13.458  1.00 18.52 ? 137 PHE B CE1 1 
ATOM   1145 C CE2 . PHE A 1 131 ? 7.167   -1.906  14.428  1.00 17.62 ? 137 PHE B CE2 1 
ATOM   1146 C CZ  . PHE A 1 131 ? 7.551   -3.206  14.564  1.00 16.98 ? 137 PHE B CZ  1 
ATOM   1147 N N   . VAL A 1 132 ? 4.339   -2.934  10.866  1.00 12.91 ? 138 VAL B N   1 
ATOM   1148 C CA  . VAL A 1 132 ? 3.084   -2.952  11.648  1.00 13.05 ? 138 VAL B CA  1 
ATOM   1149 C C   . VAL A 1 132 ? 3.331   -3.663  12.977  1.00 12.28 ? 138 VAL B C   1 
ATOM   1150 O O   . VAL A 1 132 ? 3.799   -4.795  12.985  1.00 14.40 ? 138 VAL B O   1 
ATOM   1151 C CB  . VAL A 1 132 ? 1.922   -3.613  10.886  1.00 13.36 ? 138 VAL B CB  1 
ATOM   1152 C CG1 . VAL A 1 132 ? 0.653   -3.580  11.725  1.00 15.42 ? 138 VAL B CG1 1 
ATOM   1153 C CG2 . VAL A 1 132 ? 1.718   -2.903  9.539   1.00 15.14 ? 138 VAL B CG2 1 
ATOM   1154 N N   . ASP A 1 133 ? 3.019   -2.962  14.062  1.00 12.85 ? 139 ASP B N   1 
ATOM   1155 C CA  . ASP A 1 133 ? 2.944   -3.606  15.406  1.00 14.55 ? 139 ASP B CA  1 
ATOM   1156 C C   . ASP A 1 133 ? 1.479   -3.605  15.838  1.00 12.91 ? 139 ASP B C   1 
ATOM   1157 O O   . ASP A 1 133 ? 0.943   -2.558  16.212  1.00 13.73 ? 139 ASP B O   1 
ATOM   1158 C CB  . ASP A 1 133 ? 3.878   -2.940  16.377  1.00 14.00 ? 139 ASP B CB  1 
ATOM   1159 C CG  . ASP A 1 133 ? 3.938   -3.592  17.753  1.00 17.60 ? 139 ASP B CG  1 
ATOM   1160 O OD1 . ASP A 1 133 ? 2.940   -4.226  18.158  1.00 18.08 ? 139 ASP B OD1 1 
ATOM   1161 O OD2 . ASP A 1 133 ? 4.967   -3.277  18.441  1.00 21.18 ? 139 ASP B OD2 1 
ATOM   1162 N N   . TYR A 1 134 ? 0.825   -4.762  15.717  1.00 14.69 ? 140 TYR B N   1 
ATOM   1163 C CA  . TYR A 1 134 ? -0.628  -4.845  15.958  1.00 13.94 ? 140 TYR B CA  1 
ATOM   1164 C C   . TYR A 1 134 ? -0.988  -4.446  17.404  1.00 15.13 ? 140 TYR B C   1 
ATOM   1165 O O   . TYR A 1 134 ? -1.791  -3.582  17.637  1.00 16.67 ? 140 TYR B O   1 
ATOM   1166 C CB  . TYR A 1 134 ? -1.166  -6.235  15.578  1.00 14.42 ? 140 TYR B CB  1 
ATOM   1167 C CG  . TYR A 1 134 ? -2.660  -6.190  15.397  1.00 14.74 ? 140 TYR B CG  1 
ATOM   1168 C CD1 . TYR A 1 134 ? -3.518  -6.060  16.478  1.00 15.01 ? 140 TYR B CD1 1 
ATOM   1169 C CD2 . TYR A 1 134 ? -3.249  -6.125  14.133  1.00 14.70 ? 140 TYR B CD2 1 
ATOM   1170 C CE1 . TYR A 1 134 ? -4.883  -5.948  16.324  1.00 15.00 ? 140 TYR B CE1 1 
ATOM   1171 C CE2 . TYR A 1 134 ? -4.612  -5.988  13.974  1.00 14.22 ? 140 TYR B CE2 1 
ATOM   1172 C CZ  . TYR A 1 134 ? -5.461  -5.918  15.065  1.00 14.42 ? 140 TYR B CZ  1 
ATOM   1173 O OH  . TYR A 1 134 ? -6.798  -5.737  14.936  1.00 14.91 ? 140 TYR B OH  1 
ATOM   1174 N N   . GLU A 1 135 ? -0.287  -5.052  18.337  1.00 16.84 ? 141 GLU B N   1 
ATOM   1175 C CA  . GLU A 1 135 ? -0.592  -4.825  19.781  1.00 17.55 ? 141 GLU B CA  1 
ATOM   1176 C C   . GLU A 1 135 ? -0.343  -3.382  20.164  1.00 17.12 ? 141 GLU B C   1 
ATOM   1177 O O   . GLU A 1 135 ? -1.198  -2.799  20.850  1.00 19.83 ? 141 GLU B O   1 
ATOM   1178 C CB  . GLU A 1 135 ? 0.194   -5.776  20.658  1.00 19.73 ? 141 GLU B CB  1 
ATOM   1179 C CG  . GLU A 1 135 ? -0.514  -7.143  20.731  1.00 25.96 ? 141 GLU B CG  1 
ATOM   1180 C CD  . GLU A 1 135 ? -0.480  -7.927  19.464  1.00 28.64 ? 141 GLU B CD  1 
ATOM   1181 O OE1 . GLU A 1 135 ? -1.405  -8.651  19.230  1.00 26.35 ? 141 GLU B OE1 1 
ATOM   1182 O OE2 . GLU A 1 135 ? 0.516   -7.787  18.690  1.00 30.50 ? 141 GLU B OE2 1 
ATOM   1183 N N   . ALA A 1 136 ? 0.751   -2.779  19.691  1.00 15.76 ? 142 ALA B N   1 
ATOM   1184 C CA  . ALA A 1 136 ? 1.115   -1.389  20.022  1.00 16.44 ? 142 ALA B CA  1 
ATOM   1185 C C   . ALA A 1 136 ? 0.235   -0.372  19.289  1.00 16.50 ? 142 ALA B C   1 
ATOM   1186 O O   . ALA A 1 136 ? 0.158   0.777   19.720  1.00 18.42 ? 142 ALA B O   1 
ATOM   1187 C CB  . ALA A 1 136 ? 2.570   -1.151  19.688  1.00 18.28 ? 142 ALA B CB  1 
ATOM   1188 N N   . GLY A 1 137 ? -0.483  -0.756  18.241  1.00 14.39 ? 143 GLY B N   1 
ATOM   1189 C CA  . GLY A 1 137 ? -1.259  0.177   17.425  1.00 13.67 ? 143 GLY B CA  1 
ATOM   1190 C C   . GLY A 1 137 ? -0.354  1.123   16.617  1.00 12.58 ? 143 GLY B C   1 
ATOM   1191 O O   . GLY A 1 137 ? -0.580  2.367   16.676  1.00 13.55 ? 143 GLY B O   1 
ATOM   1192 N N   . VAL A 1 138 ? 0.652   0.571   15.960  1.00 13.17 ? 144 VAL B N   1 
ATOM   1193 C CA  . VAL A 1 138 ? 1.658   1.375   15.198  1.00 12.72 ? 144 VAL B CA  1 
ATOM   1194 C C   . VAL A 1 138 ? 1.731   0.891   13.754  1.00 12.08 ? 144 VAL B C   1 
ATOM   1195 O O   . VAL A 1 138 ? 1.912   -0.318  13.506  1.00 13.86 ? 144 VAL B O   1 
ATOM   1196 C CB  . VAL A 1 138 ? 3.032   1.267   15.892  1.00 13.91 ? 144 VAL B CB  1 
ATOM   1197 C CG1 . VAL A 1 138 ? 4.164   1.805   15.018  1.00 14.71 ? 144 VAL B CG1 1 
ATOM   1198 C CG2 . VAL A 1 138 ? 2.957   1.935   17.250  1.00 15.41 ? 144 VAL B CG2 1 
ATOM   1199 N N   . VAL A 1 139 ? 1.802   1.864   12.841  1.00 12.81 ? 145 VAL B N   1 
ATOM   1200 C CA  . VAL A 1 139 ? 2.217   1.615   11.427  1.00 12.14 ? 145 VAL B CA  1 
ATOM   1201 C C   . VAL A 1 139 ? 3.321   2.627   11.084  1.00 11.42 ? 145 VAL B C   1 
ATOM   1202 O O   . VAL A 1 139 ? 3.056   3.851   11.162  1.00 12.57 ? 145 VAL B O   1 
ATOM   1203 C CB  . VAL A 1 139 ? 1.040   1.754   10.452  1.00 12.43 ? 145 VAL B CB  1 
ATOM   1204 C CG1 . VAL A 1 139 ? 1.471   1.384   9.033   1.00 12.49 ? 145 VAL B CG1 1 
ATOM   1205 C CG2 . VAL A 1 139 ? -0.137  0.911   10.906  1.00 12.64 ? 145 VAL B CG2 1 
ATOM   1206 N N   . SER A 1 140 ? 4.487   2.146   10.710  1.00 11.85 ? 146 SER B N   1 
ATOM   1207 C CA  . SER A 1 140 ? 5.629   3.024   10.385  1.00 13.01 ? 146 SER B CA  1 
ATOM   1208 C C   . SER A 1 140 ? 6.145   2.735   8.983   1.00 12.18 ? 146 SER B C   1 
ATOM   1209 O O   . SER A 1 140 ? 6.097   1.610   8.505   1.00 12.70 ? 146 SER B O   1 
ATOM   1210 C CB  . SER A 1 140 ? 6.738   2.847   11.409  1.00 12.69 ? 146 SER B CB  1 
ATOM   1211 O OG  . SER A 1 140 ? 6.352   3.352   12.681  1.00 14.20 ? 146 SER B OG  1 
ATOM   1212 N N   . PHE A 1 141 ? 6.667   3.785   8.367   1.00 11.79 ? 147 PHE B N   1 
ATOM   1213 C CA  . PHE A 1 141 ? 7.194   3.800   6.991   1.00 12.67 ? 147 PHE B CA  1 
ATOM   1214 C C   . PHE A 1 141 ? 8.645   4.225   7.021   1.00 12.23 ? 147 PHE B C   1 
ATOM   1215 O O   . PHE A 1 141 ? 8.918   5.276   7.663   1.00 11.95 ? 147 PHE B O   1 
ATOM   1216 C CB  . PHE A 1 141 ? 6.349   4.704   6.067   1.00 12.29 ? 147 PHE B CB  1 
ATOM   1217 C CG  . PHE A 1 141 ? 4.909   4.260   5.951   1.00 11.15 ? 147 PHE B CG  1 
ATOM   1218 C CD1 . PHE A 1 141 ? 3.983   4.582   6.939   1.00 11.40 ? 147 PHE B CD1 1 
ATOM   1219 C CD2 . PHE A 1 141 ? 4.472   3.477   4.874   1.00 11.81 ? 147 PHE B CD2 1 
ATOM   1220 C CE1 . PHE A 1 141 ? 2.663   4.151   6.849   1.00 11.56 ? 147 PHE B CE1 1 
ATOM   1221 C CE2 . PHE A 1 141 ? 3.146   3.060   4.796   1.00 11.49 ? 147 PHE B CE2 1 
ATOM   1222 C CZ  . PHE A 1 141 ? 2.230   3.384   5.778   1.00 10.80 ? 147 PHE B CZ  1 
ATOM   1223 N N   . TYR A 1 142 ? 9.465   3.558   6.236   1.00 12.51 ? 148 TYR B N   1 
ATOM   1224 C CA  . TYR A 1 142 ? 10.933  3.747   6.230   1.00 13.92 ? 148 TYR B CA  1 
ATOM   1225 C C   . TYR A 1 142 ? 11.412  3.953   4.794   1.00 15.66 ? 148 TYR B C   1 
ATOM   1226 O O   . TYR A 1 142 ? 10.950  3.285   3.853   1.00 13.97 ? 148 TYR B O   1 
ATOM   1227 C CB  . TYR A 1 142 ? 11.663  2.611   6.946   1.00 14.57 ? 148 TYR B CB  1 
ATOM   1228 C CG  . TYR A 1 142 ? 11.306  2.496   8.405   1.00 14.79 ? 148 TYR B CG  1 
ATOM   1229 C CD1 . TYR A 1 142 ? 11.928  3.292   9.337   1.00 15.43 ? 148 TYR B CD1 1 
ATOM   1230 C CD2 . TYR A 1 142 ? 10.268  1.691   8.856   1.00 15.86 ? 148 TYR B CD2 1 
ATOM   1231 C CE1 . TYR A 1 142 ? 11.548  3.267   10.666  1.00 16.23 ? 148 TYR B CE1 1 
ATOM   1232 C CE2 . TYR A 1 142 ? 9.897   1.630   10.186  1.00 15.11 ? 148 TYR B CE2 1 
ATOM   1233 C CZ  . TYR A 1 142 ? 10.572  2.401   11.116  1.00 16.37 ? 148 TYR B CZ  1 
ATOM   1234 O OH  . TYR A 1 142 ? 10.148  2.370   12.431  1.00 18.43 ? 148 TYR B OH  1 
ATOM   1235 N N   . ASN A 1 143 ? 12.431  4.787   4.636   1.00 16.23 ? 149 ASN B N   1 
ATOM   1236 C CA  . ASN A 1 143 ? 13.068  5.133   3.326   1.00 15.50 ? 149 ASN B CA  1 
ATOM   1237 C C   . ASN A 1 143 ? 14.262  4.202   3.119   1.00 15.57 ? 149 ASN B C   1 
ATOM   1238 O O   . ASN A 1 143 ? 15.347  4.493   3.684   1.00 17.18 ? 149 ASN B O   1 
ATOM   1239 C CB  . ASN A 1 143 ? 13.422  6.614   3.306   1.00 15.42 ? 149 ASN B CB  1 
ATOM   1240 C CG  . ASN A 1 143 ? 13.994  7.068   1.968   1.00 14.90 ? 149 ASN B CG  1 
ATOM   1241 O OD1 . ASN A 1 143 ? 14.393  6.211   1.174   1.00 16.93 ? 149 ASN B OD1 1 
ATOM   1242 N ND2 . ASN A 1 143 ? 13.913  8.341   1.713   1.00 16.53 ? 149 ASN B ND2 1 
ATOM   1243 N N   . ILE A 1 144 ? 14.124  3.097   2.385   1.00 16.92 ? 150 ILE B N   1 
ATOM   1244 C CA  . ILE A 1 144 ? 15.199  2.078   2.298   1.00 18.19 ? 150 ILE B CA  1 
ATOM   1245 C C   . ILE A 1 144 ? 16.361  2.714   1.504   1.00 18.72 ? 150 ILE B C   1 
ATOM   1246 O O   . ILE A 1 144 ? 17.534  2.414   1.813   1.00 21.14 ? 150 ILE B O   1 
ATOM   1247 C CB  . ILE A 1 144 ? 14.661  0.803   1.646   1.00 19.07 ? 150 ILE B CB  1 
ATOM   1248 C CG1 . ILE A 1 144 ? 13.459  0.220   2.402   1.00 19.24 ? 150 ILE B CG1 1 
ATOM   1249 C CG2 . ILE A 1 144 ? 15.778  -0.214  1.444   1.00 21.66 ? 150 ILE B CG2 1 
ATOM   1250 C CD1 . ILE A 1 144 ? 13.634  0.217   3.897   1.00 23.12 ? 150 ILE B CD1 1 
ATOM   1251 N N   . THR A 1 145 ? 16.065  3.586   0.559   1.00 18.21 ? 151 THR B N   1 
ATOM   1252 C CA  . THR A 1 145 ? 17.098  4.270   -0.296  1.00 18.34 ? 151 THR B CA  1 
ATOM   1253 C C   . THR A 1 145 ? 17.992  5.148   0.588   1.00 22.41 ? 151 THR B C   1 
ATOM   1254 O O   . THR A 1 145 ? 19.214  5.220   0.310   1.00 26.19 ? 151 THR B O   1 
ATOM   1255 C CB  . THR A 1 145 ? 16.396  5.120   -1.367  1.00 18.24 ? 151 THR B CB  1 
ATOM   1256 O OG1 . THR A 1 145 ? 15.484  4.273   -2.060  1.00 18.51 ? 151 THR B OG1 1 
ATOM   1257 C CG2 . THR A 1 145 ? 17.400  5.681   -2.357  1.00 19.32 ? 151 THR B CG2 1 
ATOM   1258 N N   . ASP A 1 146 ? 17.444  5.758   1.634   1.00 20.73 ? 152 ASP B N   1 
ATOM   1259 C CA  . ASP A 1 146 ? 18.183  6.632   2.594   1.00 20.88 ? 152 ASP B CA  1 
ATOM   1260 C C   . ASP A 1 146 ? 18.488  5.886   3.906   1.00 22.57 ? 152 ASP B C   1 
ATOM   1261 O O   . ASP A 1 146 ? 18.153  6.423   4.968   1.00 22.37 ? 152 ASP B O   1 
ATOM   1262 C CB  . ASP A 1 146 ? 17.437  7.934   2.716   1.00 20.31 ? 152 ASP B CB  1 
ATOM   1263 C CG  . ASP A 1 146 ? 18.110  8.936   3.619   1.00 25.68 ? 152 ASP B CG  1 
ATOM   1264 O OD1 . ASP A 1 146 ? 19.329  9.080   3.472   1.00 24.59 ? 152 ASP B OD1 1 
ATOM   1265 O OD2 . ASP A 1 146 ? 17.400  9.541   4.447   1.00 24.78 ? 152 ASP B OD2 1 
ATOM   1266 N N   . HIS A 1 147 ? 19.070  4.695   3.824   1.00 24.64 ? 153 HIS B N   1 
ATOM   1267 C CA  . HIS A 1 147 ? 19.632  3.948   4.982   1.00 28.25 ? 153 HIS B CA  1 
ATOM   1268 C C   . HIS A 1 147 ? 18.508  3.694   5.992   1.00 26.87 ? 153 HIS B C   1 
ATOM   1269 O O   . HIS A 1 147 ? 18.756  3.710   7.190   1.00 28.71 ? 153 HIS B O   1 
ATOM   1270 C CB  . HIS A 1 147 ? 20.769  4.716   5.688   1.00 33.12 ? 153 HIS B CB  1 
ATOM   1271 C CG  . HIS A 1 147 ? 21.847  5.293   4.820   1.00 41.56 ? 153 HIS B CG  1 
ATOM   1272 N ND1 . HIS A 1 147 ? 22.764  4.503   4.142   1.00 51.24 ? 153 HIS B ND1 1 
ATOM   1273 C CD2 . HIS A 1 147 ? 22.184  6.576   4.561   1.00 47.31 ? 153 HIS B CD2 1 
ATOM   1274 C CE1 . HIS A 1 147 ? 23.601  5.275   3.472   1.00 51.68 ? 153 HIS B CE1 1 
ATOM   1275 N NE2 . HIS A 1 147 ? 23.267  6.558   3.714   1.00 50.13 ? 153 HIS B NE2 1 
ATOM   1276 N N   . GLY A 1 148 ? 17.264  3.566   5.535   1.00 21.53 ? 154 GLY B N   1 
ATOM   1277 C CA  . GLY A 1 148 ? 16.171  3.162   6.447   1.00 19.64 ? 154 GLY B CA  1 
ATOM   1278 C C   . GLY A 1 148 ? 15.611  4.311   7.248   1.00 17.51 ? 154 GLY B C   1 
ATOM   1279 O O   . GLY A 1 148 ? 15.016  4.002   8.255   1.00 18.13 ? 154 GLY B O   1 
ATOM   1280 N N   . SER A 1 149 ? 15.823  5.554   6.874   1.00 16.91 ? 155 SER B N   1 
ATOM   1281 C CA  . SER A 1 149 ? 15.384  6.716   7.685   1.00 15.09 ? 155 SER B CA  1 
ATOM   1282 C C   . SER A 1 149 ? 13.856  6.683   7.855   1.00 15.78 ? 155 SER B C   1 
ATOM   1283 O O   . SER A 1 149 ? 13.109  6.319   6.915   1.00 16.21 ? 155 SER B O   1 
ATOM   1284 C CB  . SER A 1 149 ? 15.806  8.015   7.092   1.00 17.14 ? 155 SER B CB  1 
ATOM   1285 O OG  . SER A 1 149 ? 15.385  8.208   5.744   1.00 18.12 ? 155 SER B OG  1 
ATOM   1286 N N   . LEU A 1 150 ? 13.352  7.139   8.966   1.00 14.44 ? 156 LEU B N   1 
ATOM   1287 C CA  . LEU A 1 150 ? 11.889  7.212   9.206   1.00 13.78 ? 156 LEU B CA  1 
ATOM   1288 C C   . LEU A 1 150 ? 11.243  8.221   8.283   1.00 13.22 ? 156 LEU B C   1 
ATOM   1289 O O   . LEU A 1 150 ? 11.657  9.402   8.169   1.00 14.68 ? 156 LEU B O   1 
ATOM   1290 C CB  . LEU A 1 150 ? 11.627  7.578   10.675  1.00 13.54 ? 156 LEU B CB  1 
ATOM   1291 C CG  . LEU A 1 150 ? 10.151  7.646   11.092  1.00 14.54 ? 156 LEU B CG  1 
ATOM   1292 C CD1 . LEU A 1 150 ? 9.479   6.298   11.076  1.00 14.76 ? 156 LEU B CD1 1 
ATOM   1293 C CD2 . LEU A 1 150 ? 10.075  8.234   12.535  1.00 15.42 ? 156 LEU B CD2 1 
ATOM   1294 N N   . ILE A 1 151 ? 10.124  7.815   7.658   1.00 12.30 ? 157 ILE B N   1 
ATOM   1295 C CA  . ILE A 1 151 ? 9.213   8.685   6.901   1.00 13.57 ? 157 ILE B CA  1 
ATOM   1296 C C   . ILE A 1 151 ? 8.039   9.148   7.758   1.00 11.96 ? 157 ILE B C   1 
ATOM   1297 O O   . ILE A 1 151 ? 7.706   10.339  7.788   1.00 12.64 ? 157 ILE B O   1 
ATOM   1298 C CB  . ILE A 1 151 ? 8.758   7.971   5.610   1.00 13.06 ? 157 ILE B CB  1 
ATOM   1299 C CG1 . ILE A 1 151 ? 9.921   7.693   4.672   1.00 13.87 ? 157 ILE B CG1 1 
ATOM   1300 C CG2 . ILE A 1 151 ? 7.693   8.810   4.917   1.00 13.64 ? 157 ILE B CG2 1 
ATOM   1301 C CD1 . ILE A 1 151 ? 9.569   6.766   3.528   1.00 14.42 ? 157 ILE B CD1 1 
ATOM   1302 N N   . TYR A 1 152 ? 7.342   8.212   8.405   1.00 12.12 ? 158 TYR B N   1 
ATOM   1303 C CA  . TYR A 1 152 ? 6.089   8.554   9.117   1.00 10.94 ? 158 TYR B CA  1 
ATOM   1304 C C   . TYR A 1 152 ? 5.739   7.400   10.055  1.00 11.50 ? 158 TYR B C   1 
ATOM   1305 O O   . TYR A 1 152 ? 5.867   6.220   9.664   1.00 11.74 ? 158 TYR B O   1 
ATOM   1306 C CB  . TYR A 1 152 ? 4.902   8.792   8.146   1.00 11.89 ? 158 TYR B CB  1 
ATOM   1307 C CG  . TYR A 1 152 ? 3.733   9.439   8.821   1.00 11.88 ? 158 TYR B CG  1 
ATOM   1308 C CD1 . TYR A 1 152 ? 3.695   10.806  9.073   1.00 12.41 ? 158 TYR B CD1 1 
ATOM   1309 C CD2 . TYR A 1 152 ? 2.658   8.694   9.282   1.00 11.45 ? 158 TYR B CD2 1 
ATOM   1310 C CE1 . TYR A 1 152 ? 2.644   11.382  9.753   1.00 13.47 ? 158 TYR B CE1 1 
ATOM   1311 C CE2 . TYR A 1 152 ? 1.595   9.254   9.962   1.00 13.40 ? 158 TYR B CE2 1 
ATOM   1312 C CZ  . TYR A 1 152 ? 1.598   10.605  10.209  1.00 13.22 ? 158 TYR B CZ  1 
ATOM   1313 O OH  . TYR A 1 152 ? 0.619   11.212  10.945  1.00 15.89 ? 158 TYR B OH  1 
ATOM   1314 N N   . THR A 1 153 ? 5.179   7.750   11.221  1.00 11.72 ? 159 THR B N   1 
ATOM   1315 C CA  . THR A 1 153 ? 4.591   6.796   12.204  1.00 11.98 ? 159 THR B CA  1 
ATOM   1316 C C   . THR A 1 153 ? 3.175   7.212   12.537  1.00 12.59 ? 159 THR B C   1 
ATOM   1317 O O   . THR A 1 153 ? 2.945   8.307   13.062  1.00 13.17 ? 159 THR B O   1 
ATOM   1318 C CB  . THR A 1 153 ? 5.424   6.687   13.493  1.00 13.13 ? 159 THR B CB  1 
ATOM   1319 O OG1 . THR A 1 153 ? 6.662   6.075   13.144  1.00 13.20 ? 159 THR B OG1 1 
ATOM   1320 C CG2 . THR A 1 153 ? 4.712   5.906   14.582  1.00 14.33 ? 159 THR B CG2 1 
ATOM   1321 N N   . PHE A 1 154 ? 2.203   6.353   12.205  1.00 12.52 ? 160 PHE B N   1 
ATOM   1322 C CA  . PHE A 1 154 ? 0.829   6.381   12.770  1.00 11.98 ? 160 PHE B CA  1 
ATOM   1323 C C   . PHE A 1 154 ? 0.919   5.660   14.122  1.00 12.60 ? 160 PHE B C   1 
ATOM   1324 O O   . PHE A 1 154 ? 1.264   4.483   14.161  1.00 13.52 ? 160 PHE B O   1 
ATOM   1325 C CB  . PHE A 1 154 ? -0.175  5.615   11.893  1.00 13.19 ? 160 PHE B CB  1 
ATOM   1326 C CG  . PHE A 1 154 ? -0.491  6.243   10.553  1.00 11.68 ? 160 PHE B CG  1 
ATOM   1327 C CD1 . PHE A 1 154 ? 0.263   5.953   9.412   1.00 11.79 ? 160 PHE B CD1 1 
ATOM   1328 C CD2 . PHE A 1 154 ? -1.609  7.044   10.404  1.00 12.32 ? 160 PHE B CD2 1 
ATOM   1329 C CE1 . PHE A 1 154 ? -0.077  6.517   8.192   1.00 12.48 ? 160 PHE B CE1 1 
ATOM   1330 C CE2 . PHE A 1 154 ? -1.945  7.602   9.170   1.00 12.97 ? 160 PHE B CE2 1 
ATOM   1331 C CZ  . PHE A 1 154 ? -1.190  7.290   8.060   1.00 11.64 ? 160 PHE B CZ  1 
ATOM   1332 N N   . SER A 1 155 ? 0.570   6.387   15.177  1.00 13.87 ? 161 SER B N   1 
ATOM   1333 C CA  . SER A 1 155 ? 0.446   5.740   16.491  1.00 15.09 ? 161 SER B CA  1 
ATOM   1334 C C   . SER A 1 155 ? -0.970  5.911   17.030  1.00 14.11 ? 161 SER B C   1 
ATOM   1335 O O   . SER A 1 155 ? -1.794  6.645   16.455  1.00 16.30 ? 161 SER B O   1 
ATOM   1336 C CB  . SER A 1 155 ? 1.515   6.294   17.393  1.00 15.48 ? 161 SER B CB  1 
ATOM   1337 O OG  . SER A 1 155 ? 1.246   7.614   17.775  1.00 20.08 ? 161 SER B OG  1 
ATOM   1338 N N   . GLU A 1 156 ? -1.265  5.160   18.120  1.00 16.42 ? 162 GLU B N   1 
ATOM   1339 C CA  . GLU A 1 156 ? -2.646  5.133   18.687  1.00 17.70 ? 162 GLU B CA  1 
ATOM   1340 C C   . GLU A 1 156 ? -3.645  4.667   17.624  1.00 17.27 ? 162 GLU B C   1 
ATOM   1341 O O   . GLU A 1 156 ? -4.810  5.162   17.570  1.00 18.46 ? 162 GLU B O   1 
ATOM   1342 C CB  . GLU A 1 156 ? -3.090  6.491   19.223  1.00 21.84 ? 162 GLU B CB  1 
ATOM   1343 C CG  . GLU A 1 156 ? -2.070  7.215   20.061  1.00 27.15 ? 162 GLU B CG  1 
ATOM   1344 C CD  . GLU A 1 156 ? -2.733  8.411   20.701  1.00 37.60 ? 162 GLU B CD  1 
ATOM   1345 O OE1 . GLU A 1 156 ? -2.919  9.438   20.000  1.00 39.67 ? 162 GLU B OE1 1 
ATOM   1346 O OE2 . GLU A 1 156 ? -3.183  8.259   21.847  1.00 44.05 ? 162 GLU B OE2 1 
ATOM   1347 N N   . CYS A 1 157 ? -3.197  3.739   16.781  1.00 15.14 ? 163 CYS B N   1 
ATOM   1348 C CA  . CYS A 1 157 ? -4.054  3.269   15.683  1.00 14.63 ? 163 CYS B CA  1 
ATOM   1349 C C   . CYS A 1 157 ? -5.205  2.465   16.291  1.00 15.41 ? 163 CYS B C   1 
ATOM   1350 O O   . CYS A 1 157 ? -4.924  1.640   17.205  1.00 17.67 ? 163 CYS B O   1 
ATOM   1351 C CB  . CYS A 1 157 ? -3.346  2.387   14.659  1.00 14.33 ? 163 CYS B CB  1 
ATOM   1352 S SG  . CYS A 1 157 ? -2.060  3.265   13.734  1.00 14.65 ? 163 CYS B SG  1 
ATOM   1353 N N   . VAL A 1 158 ? -6.396  2.584   15.742  1.00 14.81 ? 164 VAL B N   1 
ATOM   1354 C CA  . VAL A 1 158 ? -7.551  1.757   16.182  1.00 16.53 ? 164 VAL B CA  1 
ATOM   1355 C C   . VAL A 1 158 ? -7.872  0.857   14.988  1.00 14.64 ? 164 VAL B C   1 
ATOM   1356 O O   . VAL A 1 158 ? -8.714  1.210   14.130  1.00 17.35 ? 164 VAL B O   1 
ATOM   1357 C CB  . VAL A 1 158 ? -8.704  2.647   16.711  1.00 18.89 ? 164 VAL B CB  1 
ATOM   1358 C CG1 . VAL A 1 158 ? -9.885  1.764   17.127  1.00 19.65 ? 164 VAL B CG1 1 
ATOM   1359 C CG2 . VAL A 1 158 ? -8.244  3.503   17.890  1.00 20.08 ? 164 VAL B CG2 1 
ATOM   1360 N N   . PHE A 1 159 ? -7.191  -0.272  14.847  1.00 13.97 ? 165 PHE B N   1 
ATOM   1361 C CA  . PHE A 1 159 ? -7.318  -1.163  13.671  1.00 15.02 ? 165 PHE B CA  1 
ATOM   1362 C C   . PHE A 1 159 ? -8.761  -1.656  13.556  1.00 17.21 ? 165 PHE B C   1 
ATOM   1363 O O   . PHE A 1 159 ? -9.341  -1.642  12.453  1.00 15.93 ? 165 PHE B O   1 
ATOM   1364 C CB  . PHE A 1 159 ? -6.247  -2.242  13.687  1.00 15.40 ? 165 PHE B CB  1 
ATOM   1365 C CG  . PHE A 1 159 ? -4.817  -1.734  13.643  1.00 13.56 ? 165 PHE B CG  1 
ATOM   1366 C CD1 . PHE A 1 159 ? -4.426  -0.768  12.704  1.00 13.74 ? 165 PHE B CD1 1 
ATOM   1367 C CD2 . PHE A 1 159 ? -3.871  -2.201  14.532  1.00 15.87 ? 165 PHE B CD2 1 
ATOM   1368 C CE1 . PHE A 1 159 ? -3.107  -0.312  12.658  1.00 14.70 ? 165 PHE B CE1 1 
ATOM   1369 C CE2 . PHE A 1 159 ? -2.558  -1.768  14.476  1.00 15.35 ? 165 PHE B CE2 1 
ATOM   1370 C CZ  . PHE A 1 159 ? -2.165  -0.826  13.526  1.00 14.00 ? 165 PHE B CZ  1 
ATOM   1371 N N   . ALA A 1 160 ? -9.313  -2.170  14.656  1.00 15.23 ? 166 ALA B N   1 
ATOM   1372 C CA  . ALA A 1 160 ? -10.738 -2.559  14.755  1.00 16.31 ? 166 ALA B CA  1 
ATOM   1373 C C   . ALA A 1 160 ? -11.049 -3.741  13.823  1.00 15.04 ? 166 ALA B C   1 
ATOM   1374 O O   . ALA A 1 160 ? -12.244 -3.882  13.413  1.00 16.41 ? 166 ALA B O   1 
ATOM   1375 C CB  . ALA A 1 160 ? -11.630 -1.382  14.541  1.00 16.85 ? 166 ALA B CB  1 
ATOM   1376 N N   . GLY A 1 161 ? -10.084 -4.570  13.520  1.00 15.85 ? 167 GLY B N   1 
ATOM   1377 C CA  . GLY A 1 161 ? -10.253 -5.737  12.647  1.00 17.13 ? 167 GLY B CA  1 
ATOM   1378 C C   . GLY A 1 161 ? -8.939  -6.289  12.156  1.00 15.59 ? 167 GLY B C   1 
ATOM   1379 O O   . GLY A 1 161 ? -7.862  -5.702  12.414  1.00 15.31 ? 167 GLY B O   1 
ATOM   1380 N N   . PRO A 1 162 ? -8.985  -7.386  11.407  1.00 14.35 ? 168 PRO B N   1 
ATOM   1381 C CA  . PRO A 1 162 ? -7.813  -7.892  10.735  1.00 13.47 ? 168 PRO B CA  1 
ATOM   1382 C C   . PRO A 1 162 ? -7.316  -6.852  9.722   1.00 13.94 ? 168 PRO B C   1 
ATOM   1383 O O   . PRO A 1 162 ? -8.116  -6.119  9.130   1.00 14.44 ? 168 PRO B O   1 
ATOM   1384 C CB  . PRO A 1 162 ? -8.263  -9.169  10.014  1.00 14.05 ? 168 PRO B CB  1 
ATOM   1385 C CG  . PRO A 1 162 ? -9.641  -9.495  10.661  1.00 13.95 ? 168 PRO B CG  1 
ATOM   1386 C CD  . PRO A 1 162 ? -10.186 -8.177  11.084  1.00 14.37 ? 168 PRO B CD  1 
ATOM   1387 N N   . LEU A 1 163 ? -6.007  -6.843  9.560   1.00 13.36 ? 169 LEU B N   1 
ATOM   1388 C CA  . LEU A 1 163 ? -5.331  -5.912  8.600   1.00 12.91 ? 169 LEU B CA  1 
ATOM   1389 C C   . LEU A 1 163 ? -4.857  -6.672  7.373   1.00 14.16 ? 169 LEU B C   1 
ATOM   1390 O O   . LEU A 1 163 ? -4.385  -7.812  7.465   1.00 14.70 ? 169 LEU B O   1 
ATOM   1391 C CB  . LEU A 1 163 ? -4.128  -5.249  9.270   1.00 13.64 ? 169 LEU B CB  1 
ATOM   1392 C CG  . LEU A 1 163 ? -4.430  -4.201  10.346  1.00 14.32 ? 169 LEU B CG  1 
ATOM   1393 C CD1 . LEU A 1 163 ? -3.137  -3.748  10.991  1.00 14.72 ? 169 LEU B CD1 1 
ATOM   1394 C CD2 . LEU A 1 163 ? -5.247  -3.025  9.814   1.00 15.53 ? 169 LEU B CD2 1 
ATOM   1395 N N   . ARG A 1 164 ? -4.922  -5.987  6.219   1.00 12.97 ? 170 ARG B N   1 
ATOM   1396 C CA  . ARG A 1 164 ? -4.327  -6.493  4.963   1.00 12.64 ? 170 ARG B CA  1 
ATOM   1397 C C   . ARG A 1 164 ? -3.347  -5.487  4.363   1.00 11.47 ? 170 ARG B C   1 
ATOM   1398 O O   . ARG A 1 164 ? -3.571  -4.266  4.443   1.00 11.98 ? 170 ARG B O   1 
ATOM   1399 C CB  . ARG A 1 164 ? -5.437  -6.792  3.955   1.00 13.60 ? 170 ARG B CB  1 
ATOM   1400 C CG  . ARG A 1 164 ? -6.326  -7.913  4.517   1.00 16.37 ? 170 ARG B CG  1 
ATOM   1401 C CD  . ARG A 1 164 ? -7.426  -8.318  3.601   1.00 18.68 ? 170 ARG B CD  1 
ATOM   1402 N NE  . ARG A 1 164 ? -6.855  -9.024  2.474   1.00 18.23 ? 170 ARG B NE  1 
ATOM   1403 C CZ  . ARG A 1 164 ? -7.587  -9.572  1.515   1.00 18.53 ? 170 ARG B CZ  1 
ATOM   1404 N NH1 . ARG A 1 164 ? -8.894  -9.572  1.597   1.00 19.05 ? 170 ARG B NH1 1 
ATOM   1405 N NH2 . ARG A 1 164 ? -6.967  -10.109 0.485   1.00 17.16 ? 170 ARG B NH2 1 
ATOM   1406 N N   . PRO A 1 165 ? -2.211  -5.939  3.778   1.00 11.52 ? 171 PRO B N   1 
ATOM   1407 C CA  . PRO A 1 165 ? -1.357  -5.026  3.020   1.00 11.09 ? 171 PRO B CA  1 
ATOM   1408 C C   . PRO A 1 165 ? -2.191  -4.374  1.919   1.00 10.81 ? 171 PRO B C   1 
ATOM   1409 O O   . PRO A 1 165 ? -3.042  -4.991  1.282   1.00 11.94 ? 171 PRO B O   1 
ATOM   1410 C CB  . PRO A 1 165 ? -0.290  -5.931  2.420   1.00 11.64 ? 171 PRO B CB  1 
ATOM   1411 C CG  . PRO A 1 165 ? -0.266  -7.149  3.364   1.00 12.14 ? 171 PRO B CG  1 
ATOM   1412 C CD  . PRO A 1 165 ? -1.734  -7.330  3.703   1.00 13.08 ? 171 PRO B CD  1 
ATOM   1413 N N   . PHE A 1 166 ? -1.947  -3.072  1.676   1.00 10.36 ? 172 PHE B N   1 
ATOM   1414 C CA  . PHE A 1 166 ? -2.744  -2.228  0.758   1.00 10.73 ? 172 PHE B CA  1 
ATOM   1415 C C   . PHE A 1 166 ? -1.811  -1.569  -0.266  1.00 10.72 ? 172 PHE B C   1 
ATOM   1416 O O   . PHE A 1 166 ? -0.747  -1.049  0.089   1.00 10.59 ? 172 PHE B O   1 
ATOM   1417 C CB  . PHE A 1 166 ? -3.499  -1.170  1.554   1.00 11.26 ? 172 PHE B CB  1 
ATOM   1418 C CG  . PHE A 1 166 ? -4.208  -0.169  0.668   1.00 11.66 ? 172 PHE B CG  1 
ATOM   1419 C CD1 . PHE A 1 166 ? -5.420  -0.475  0.072   1.00 12.15 ? 172 PHE B CD1 1 
ATOM   1420 C CD2 . PHE A 1 166 ? -3.641  1.062   0.356   1.00 12.23 ? 172 PHE B CD2 1 
ATOM   1421 C CE1 . PHE A 1 166 ? -6.045  0.445   -0.764  1.00 12.50 ? 172 PHE B CE1 1 
ATOM   1422 C CE2 . PHE A 1 166 ? -4.264  1.959   -0.486  1.00 11.86 ? 172 PHE B CE2 1 
ATOM   1423 C CZ  . PHE A 1 166 ? -5.483  1.663   -1.033  1.00 12.30 ? 172 PHE B CZ  1 
ATOM   1424 N N   . PHE A 1 167 ? -2.258  -1.546  -1.539  1.00 10.83 ? 173 PHE B N   1 
ATOM   1425 C CA  . PHE A 1 167 ? -1.450  -1.020  -2.661  1.00 10.12 ? 173 PHE B CA  1 
ATOM   1426 C C   . PHE A 1 167 ? -2.360  -0.219  -3.581  1.00 10.64 ? 173 PHE B C   1 
ATOM   1427 O O   . PHE A 1 167 ? -3.461  -0.713  -3.930  1.00 11.77 ? 173 PHE B O   1 
ATOM   1428 C CB  . PHE A 1 167 ? -0.832  -2.155  -3.491  1.00 11.11 ? 173 PHE B CB  1 
ATOM   1429 C CG  . PHE A 1 167 ? -0.028  -3.132  -2.654  1.00 11.21 ? 173 PHE B CG  1 
ATOM   1430 C CD1 . PHE A 1 167 ? -0.652  -4.202  -2.012  1.00 11.29 ? 173 PHE B CD1 1 
ATOM   1431 C CD2 . PHE A 1 167 ? 1.345   -2.995  -2.447  1.00 12.58 ? 173 PHE B CD2 1 
ATOM   1432 C CE1 . PHE A 1 167 ? 0.041   -5.071  -1.163  1.00 11.04 ? 173 PHE B CE1 1 
ATOM   1433 C CE2 . PHE A 1 167 ? 2.041   -3.906  -1.666  1.00 12.75 ? 173 PHE B CE2 1 
ATOM   1434 C CZ  . PHE A 1 167 ? 1.390   -4.963  -1.040  1.00 12.78 ? 173 PHE B CZ  1 
ATOM   1435 N N   . ASN A 1 168 ? -1.856  0.873   -4.145  1.00 10.88 ? 174 ASN B N   1 
ATOM   1436 C CA  . ASN A 1 168 ? -2.496  1.596   -5.266  1.00 10.50 ? 174 ASN B CA  1 
ATOM   1437 C C   . ASN A 1 168 ? -1.364  1.951   -6.243  1.00 11.37 ? 174 ASN B C   1 
ATOM   1438 O O   . ASN A 1 168 ? -0.427  2.680   -5.874  1.00 12.51 ? 174 ASN B O   1 
ATOM   1439 C CB  . ASN A 1 168 ? -3.209  2.869   -4.792  1.00 11.76 ? 174 ASN B CB  1 
ATOM   1440 C CG  . ASN A 1 168 ? -3.980  3.552   -5.908  1.00 13.57 ? 174 ASN B CG  1 
ATOM   1441 O OD1 . ASN A 1 168 ? -3.951  3.135   -7.056  1.00 13.62 ? 174 ASN B OD1 1 
ATOM   1442 N ND2 . ASN A 1 168 ? -4.704  4.590   -5.541  1.00 15.15 ? 174 ASN B ND2 1 
ATOM   1443 N N   . VAL A 1 169 ? -1.420  1.394   -7.465  1.00 11.38 ? 175 VAL B N   1 
ATOM   1444 C CA  . VAL A 1 169 ? -0.379  1.679   -8.487  1.00 10.88 ? 175 VAL B CA  1 
ATOM   1445 C C   . VAL A 1 169 ? -0.577  3.072   -9.081  1.00 12.00 ? 175 VAL B C   1 
ATOM   1446 O O   . VAL A 1 169 ? 0.319   3.493   -9.846  1.00 12.36 ? 175 VAL B O   1 
ATOM   1447 C CB  . VAL A 1 169 ? -0.312  0.617   -9.614  1.00 12.31 ? 175 VAL B CB  1 
ATOM   1448 C CG1 . VAL A 1 169 ? 0.064   -0.721  -9.056  1.00 13.82 ? 175 VAL B CG1 1 
ATOM   1449 C CG2 . VAL A 1 169 ? -1.607  0.514   -10.403 1.00 12.91 ? 175 VAL B CG2 1 
ATOM   1450 N N   . GLY A 1 170 ? -1.748  3.684   -8.848  1.00 12.07 ? 176 GLY B N   1 
ATOM   1451 C CA  . GLY A 1 170 ? -2.060  5.004   -9.460  1.00 12.95 ? 176 GLY B CA  1 
ATOM   1452 C C   . GLY A 1 170 ? -2.483  4.907   -10.904 1.00 13.83 ? 176 GLY B C   1 
ATOM   1453 O O   . GLY A 1 170 ? -2.286  3.891   -11.578 1.00 12.35 ? 176 GLY B O   1 
ATOM   1454 N N   . PHE A 1 171 ? -3.177  5.946   -11.338 1.00 13.98 ? 177 PHE B N   1 
ATOM   1455 C CA  . PHE A 1 171 ? -3.549  6.125   -12.759 1.00 13.23 ? 177 PHE B CA  1 
ATOM   1456 C C   . PHE A 1 171 ? -2.320  6.446   -13.579 1.00 12.69 ? 177 PHE B C   1 
ATOM   1457 O O   . PHE A 1 171 ? -1.266  6.762   -13.047 1.00 12.45 ? 177 PHE B O   1 
ATOM   1458 C CB  . PHE A 1 171 ? -4.673  7.156   -12.930 1.00 14.23 ? 177 PHE B CB  1 
ATOM   1459 C CG  . PHE A 1 171 ? -5.999  6.749   -12.342 1.00 14.51 ? 177 PHE B CG  1 
ATOM   1460 C CD1 . PHE A 1 171 ? -6.828  5.878   -13.033 1.00 16.70 ? 177 PHE B CD1 1 
ATOM   1461 C CD2 . PHE A 1 171 ? -6.445  7.274   -11.142 1.00 15.56 ? 177 PHE B CD2 1 
ATOM   1462 C CE1 . PHE A 1 171 ? -8.045  5.480   -12.475 1.00 17.69 ? 177 PHE B CE1 1 
ATOM   1463 C CE2 . PHE A 1 171 ? -7.673  6.876   -10.616 1.00 17.26 ? 177 PHE B CE2 1 
ATOM   1464 C CZ  . PHE A 1 171 ? -8.479  6.049   -11.318 1.00 17.43 ? 177 PHE B CZ  1 
ATOM   1465 N N   . ASN A 1 172 ? -2.484  6.320   -14.877 1.00 13.08 ? 178 ASN B N   1 
ATOM   1466 C CA  . ASN A 1 172 ? -1.384  6.649   -15.817 1.00 11.53 ? 178 ASN B CA  1 
ATOM   1467 C C   . ASN A 1 172 ? -1.976  7.558   -16.909 1.00 12.73 ? 178 ASN B C   1 
ATOM   1468 O O   . ASN A 1 172 ? -1.744  7.307   -18.115 1.00 15.25 ? 178 ASN B O   1 
ATOM   1469 C CB  . ASN A 1 172 ? -0.741  5.399   -16.384 1.00 12.43 ? 178 ASN B CB  1 
ATOM   1470 C CG  . ASN A 1 172 ? 0.481   5.710   -17.218 1.00 13.46 ? 178 ASN B CG  1 
ATOM   1471 O OD1 . ASN A 1 172 ? 1.199   6.676   -17.010 1.00 13.84 ? 178 ASN B OD1 1 
ATOM   1472 N ND2 . ASN A 1 172 ? 0.756   4.801   -18.149 1.00 15.52 ? 178 ASN B ND2 1 
ATOM   1473 N N   . TYR A 1 173 ? -2.556  8.677   -16.520 1.00 13.42 ? 179 TYR B N   1 
ATOM   1474 C CA  . TYR A 1 173 ? -3.012  9.725   -17.474 1.00 12.53 ? 179 TYR B CA  1 
ATOM   1475 C C   . TYR A 1 173 ? -1.819  10.348  -18.168 1.00 13.76 ? 179 TYR B C   1 
ATOM   1476 O O   . TYR A 1 173 ? -1.943  10.835  -19.332 1.00 15.18 ? 179 TYR B O   1 
ATOM   1477 C CB  . TYR A 1 173 ? -3.820  10.803  -16.746 1.00 13.30 ? 179 TYR B CB  1 
ATOM   1478 C CG  . TYR A 1 173 ? -5.149  10.344  -16.195 1.00 15.75 ? 179 TYR B CG  1 
ATOM   1479 C CD1 . TYR A 1 173 ? -6.212  10.086  -17.050 1.00 19.30 ? 179 TYR B CD1 1 
ATOM   1480 C CD2 . TYR A 1 173 ? -5.353  10.181  -14.836 1.00 18.63 ? 179 TYR B CD2 1 
ATOM   1481 C CE1 . TYR A 1 173 ? -7.428  9.606   -16.585 1.00 21.15 ? 179 TYR B CE1 1 
ATOM   1482 C CE2 . TYR A 1 173 ? -6.576  9.696   -14.356 1.00 18.36 ? 179 TYR B CE2 1 
ATOM   1483 C CZ  . TYR A 1 173 ? -7.600  9.421   -15.231 1.00 20.74 ? 179 TYR B CZ  1 
ATOM   1484 O OH  . TYR A 1 173 ? -8.836  9.005   -14.766 1.00 25.43 ? 179 TYR B OH  1 
ATOM   1485 N N   . SER A 1 174 ? -0.689  10.480  -17.497 1.00 13.17 ? 180 SER B N   1 
ATOM   1486 C CA  . SER A 1 174 ? 0.505   11.237  -17.961 1.00 13.95 ? 180 SER B CA  1 
ATOM   1487 C C   . SER A 1 174 ? 1.346   10.404  -18.937 1.00 13.97 ? 180 SER B C   1 
ATOM   1488 O O   . SER A 1 174 ? 2.226   11.010  -19.622 1.00 15.85 ? 180 SER B O   1 
ATOM   1489 C CB  . SER A 1 174 ? 1.410   11.668  -16.838 1.00 14.43 ? 180 SER B CB  1 
ATOM   1490 O OG  . SER A 1 174 ? 1.937   10.496  -16.199 1.00 14.78 ? 180 SER B OG  1 
ATOM   1491 N N   . GLY A 1 175 ? 1.217   9.081   -18.948 1.00 13.64 ? 181 GLY B N   1 
ATOM   1492 C CA  . GLY A 1 175 ? 2.187   8.248   -19.679 1.00 13.46 ? 181 GLY B CA  1 
ATOM   1493 C C   . GLY A 1 175 ? 3.494   8.073   -18.939 1.00 14.32 ? 181 GLY B C   1 
ATOM   1494 O O   . GLY A 1 175 ? 4.366   7.406   -19.480 1.00 16.77 ? 181 GLY B O   1 
ATOM   1495 N N   . GLY A 1 176 ? 3.658   8.653   -17.743 1.00 13.78 ? 182 GLY B N   1 
ATOM   1496 C CA  . GLY A 1 176 ? 4.886   8.565   -16.940 1.00 13.63 ? 182 GLY B CA  1 
ATOM   1497 C C   . GLY A 1 176 ? 4.745   7.648   -15.716 1.00 14.14 ? 182 GLY B C   1 
ATOM   1498 O O   . GLY A 1 176 ? 5.755   7.575   -14.969 1.00 15.56 ? 182 GLY B O   1 
ATOM   1499 N N   . ASN A 1 177 ? 3.596   7.028   -15.508 1.00 12.30 ? 183 ASN B N   1 
ATOM   1500 C CA  . ASN A 1 177 ? 3.354   6.215   -14.308 1.00 11.72 ? 183 ASN B CA  1 
ATOM   1501 C C   . ASN A 1 177 ? 3.022   4.749   -14.616 1.00 12.45 ? 183 ASN B C   1 
ATOM   1502 O O   . ASN A 1 177 ? 2.383   4.099   -13.780 1.00 13.00 ? 183 ASN B O   1 
ATOM   1503 C CB  . ASN A 1 177 ? 2.248   6.811   -13.452 1.00 12.11 ? 183 ASN B CB  1 
ATOM   1504 C CG  . ASN A 1 177 ? 2.280   6.302   -12.024 1.00 11.99 ? 183 ASN B CG  1 
ATOM   1505 O OD1 . ASN A 1 177 ? 3.355   6.116   -11.475 1.00 12.64 ? 183 ASN B OD1 1 
ATOM   1506 N ND2 . ASN A 1 177 ? 1.102   6.140   -11.454 1.00 12.01 ? 183 ASN B ND2 1 
ATOM   1507 N N   . ALA A 1 178 ? 3.540   4.171   -15.682 1.00 12.89 ? 184 ALA B N   1 
ATOM   1508 C CA  . ALA A 1 178 ? 3.235   2.768   -16.039 1.00 13.91 ? 184 ALA B CA  1 
ATOM   1509 C C   . ALA A 1 178 ? 3.974   1.757   -15.175 1.00 13.44 ? 184 ALA B C   1 
ATOM   1510 O O   . ALA A 1 178 ? 3.554   0.576   -15.142 1.00 15.53 ? 184 ALA B O   1 
ATOM   1511 C CB  . ALA A 1 178 ? 3.598   2.505   -17.513 1.00 14.34 ? 184 ALA B CB  1 
ATOM   1512 N N   . ALA A 1 179 ? 5.060   2.158   -14.537 1.00 13.48 ? 185 ALA B N   1 
ATOM   1513 C CA  . ALA A 1 179 ? 5.930   1.176   -13.841 1.00 13.53 ? 185 ALA B CA  1 
ATOM   1514 C C   . ALA A 1 179 ? 5.175   0.449   -12.731 1.00 13.14 ? 185 ALA B C   1 
ATOM   1515 O O   . ALA A 1 179 ? 4.257   0.993   -12.101 1.00 13.01 ? 185 ALA B O   1 
ATOM   1516 C CB  . ALA A 1 179 ? 7.158   1.842   -13.252 1.00 13.17 ? 185 ALA B CB  1 
ATOM   1517 N N   . PRO A 1 180 ? 5.580   -0.803  -12.429 1.00 12.94 ? 186 PRO B N   1 
ATOM   1518 C CA  . PRO A 1 180 ? 4.907   -1.590  -11.400 1.00 12.91 ? 186 PRO B CA  1 
ATOM   1519 C C   . PRO A 1 180 ? 5.286   -1.188  -9.952  1.00 12.19 ? 186 PRO B C   1 
ATOM   1520 O O   . PRO A 1 180 ? 6.326   -0.560  -9.733  1.00 13.37 ? 186 PRO B O   1 
ATOM   1521 C CB  . PRO A 1 180 ? 5.428   -3.021  -11.692 1.00 14.52 ? 186 PRO B CB  1 
ATOM   1522 C CG  . PRO A 1 180 ? 6.790   -2.819  -12.257 1.00 15.76 ? 186 PRO B CG  1 
ATOM   1523 C CD  . PRO A 1 180 ? 6.654   -1.555  -13.115 1.00 15.75 ? 186 PRO B CD  1 
ATOM   1524 N N   . LEU A 1 181 ? 4.437   -1.612  -9.017  1.00 12.63 ? 187 LEU B N   1 
ATOM   1525 C CA  . LEU A 1 181 ? 4.849   -1.850  -7.614  1.00 12.54 ? 187 LEU B CA  1 
ATOM   1526 C C   . LEU A 1 181 ? 5.363   -3.291  -7.531  1.00 12.17 ? 187 LEU B C   1 
ATOM   1527 O O   . LEU A 1 181 ? 4.708   -4.211  -8.082  1.00 15.06 ? 187 LEU B O   1 
ATOM   1528 C CB  . LEU A 1 181 ? 3.661   -1.635  -6.697  1.00 12.10 ? 187 LEU B CB  1 
ATOM   1529 C CG  . LEU A 1 181 ? 3.117   -0.196  -6.603  1.00 13.37 ? 187 LEU B CG  1 
ATOM   1530 C CD1 . LEU A 1 181 ? 1.848   -0.150  -5.758  1.00 14.55 ? 187 LEU B CD1 1 
ATOM   1531 C CD2 . LEU A 1 181 ? 4.136   0.780   -6.017  1.00 15.88 ? 187 LEU B CD2 1 
ATOM   1532 N N   . LYS A 1 182 ? 6.496   -3.472  -6.845  1.00 13.46 ? 188 LYS B N   1 
ATOM   1533 C CA  . LYS A 1 182 ? 7.073   -4.838  -6.693  1.00 13.94 ? 188 LYS B CA  1 
ATOM   1534 C C   . LYS A 1 182 ? 7.332   -5.119  -5.229  1.00 14.23 ? 188 LYS B C   1 
ATOM   1535 O O   . LYS A 1 182 ? 8.039   -4.284  -4.558  1.00 15.04 ? 188 LYS B O   1 
ATOM   1536 C CB  . LYS A 1 182 ? 8.374   -4.977  -7.492  1.00 16.09 ? 188 LYS B CB  1 
ATOM   1537 C CG  . LYS A 1 182 ? 8.368   -4.557  -8.953  1.00 19.39 ? 188 LYS B CG  1 
ATOM   1538 C CD  . LYS A 1 182 ? 9.643   -4.993  -9.682  1.00 23.88 ? 188 LYS B CD  1 
ATOM   1539 C CE  . LYS A 1 182 ? 9.801   -4.389  -11.058 1.00 28.20 ? 188 LYS B CE  1 
ATOM   1540 N NZ  . LYS A 1 182 ? 11.118  -4.760  -11.629 1.00 33.95 ? 188 LYS B NZ  1 
ATOM   1541 N N   . LEU A 1 183 ? 6.918   -6.275  -4.755  1.00 14.67 ? 189 LEU B N   1 
ATOM   1542 C CA  . LEU A 1 183 ? 7.317   -6.727  -3.398  1.00 15.63 ? 189 LEU B CA  1 
ATOM   1543 C C   . LEU A 1 183 ? 8.755   -7.224  -3.465  1.00 16.61 ? 189 LEU B C   1 
ATOM   1544 O O   . LEU A 1 183 ? 9.005   -8.179  -4.236  1.00 20.57 ? 189 LEU B O   1 
ATOM   1545 C CB  . LEU A 1 183 ? 6.317   -7.765  -2.889  1.00 16.09 ? 189 LEU B CB  1 
ATOM   1546 C CG  . LEU A 1 183 ? 4.998   -7.140  -2.443  1.00 16.80 ? 189 LEU B CG  1 
ATOM   1547 C CD1 . LEU A 1 183 ? 3.773   -8.056  -2.522  1.00 20.94 ? 189 LEU B CD1 1 
ATOM   1548 C CD2 . LEU A 1 183 ? 5.151   -6.524  -1.044  1.00 15.80 ? 189 LEU B CD2 1 
ATOM   1549 N N   . CYS A 1 184 ? 9.624   -6.670  -2.632  1.00 18.40 ? 190 CYS B N   1 
ATOM   1550 C CA  . CYS A 1 184 ? 11.101  -6.921  -2.681  1.00 21.26 ? 190 CYS B CA  1 
ATOM   1551 C C   . CYS A 1 184 ? 11.399  -8.175  -1.890  1.00 23.17 ? 190 CYS B C   1 
ATOM   1552 O O   . CYS A 1 184 ? 10.791  -8.435  -0.866  1.00 23.37 ? 190 CYS B O   1 
ATOM   1553 C CB  . CYS A 1 184 ? 11.901  -5.866  -1.957  1.00 23.48 ? 190 CYS B CB  1 
ATOM   1554 S SG  . CYS A 1 184 ? 11.573  -4.187  -2.487  1.00 25.11 ? 190 CYS B SG  1 
ATOM   1555 N N   . PRO A 1 185 ? 12.414  -8.962  -2.307  1.00 28.57 ? 191 PRO B N   1 
ATOM   1556 C CA  . PRO A 1 185 ? 12.775  -10.174 -1.594  1.00 33.67 ? 191 PRO B CA  1 
ATOM   1557 C C   . PRO A 1 185 ? 13.366  -9.849  -0.221  1.00 33.31 ? 191 PRO B C   1 
ATOM   1558 O O   . PRO A 1 185 ? 13.999  -8.800  -0.060  1.00 35.17 ? 191 PRO B O   1 
ATOM   1559 C CB  . PRO A 1 185 ? 13.762  -10.861 -2.561  1.00 33.70 ? 191 PRO B CB  1 
ATOM   1560 C CG  . PRO A 1 185 ? 14.342  -9.734  -3.355  1.00 33.88 ? 191 PRO B CG  1 
ATOM   1561 C CD  . PRO A 1 185 ? 13.197  -8.761  -3.539  1.00 30.66 ? 191 PRO B CD  1 
ATOM   1562 N N   . LEU A 1 186 ? 13.097  -10.765 0.709   1.00 40.88 ? 192 LEU B N   1 
ATOM   1563 C CA  . LEU A 1 186 ? 13.672  -10.915 2.071   1.00 43.90 ? 192 LEU B CA  1 
ATOM   1564 C C   . LEU A 1 186 ? 15.175  -11.173 1.971   1.00 48.83 ? 192 LEU B C   1 
ATOM   1565 O O   . LEU A 1 186 ? 15.900  -10.672 2.835   1.00 57.91 ? 192 LEU B O   1 
ATOM   1566 C CB  . LEU A 1 186 ? 12.975  -12.106 2.734   1.00 42.57 ? 192 LEU B CB  1 
HETATM 1567 C C1  . EDO B 2 .   ? -5.396  6.237   -16.854 1.00 27.65 ? 201 EDO B C1  1 
HETATM 1568 O O1  . EDO B 2 .   ? -4.655  5.198   -16.248 1.00 21.38 ? 201 EDO B O1  1 
HETATM 1569 C C2  . EDO B 2 .   ? -6.849  6.024   -17.105 1.00 36.45 ? 201 EDO B C2  1 
HETATM 1570 O O2  . EDO B 2 .   ? -7.158  4.691   -17.460 1.00 44.51 ? 201 EDO B O2  1 
HETATM 1571 C C01 . JFP C 3 .   ? -3.746  7.005   13.646  0.49 25.47 ? 202 JFP B C01 1 
HETATM 1572 C C02 . JFP C 3 .   ? -4.739  7.112   14.754  0.49 26.34 ? 202 JFP B C02 1 
HETATM 1573 C C03 . JFP C 3 .   ? -6.087  6.517   14.399  0.49 26.42 ? 202 JFP B C03 1 
HETATM 1574 O O04 . JFP C 3 .   ? -6.229  5.329   14.112  0.49 23.95 ? 202 JFP B O04 1 
HETATM 1575 N N05 . JFP C 3 .   ? -7.140  7.389   14.450  0.49 27.29 ? 202 JFP B N05 1 
HETATM 1576 C C06 . JFP C 3 .   ? -8.448  7.086   14.102  0.49 27.39 ? 202 JFP B C06 1 
HETATM 1577 N N07 . JFP C 3 .   ? -9.353  8.014   13.937  0.49 28.53 ? 202 JFP B N07 1 
HETATM 1578 C C08 . JFP C 3 .   ? -10.620 7.438   13.952  0.49 28.73 ? 202 JFP B C08 1 
HETATM 1579 C C09 . JFP C 3 .   ? -10.618 6.118   13.724  0.49 26.20 ? 202 JFP B C09 1 
HETATM 1580 S S10 . JFP C 3 .   ? -9.024  5.474   13.847  0.49 23.60 ? 202 JFP B S10 1 
HETATM 1581 C C11 . JFP C 3 .   ? -11.815 8.290   14.243  0.49 30.16 ? 202 JFP B C11 1 
HETATM 1582 C C1  . EDO D 2 .   ? -21.542 7.575   -10.093 1.00 42.44 ? 203 EDO B C1  1 
HETATM 1583 O O1  . EDO D 2 .   ? -20.591 6.676   -9.564  1.00 36.58 ? 203 EDO B O1  1 
HETATM 1584 C C2  . EDO D 2 .   ? -21.019 8.941   -10.205 1.00 43.82 ? 203 EDO B C2  1 
HETATM 1585 O O2  . EDO D 2 .   ? -19.993 9.023   -11.152 1.00 50.74 ? 203 EDO B O2  1 
HETATM 1586 S S   . SO4 E 4 .   ? -14.964 10.148  2.525   1.00 42.14 ? 204 SO4 B S   1 
HETATM 1587 O O1  . SO4 E 4 .   ? -14.721 8.776   2.201   1.00 26.29 ? 204 SO4 B O1  1 
HETATM 1588 O O2  . SO4 E 4 .   ? -16.375 10.401  2.561   1.00 47.22 ? 204 SO4 B O2  1 
HETATM 1589 O O3  . SO4 E 4 .   ? -14.393 10.433  3.827   1.00 47.78 ? 204 SO4 B O3  1 
HETATM 1590 O O4  . SO4 E 4 .   ? -14.345 11.020  1.553   1.00 44.73 ? 204 SO4 B O4  1 
HETATM 1591 O O   . HOH F 5 .   ? -10.793 3.071   14.123  1.00 27.25 ? 301 HOH B O   1 
HETATM 1592 O O   . HOH F 5 .   ? -11.479 -9.307  -0.218  1.00 24.56 ? 302 HOH B O   1 
HETATM 1593 O O   . HOH F 5 .   ? -9.811  -4.719  -22.787 1.00 21.07 ? 303 HOH B O   1 
HETATM 1594 O O   . HOH F 5 .   ? -8.815  -9.779  14.121  1.00 18.98 ? 304 HOH B O   1 
HETATM 1595 O O   . HOH F 5 .   ? 8.119   8.374   -15.135 1.00 36.81 ? 305 HOH B O   1 
HETATM 1596 O O   . HOH F 5 .   ? -18.673 6.378   -7.972  1.00 26.94 ? 306 HOH B O   1 
HETATM 1597 O O   . HOH F 5 .   ? -1.020  0.052   -24.897 1.00 38.56 ? 307 HOH B O   1 
HETATM 1598 O O   . HOH F 5 .   ? 16.828  2.179   -3.030  1.00 28.21 ? 308 HOH B O   1 
HETATM 1599 O O   . HOH F 5 .   ? -3.882  -9.031  18.796  1.00 16.85 ? 309 HOH B O   1 
HETATM 1600 O O   . HOH F 5 .   ? 7.975   11.534  -14.705 1.00 30.20 ? 310 HOH B O   1 
HETATM 1601 O O   . HOH F 5 .   ? -3.878  -10.252 -12.650 1.00 21.16 ? 311 HOH B O   1 
HETATM 1602 O O   . HOH F 5 .   ? 16.173  -2.982  4.190   1.00 32.25 ? 312 HOH B O   1 
HETATM 1603 O O   . HOH F 5 .   ? 1.786   -0.488  -16.821 1.00 20.90 ? 313 HOH B O   1 
HETATM 1604 O O   . HOH F 5 .   ? 8.877   2.287   -17.500 1.00 26.55 ? 314 HOH B O   1 
HETATM 1605 O O   . HOH F 5 .   ? 4.258   12.558  -19.142 1.00 20.55 ? 315 HOH B O   1 
HETATM 1606 O O   . HOH F 5 .   ? -0.413  -16.269 -10.160 1.00 33.46 ? 316 HOH B O   1 
HETATM 1607 O O   . HOH F 5 .   ? 0.606   15.407  -2.904  1.00 34.55 ? 317 HOH B O   1 
HETATM 1608 O O   . HOH F 5 .   ? -12.843 2.203   1.223   1.00 39.70 ? 318 HOH B O   1 
HETATM 1609 O O   . HOH F 5 .   ? -6.802  11.529  4.019   1.00 27.00 ? 319 HOH B O   1 
HETATM 1610 O O   . HOH F 5 .   ? 1.237   8.323   20.313  1.00 29.70 ? 320 HOH B O   1 
HETATM 1611 O O   . HOH F 5 .   ? 3.937   17.084  0.609   1.00 43.93 ? 321 HOH B O   1 
HETATM 1612 O O   . HOH F 5 .   ? 1.509   -12.393 17.625  1.00 47.78 ? 322 HOH B O   1 
HETATM 1613 O O   . HOH F 5 .   ? -15.340 4.215   3.586   1.00 32.19 ? 323 HOH B O   1 
HETATM 1614 O O   . HOH F 5 .   ? 6.649   -1.287  17.999  1.00 29.17 ? 324 HOH B O   1 
HETATM 1615 O O   . HOH F 5 .   ? 9.085   0.179   -15.629 1.00 43.23 ? 325 HOH B O   1 
HETATM 1616 O O   . HOH F 5 .   ? -6.559  7.144   17.814  1.00 34.84 ? 326 HOH B O   1 
HETATM 1617 O O   . HOH F 5 .   ? -5.793  3.222   -21.619 1.00 34.78 ? 327 HOH B O   1 
HETATM 1618 O O   . HOH F 5 .   ? -3.236  19.376  5.776   1.00 38.79 ? 328 HOH B O   1 
HETATM 1619 O O   . HOH F 5 .   ? -4.188  10.340  -20.680 1.00 27.79 ? 329 HOH B O   1 
HETATM 1620 O O   . HOH F 5 .   ? -13.052 -5.466  9.986   1.00 30.02 ? 330 HOH B O   1 
HETATM 1621 O O   . HOH F 5 .   ? 15.675  1.717   -8.395  1.00 37.60 ? 331 HOH B O   1 
HETATM 1622 O O   . HOH F 5 .   ? 9.199   7.666   -4.508  1.00 16.17 ? 332 HOH B O   1 
HETATM 1623 O O   . HOH F 5 .   ? 8.912   0.234   -10.631 1.00 30.12 ? 333 HOH B O   1 
HETATM 1624 O O   . HOH F 5 .   ? 8.458   5.902   15.125  1.00 19.20 ? 334 HOH B O   1 
HETATM 1625 O O   . HOH F 5 .   ? -5.283  -12.687 16.656  1.00 33.31 ? 335 HOH B O   1 
HETATM 1626 O O   . HOH F 5 .   ? -0.551  19.059  -5.647  1.00 25.27 ? 336 HOH B O   1 
HETATM 1627 O O   . HOH F 5 .   ? 7.782   2.058   14.570  1.00 26.18 ? 337 HOH B O   1 
HETATM 1628 O O   . HOH F 5 .   ? -11.565 -14.487 -18.411 1.00 29.03 ? 338 HOH B O   1 
HETATM 1629 O O   . HOH F 5 .   ? 7.255   -9.562  1.330   1.00 19.61 ? 339 HOH B O   1 
HETATM 1630 O O   . HOH F 5 .   ? -4.362  6.509   5.582   1.00 13.53 ? 340 HOH B O   1 
HETATM 1631 O O   . HOH F 5 .   ? 7.682   -11.372 14.226  1.00 34.93 ? 341 HOH B O   1 
HETATM 1632 O O   . HOH F 5 .   ? 5.028   12.793  -8.744  1.00 16.97 ? 342 HOH B O   1 
HETATM 1633 O O   . HOH F 5 .   ? -15.325 -3.555  -9.940  1.00 29.47 ? 343 HOH B O   1 
HETATM 1634 O O   . HOH F 5 .   ? 8.796   -7.326  0.614   1.00 17.57 ? 344 HOH B O   1 
HETATM 1635 O O   . HOH F 5 .   ? 0.386   3.488   19.745  1.00 20.13 ? 345 HOH B O   1 
HETATM 1636 O O   . HOH F 5 .   ? -15.607 -4.589  2.187   1.00 35.91 ? 346 HOH B O   1 
HETATM 1637 O O   . HOH F 5 .   ? -11.895 7.233   -9.971  1.00 35.15 ? 347 HOH B O   1 
HETATM 1638 O O   . HOH F 5 .   ? -0.112  3.167   -13.198 1.00 15.78 ? 348 HOH B O   1 
HETATM 1639 O O   . HOH F 5 .   ? -4.072  -15.096 -3.176  1.00 39.19 ? 349 HOH B O   1 
HETATM 1640 O O   . HOH F 5 .   ? -12.004 10.502  6.039   1.00 36.26 ? 350 HOH B O   1 
HETATM 1641 O O   . HOH F 5 .   ? -0.644  2.257   -18.186 1.00 31.84 ? 351 HOH B O   1 
HETATM 1642 O O   . HOH F 5 .   ? 9.067   -10.765 -8.617  1.00 26.17 ? 352 HOH B O   1 
HETATM 1643 O O   . HOH F 5 .   ? 18.534  0.736   3.743   1.00 34.95 ? 353 HOH B O   1 
HETATM 1644 O O   . HOH F 5 .   ? 3.115   -6.908  18.842  1.00 29.81 ? 354 HOH B O   1 
HETATM 1645 O O   . HOH F 5 .   ? -1.133  9.914   12.619  1.00 18.83 ? 355 HOH B O   1 
HETATM 1646 O O   . HOH F 5 .   ? 14.042  13.840  4.893   1.00 34.43 ? 356 HOH B O   1 
HETATM 1647 O O   . HOH F 5 .   ? 16.929  0.784   -6.168  1.00 37.58 ? 357 HOH B O   1 
HETATM 1648 O O   . HOH F 5 .   ? -14.645 -1.285  8.283   1.00 24.34 ? 358 HOH B O   1 
HETATM 1649 O O   . HOH F 5 .   ? 8.507   19.680  -10.220 1.00 45.71 ? 359 HOH B O   1 
HETATM 1650 O O   . HOH F 5 .   ? -13.933 1.898   4.394   1.00 19.34 ? 360 HOH B O   1 
HETATM 1651 O O   . HOH F 5 .   ? -8.635  -12.410 12.944  1.00 27.20 ? 361 HOH B O   1 
HETATM 1652 O O   . HOH F 5 .   ? 2.200   18.607  -4.795  1.00 29.47 ? 362 HOH B O   1 
HETATM 1653 O O   . HOH F 5 .   ? 8.635   12.684  6.618   1.00 17.29 ? 363 HOH B O   1 
HETATM 1654 O O   . HOH F 5 .   ? -13.984 7.846   -8.491  1.00 34.81 ? 364 HOH B O   1 
HETATM 1655 O O   . HOH F 5 .   ? -7.220  -7.384  -12.530 1.00 21.31 ? 365 HOH B O   1 
HETATM 1656 O O   . HOH F 5 .   ? -8.410  -4.830  17.017  1.00 19.86 ? 366 HOH B O   1 
HETATM 1657 O O   . HOH F 5 .   ? 13.899  10.505  9.411   1.00 19.27 ? 367 HOH B O   1 
HETATM 1658 O O   . HOH F 5 .   ? -7.098  -13.986 14.698  1.00 27.83 ? 368 HOH B O   1 
HETATM 1659 O O   . HOH F 5 .   ? 4.645   -3.909  21.144  1.00 30.27 ? 369 HOH B O   1 
HETATM 1660 O O   . HOH F 5 .   ? -5.416  7.926   -3.466  1.00 35.84 ? 370 HOH B O   1 
HETATM 1661 O O   . HOH F 5 .   ? -13.611 2.013   -5.419  1.00 15.89 ? 371 HOH B O   1 
HETATM 1662 O O   . HOH F 5 .   ? 7.711   14.624  8.369   1.00 18.37 ? 372 HOH B O   1 
HETATM 1663 O O   . HOH F 5 .   ? 2.663   13.144  -12.754 1.00 21.59 ? 373 HOH B O   1 
HETATM 1664 O O   . HOH F 5 .   ? -4.051  3.069   -17.979 1.00 30.15 ? 374 HOH B O   1 
HETATM 1665 O O   . HOH F 5 .   ? 5.466   -15.737 -4.561  1.00 31.44 ? 375 HOH B O   1 
HETATM 1666 O O   . HOH F 5 .   ? -15.309 -7.111  -14.905 1.00 22.22 ? 376 HOH B O   1 
HETATM 1667 O O   . HOH F 5 .   ? -14.717 -5.963  -12.540 1.00 29.55 ? 377 HOH B O   1 
HETATM 1668 O O   . HOH F 5 .   ? 1.521   -10.634 19.414  1.00 40.44 ? 378 HOH B O   1 
HETATM 1669 O O   . HOH F 5 .   ? 1.286   0.745   -12.912 1.00 14.68 ? 379 HOH B O   1 
HETATM 1670 O O   . HOH F 5 .   ? 8.810   10.043  -10.076 1.00 45.44 ? 380 HOH B O   1 
HETATM 1671 O O   . HOH F 5 .   ? 9.215   -8.746  -7.005  1.00 29.71 ? 381 HOH B O   1 
HETATM 1672 O O   . HOH F 5 .   ? -14.019 -12.496 -10.176 1.00 24.73 ? 382 HOH B O   1 
HETATM 1673 O O   . HOH F 5 .   ? 13.418  9.717   4.360   1.00 19.48 ? 383 HOH B O   1 
HETATM 1674 O O   . HOH F 5 .   ? 8.049   6.653   -6.831  1.00 14.84 ? 384 HOH B O   1 
HETATM 1675 O O   . HOH F 5 .   ? 6.459   4.869   -14.388 1.00 17.43 ? 385 HOH B O   1 
HETATM 1676 O O   . HOH F 5 .   ? 20.884  3.303   2.105   1.00 41.89 ? 386 HOH B O   1 
HETATM 1677 O O   . HOH F 5 .   ? -17.402 -1.799  4.152   1.00 43.16 ? 387 HOH B O   1 
HETATM 1678 O O   . HOH F 5 .   ? -9.030  -12.180 -10.849 1.00 28.26 ? 388 HOH B O   1 
HETATM 1679 O O   . HOH F 5 .   ? 6.950   15.727  0.267   1.00 23.22 ? 389 HOH B O   1 
HETATM 1680 O O   . HOH F 5 .   ? 21.173  8.452   1.364   1.00 42.99 ? 390 HOH B O   1 
HETATM 1681 O O   . HOH F 5 .   ? -19.250 7.011   -4.685  1.00 36.26 ? 391 HOH B O   1 
HETATM 1682 O O   . HOH F 5 .   ? -3.754  2.234   19.766  1.00 27.05 ? 392 HOH B O   1 
HETATM 1683 O O   . HOH F 5 .   ? 1.252   13.007  -10.022 1.00 20.69 ? 393 HOH B O   1 
HETATM 1684 O O   . HOH F 5 .   ? -3.246  -13.931 15.421  1.00 40.00 ? 394 HOH B O   1 
HETATM 1685 O O   . HOH F 5 .   ? -13.227 -9.611  10.045  1.00 23.61 ? 395 HOH B O   1 
HETATM 1686 O O   . HOH F 5 .   ? 1.669   -2.404  1.487   1.00 14.19 ? 396 HOH B O   1 
HETATM 1687 O O   . HOH F 5 .   ? -13.617 -1.004  -16.799 1.00 22.09 ? 397 HOH B O   1 
HETATM 1688 O O   . HOH F 5 .   ? 3.873   -13.037 -14.986 1.00 31.52 ? 398 HOH B O   1 
HETATM 1689 O O   . HOH F 5 .   ? -12.476 -13.885 -14.194 1.00 34.69 ? 399 HOH B O   1 
HETATM 1690 O O   . HOH F 5 .   ? 5.434   5.309   -17.744 1.00 16.82 ? 400 HOH B O   1 
HETATM 1691 O O   . HOH F 5 .   ? -6.840  -12.418 10.767  1.00 27.11 ? 401 HOH B O   1 
HETATM 1692 O O   . HOH F 5 .   ? 5.476   -10.968 15.895  1.00 29.80 ? 402 HOH B O   1 
HETATM 1693 O O   . HOH F 5 .   ? -2.077  -12.581 12.770  1.00 33.13 ? 403 HOH B O   1 
HETATM 1694 O O   . HOH F 5 .   ? -18.391 10.288  -13.262 1.00 44.12 ? 404 HOH B O   1 
HETATM 1695 O O   . HOH F 5 .   ? 2.705   -7.312  -13.313 1.00 26.17 ? 405 HOH B O   1 
HETATM 1696 O O   . HOH F 5 .   ? 11.515  11.174  5.821   1.00 18.20 ? 406 HOH B O   1 
HETATM 1697 O O   . HOH F 5 .   ? -5.254  -7.865  -21.663 1.00 28.65 ? 407 HOH B O   1 
HETATM 1698 O O   . HOH F 5 .   ? 6.062   -14.947 5.795   1.00 32.01 ? 408 HOH B O   1 
HETATM 1699 O O   . HOH F 5 .   ? 15.172  8.328   10.993  1.00 22.99 ? 409 HOH B O   1 
HETATM 1700 O O   . HOH F 5 .   ? -3.193  -14.778 6.329   1.00 27.24 ? 410 HOH B O   1 
HETATM 1701 O O   . HOH F 5 .   ? 15.248  11.341  2.926   1.00 25.25 ? 411 HOH B O   1 
HETATM 1702 O O   . HOH F 5 .   ? 8.387   5.820   -17.817 1.00 35.40 ? 412 HOH B O   1 
HETATM 1703 O O   . HOH F 5 .   ? -6.044  6.748   -7.136  1.00 32.51 ? 413 HOH B O   1 
HETATM 1704 O O   . HOH F 5 .   ? 18.387  5.682   9.426   1.00 48.40 ? 414 HOH B O   1 
HETATM 1705 O O   . HOH F 5 .   ? -18.974 -9.595  -14.337 1.00 23.13 ? 415 HOH B O   1 
HETATM 1706 O O   . HOH F 5 .   ? 4.964   -6.106  -13.359 1.00 26.15 ? 416 HOH B O   1 
HETATM 1707 O O   . HOH F 5 .   ? -12.665 -3.234  -10.841 1.00 23.13 ? 417 HOH B O   1 
HETATM 1708 O O   . HOH F 5 .   ? -2.742  -3.865  -21.066 1.00 30.91 ? 418 HOH B O   1 
HETATM 1709 O O   . HOH F 5 .   ? 2.217   4.811   -20.823 1.00 21.37 ? 419 HOH B O   1 
HETATM 1710 O O   . HOH F 5 .   ? 15.063  4.879   11.199  1.00 33.62 ? 420 HOH B O   1 
HETATM 1711 O O   . HOH F 5 .   ? 9.503   12.284  -6.263  1.00 31.75 ? 421 HOH B O   1 
HETATM 1712 O O   . HOH F 5 .   ? -2.941  8.619   -9.767  1.00 14.97 ? 422 HOH B O   1 
HETATM 1713 O O   . HOH F 5 .   ? -20.892 -8.152  -10.135 1.00 38.02 ? 423 HOH B O   1 
HETATM 1714 O O   . HOH F 5 .   ? 6.311   -13.883 -12.018 1.00 31.06 ? 424 HOH B O   1 
HETATM 1715 O O   . HOH F 5 .   ? 10.314  -11.269 -4.850  1.00 39.93 ? 425 HOH B O   1 
HETATM 1716 O O   . HOH F 5 .   ? 9.798   14.445  -5.016  1.00 43.82 ? 426 HOH B O   1 
HETATM 1717 O O   . HOH F 5 .   ? 16.664  -0.243  5.456   1.00 31.12 ? 427 HOH B O   1 
HETATM 1718 O O   . HOH F 5 .   ? -15.474 0.384   6.377   1.00 34.77 ? 428 HOH B O   1 
HETATM 1719 O O   . HOH F 5 .   ? -11.726 -1.056  -21.218 0.50 25.70 ? 429 HOH B O   1 
HETATM 1720 O O   . HOH F 5 .   ? -17.961 -9.946  2.595   1.00 35.19 ? 430 HOH B O   1 
HETATM 1721 O O   . HOH F 5 .   ? 7.732   12.550  -8.282  1.00 33.68 ? 431 HOH B O   1 
HETATM 1722 O O   . HOH F 5 .   ? -0.010  -11.095 21.723  1.00 30.85 ? 432 HOH B O   1 
HETATM 1723 O O   . HOH F 5 .   ? 5.711   -18.190 -9.795  1.00 32.58 ? 433 HOH B O   1 
HETATM 1724 O O   . HOH F 5 .   ? 2.200   0.132   -19.875 1.00 32.53 ? 434 HOH B O   1 
HETATM 1725 O O   . HOH F 5 .   ? 11.621  -7.669  -7.457  1.00 41.36 ? 435 HOH B O   1 
HETATM 1726 O O   . HOH F 5 .   ? 7.358   3.785   16.844  1.00 30.27 ? 436 HOH B O   1 
HETATM 1727 O O   . HOH F 5 .   ? -12.427 -15.623 -16.222 1.00 40.63 ? 437 HOH B O   1 
HETATM 1728 O O   . HOH F 5 .   ? -3.417  11.433  12.988  1.00 24.24 ? 438 HOH B O   1 
HETATM 1729 O O   . HOH F 5 .   ? 3.285   4.159   20.278  1.00 38.52 ? 439 HOH B O   1 
HETATM 1730 O O   . HOH F 5 .   ? -7.671  8.727   -7.378  1.00 32.24 ? 440 HOH B O   1 
# 
